data_3ZDH
#
_entry.id   3ZDH
#
_cell.length_a   137.334
_cell.length_b   143.822
_cell.length_c   115.120
_cell.angle_alpha   90.00
_cell.angle_beta   90.00
_cell.angle_gamma   90.00
#
_symmetry.space_group_name_H-M   'P 21 21 2'
#
loop_
_entity.id
_entity.type
_entity.pdbx_description
1 polymer 'ACETYLCHOLINE BINDING PROTEIN'
2 non-polymer (2R)-N,N-dimethyl-4-(1-methylimidazol-2-yl)oxy-butan-2-amine
3 non-polymer 'SULFATE ION'
4 non-polymer 2-acetamido-2-deoxy-beta-D-glucopyranose
5 water water
#
_entity_poly.entity_id   1
_entity_poly.type   'polypeptide(L)'
_entity_poly.pdbx_seq_one_letter_code
;LDRADILYNIRQTSRPDVIPTQRDRPVAVSVSLKFINILEVNEITNEVDVVFWQQTTWSDRTLAWNSSHSPDQVSVPISS
LWVPDLAAYNAISKPEVLTPQLARVVSDGEVLYMPSIRQRFSCDVSGVDTESGATCRIKIGSWTHHSREISVDPTTENSD
DSEYFSQYSRFEILDVTQKKNSVTYSCCPEAYEDVEVSLNFRKKGRSEIL
;
_entity_poly.pdbx_strand_id   A,B,C,D,E,F,G,H,I,J
#
loop_
_chem_comp.id
_chem_comp.type
_chem_comp.name
_chem_comp.formula
NAG D-saccharide, beta linking 2-acetamido-2-deoxy-beta-D-glucopyranose 'C8 H15 N O6'
SO4 non-polymer 'SULFATE ION' 'O4 S -2'
XRS non-polymer (2R)-N,N-dimethyl-4-(1-methylimidazol-2-yl)oxy-butan-2-amine 'C10 H19 N3 O'
#
# COMPACT_ATOMS: atom_id res chain seq x y z
N LEU A 1 21.79 17.70 2.15
CA LEU A 1 21.16 16.63 2.91
C LEU A 1 21.10 16.96 4.39
N ASP A 2 19.93 16.81 4.98
CA ASP A 2 19.83 16.86 6.42
C ASP A 2 19.46 15.47 6.93
N ARG A 3 19.31 15.35 8.25
CA ARG A 3 19.04 14.06 8.88
C ARG A 3 17.77 13.41 8.34
N ALA A 4 16.72 14.20 8.14
CA ALA A 4 15.46 13.70 7.61
C ALA A 4 15.63 13.07 6.23
N ASP A 5 16.39 13.71 5.35
CA ASP A 5 16.67 13.16 4.02
C ASP A 5 17.45 11.84 4.08
N ILE A 6 18.54 11.87 4.85
CA ILE A 6 19.38 10.68 5.02
C ILE A 6 18.57 9.49 5.55
N LEU A 7 17.76 9.72 6.59
CA LEU A 7 16.99 8.64 7.18
C LEU A 7 15.87 8.16 6.23
N TYR A 8 15.23 9.11 5.55
CA TYR A 8 14.27 8.78 4.48
C TYR A 8 14.92 7.89 3.42
N ASN A 9 16.08 8.31 2.92
CA ASN A 9 16.79 7.53 1.92
C ASN A 9 17.17 6.12 2.40
N ILE A 10 17.66 6.03 3.65
CA ILE A 10 18.02 4.72 4.21
C ILE A 10 16.79 3.82 4.32
N ARG A 11 15.72 4.36 4.87
CA ARG A 11 14.48 3.60 4.99
C ARG A 11 13.96 3.08 3.63
N GLN A 12 14.05 3.90 2.58
CA GLN A 12 13.61 3.49 1.24
C GLN A 12 14.51 2.48 0.50
N THR A 13 15.80 2.45 0.83
CA THR A 13 16.73 1.69 -0.02
C THR A 13 17.70 0.70 0.66
N SER A 14 17.69 0.58 1.98
CA SER A 14 18.81 -0.13 2.65
C SER A 14 18.89 -1.65 2.40
N ARG A 15 17.74 -2.30 2.20
CA ARG A 15 17.66 -3.75 1.96
C ARG A 15 18.17 -4.58 3.15
N PRO A 16 17.40 -4.62 4.23
CA PRO A 16 17.85 -5.30 5.45
C PRO A 16 18.02 -6.82 5.29
N ASP A 17 17.45 -7.35 4.23
CA ASP A 17 17.55 -8.79 3.96
C ASP A 17 18.81 -9.15 3.16
N VAL A 18 19.56 -8.16 2.71
CA VAL A 18 20.66 -8.40 1.79
C VAL A 18 22.02 -8.16 2.42
N ILE A 19 22.81 -9.22 2.58
CA ILE A 19 24.17 -9.09 3.11
C ILE A 19 25.02 -8.22 2.17
N PRO A 20 25.66 -7.18 2.70
CA PRO A 20 26.37 -6.25 1.80
C PRO A 20 27.78 -6.70 1.46
N THR A 21 27.92 -7.87 0.84
CA THR A 21 29.24 -8.34 0.41
C THR A 21 29.74 -7.44 -0.72
N GLN A 22 31.04 -7.18 -0.73
CA GLN A 22 31.67 -6.38 -1.79
C GLN A 22 32.59 -7.25 -2.63
N ARG A 23 32.21 -7.49 -3.88
CA ARG A 23 33.07 -8.16 -4.85
C ARG A 23 33.44 -9.57 -4.38
N ASP A 24 32.44 -10.31 -3.91
CA ASP A 24 32.61 -11.67 -3.41
C ASP A 24 33.63 -11.82 -2.27
N ARG A 25 33.89 -10.71 -1.57
CA ARG A 25 34.68 -10.74 -0.34
C ARG A 25 33.72 -10.72 0.85
N PRO A 26 34.10 -11.40 1.94
CA PRO A 26 33.21 -11.48 3.10
C PRO A 26 32.99 -10.11 3.75
N VAL A 27 31.82 -9.93 4.36
CA VAL A 27 31.63 -8.78 5.26
C VAL A 27 32.43 -9.01 6.54
N ALA A 28 33.38 -8.13 6.82
CA ALA A 28 34.21 -8.25 8.01
C ALA A 28 33.50 -7.67 9.21
N VAL A 29 33.06 -8.55 10.11
CA VAL A 29 32.37 -8.15 11.32
C VAL A 29 33.33 -8.21 12.50
N SER A 30 33.38 -7.14 13.29
CA SER A 30 34.17 -7.13 14.52
C SER A 30 33.22 -7.19 15.71
N VAL A 31 33.55 -8.05 16.67
CA VAL A 31 32.73 -8.26 17.85
C VAL A 31 33.59 -8.21 19.11
N SER A 32 33.11 -7.49 20.10
CA SER A 32 33.84 -7.31 21.34
C SER A 32 32.80 -7.21 22.45
N LEU A 33 32.92 -8.05 23.47
CA LEU A 33 31.97 -8.00 24.59
C LEU A 33 32.53 -7.22 25.75
N LYS A 34 31.81 -6.20 26.20
CA LYS A 34 32.20 -5.45 27.39
C LYS A 34 31.31 -5.93 28.52
N PHE A 35 31.87 -6.71 29.44
CA PHE A 35 31.09 -7.27 30.52
C PHE A 35 30.73 -6.24 31.57
N ILE A 36 29.46 -6.26 31.97
CA ILE A 36 28.90 -5.23 32.84
C ILE A 36 28.53 -5.85 34.17
N ASN A 37 28.00 -7.07 34.11
CA ASN A 37 27.61 -7.76 35.33
C ASN A 37 27.53 -9.27 35.18
N ILE A 38 27.76 -9.95 36.29
CA ILE A 38 27.57 -11.39 36.38
C ILE A 38 26.56 -11.57 37.51
N LEU A 39 25.42 -12.14 37.20
CA LEU A 39 24.25 -12.02 38.07
C LEU A 39 23.87 -13.28 38.80
N GLU A 40 24.18 -14.41 38.18
CA GLU A 40 23.92 -15.71 38.76
C GLU A 40 24.93 -16.70 38.18
N VAL A 41 25.56 -17.43 39.08
CA VAL A 41 26.53 -18.43 38.73
C VAL A 41 26.11 -19.71 39.44
N ASN A 42 25.48 -20.62 38.70
CA ASN A 42 24.97 -21.83 39.26
C ASN A 42 26.03 -22.94 39.21
N GLU A 43 26.57 -23.25 40.40
CA GLU A 43 27.65 -24.21 40.53
C GLU A 43 27.13 -25.65 40.47
N ILE A 44 25.82 -25.81 40.61
CA ILE A 44 25.22 -27.13 40.38
C ILE A 44 25.19 -27.41 38.89
N THR A 45 24.59 -26.50 38.12
CA THR A 45 24.26 -26.79 36.73
C THR A 45 25.24 -26.26 35.67
N ASN A 46 26.32 -25.58 36.08
CA ASN A 46 27.25 -24.96 35.13
C ASN A 46 26.61 -23.95 34.17
N GLU A 47 25.86 -23.01 34.75
CA GLU A 47 25.13 -22.03 34.00
C GLU A 47 25.38 -20.68 34.63
N VAL A 48 25.64 -19.70 33.79
CA VAL A 48 25.93 -18.36 34.24
C VAL A 48 24.97 -17.38 33.57
N ASP A 49 24.63 -16.32 34.29
CA ASP A 49 23.70 -15.31 33.81
C ASP A 49 24.53 -14.02 33.75
N VAL A 50 24.67 -13.44 32.55
CA VAL A 50 25.63 -12.37 32.30
C VAL A 50 24.99 -11.15 31.60
N VAL A 51 25.43 -9.94 31.95
CA VAL A 51 25.08 -8.75 31.19
C VAL A 51 26.35 -8.18 30.56
N PHE A 52 26.27 -7.91 29.24
CA PHE A 52 27.39 -7.36 28.50
C PHE A 52 26.92 -6.43 27.37
N TRP A 53 27.75 -5.44 27.02
CA TRP A 53 27.54 -4.64 25.83
C TRP A 53 28.19 -5.36 24.65
N GLN A 54 27.41 -5.71 23.65
CA GLN A 54 27.98 -6.39 22.50
C GLN A 54 28.34 -5.41 21.39
N GLN A 55 29.57 -4.91 21.43
CA GLN A 55 30.04 -3.94 20.44
C GLN A 55 30.25 -4.65 19.11
N THR A 56 29.45 -4.27 18.11
CA THR A 56 29.48 -4.94 16.82
C THR A 56 29.63 -3.90 15.71
N THR A 57 30.64 -4.07 14.87
CA THR A 57 30.88 -3.13 13.77
C THR A 57 31.04 -3.87 12.45
N TRP A 58 30.60 -3.24 11.38
CA TRP A 58 30.81 -3.73 10.03
C TRP A 58 30.57 -2.58 9.06
N SER A 59 30.88 -2.81 7.80
CA SER A 59 30.68 -1.81 6.74
C SER A 59 29.54 -2.22 5.79
N ASP A 60 28.68 -1.26 5.45
CA ASP A 60 27.64 -1.48 4.45
C ASP A 60 27.61 -0.25 3.52
N ARG A 61 28.30 -0.34 2.39
CA ARG A 61 28.43 0.79 1.46
C ARG A 61 27.10 1.27 0.89
N THR A 62 26.10 0.40 0.84
CA THR A 62 24.81 0.81 0.31
C THR A 62 24.13 1.88 1.17
N LEU A 63 24.67 2.12 2.37
CA LEU A 63 24.13 3.11 3.29
C LEU A 63 24.81 4.47 3.12
N ALA A 64 25.95 4.48 2.43
CA ALA A 64 26.81 5.68 2.37
C ALA A 64 26.13 6.88 1.74
N TRP A 65 26.56 8.07 2.15
CA TRP A 65 26.08 9.29 1.52
C TRP A 65 27.20 10.32 1.50
N ASN A 66 27.06 11.31 0.62
CA ASN A 66 28.00 12.42 0.51
C ASN A 66 27.81 13.33 1.72
N SER A 67 28.81 13.41 2.59
CA SER A 67 28.65 14.15 3.82
C SER A 67 29.07 15.62 3.71
N SER A 68 29.21 16.10 2.48
CA SER A 68 29.49 17.51 2.23
C SER A 68 28.28 18.35 2.65
N HIS A 69 28.50 19.26 3.61
CA HIS A 69 27.42 20.10 4.15
C HIS A 69 26.27 19.27 4.69
N SER A 70 26.59 18.13 5.30
CA SER A 70 25.59 17.19 5.79
C SER A 70 26.04 16.56 7.09
N PRO A 71 25.08 16.05 7.89
CA PRO A 71 25.46 15.28 9.08
C PRO A 71 26.41 14.14 8.73
N ASP A 72 27.36 13.86 9.61
CA ASP A 72 28.33 12.78 9.42
CA ASP A 72 28.32 12.78 9.41
C ASP A 72 27.77 11.43 9.87
N GLN A 73 26.77 11.43 10.75
CA GLN A 73 26.21 10.20 11.31
C GLN A 73 24.72 10.32 11.62
N VAL A 74 24.00 9.21 11.56
CA VAL A 74 22.62 9.15 12.05
C VAL A 74 22.40 7.87 12.86
N SER A 75 21.42 7.89 13.77
CA SER A 75 20.99 6.68 14.46
C SER A 75 19.80 6.07 13.74
N VAL A 76 19.85 4.76 13.51
CA VAL A 76 18.88 4.06 12.66
C VAL A 76 18.36 2.83 13.40
N PRO A 77 17.03 2.61 13.38
CA PRO A 77 16.51 1.35 13.96
C PRO A 77 17.09 0.17 13.19
N ILE A 78 17.49 -0.90 13.89
CA ILE A 78 18.13 -2.03 13.22
C ILE A 78 17.18 -2.75 12.26
N SER A 79 15.88 -2.56 12.43
CA SER A 79 14.92 -3.15 11.50
C SER A 79 15.02 -2.52 10.11
N SER A 80 15.67 -1.35 10.01
CA SER A 80 15.86 -0.71 8.71
C SER A 80 17.21 -0.99 8.08
N LEU A 81 18.03 -1.84 8.68
CA LEU A 81 19.28 -2.17 8.01
CA LEU A 81 19.39 -2.14 8.21
C LEU A 81 19.65 -3.63 8.15
N TRP A 82 20.62 -4.05 7.36
CA TRP A 82 21.08 -5.41 7.45
C TRP A 82 21.94 -5.47 8.70
N VAL A 83 21.78 -6.53 9.47
CA VAL A 83 22.57 -6.78 10.67
C VAL A 83 23.10 -8.22 10.57
N PRO A 84 24.36 -8.46 10.97
CA PRO A 84 24.88 -9.84 10.92
C PRO A 84 24.06 -10.77 11.83
N ASP A 85 23.88 -12.02 11.40
CA ASP A 85 23.06 -12.97 12.13
C ASP A 85 23.89 -13.72 13.17
N LEU A 86 24.48 -12.96 14.10
CA LEU A 86 25.34 -13.54 15.14
C LEU A 86 24.52 -14.32 16.17
N ALA A 87 25.06 -15.44 16.62
CA ALA A 87 24.44 -16.20 17.71
C ALA A 87 25.52 -16.74 18.63
N ALA A 88 25.20 -16.85 19.92
CA ALA A 88 26.09 -17.51 20.87
C ALA A 88 25.81 -19.00 20.91
N TYR A 89 26.78 -19.81 20.53
CA TYR A 89 26.58 -21.25 20.44
C TYR A 89 26.25 -21.93 21.78
N ASN A 90 26.77 -21.41 22.88
CA ASN A 90 26.47 -22.00 24.18
C ASN A 90 25.42 -21.24 25.00
N ALA A 91 24.68 -20.33 24.36
CA ALA A 91 23.56 -19.68 25.04
C ALA A 91 22.47 -20.69 25.33
N ILE A 92 21.81 -20.53 26.47
CA ILE A 92 20.70 -21.42 26.83
C ILE A 92 19.41 -20.64 27.07
N SER A 93 19.46 -19.36 26.71
CA SER A 93 18.28 -18.52 26.71
C SER A 93 18.44 -17.60 25.52
N LYS A 94 17.35 -17.03 25.05
CA LYS A 94 17.49 -16.04 24.00
C LYS A 94 18.06 -14.74 24.57
N PRO A 95 18.74 -13.95 23.73
CA PRO A 95 19.30 -12.70 24.25
C PRO A 95 18.20 -11.72 24.60
N GLU A 96 18.26 -11.16 25.79
CA GLU A 96 17.33 -10.13 26.22
C GLU A 96 18.06 -8.81 26.00
N VAL A 97 17.59 -8.04 25.02
CA VAL A 97 18.20 -6.76 24.71
C VAL A 97 17.62 -5.69 25.63
N LEU A 98 18.49 -5.01 26.37
CA LEU A 98 18.02 -4.11 27.42
C LEU A 98 17.94 -2.65 26.98
N THR A 99 18.46 -2.36 25.79
CA THR A 99 18.64 -0.99 25.33
C THR A 99 17.87 -0.72 24.02
N PRO A 100 17.65 0.56 23.66
CA PRO A 100 16.98 0.88 22.38
C PRO A 100 17.70 0.25 21.19
N GLN A 101 16.96 -0.41 20.30
CA GLN A 101 17.57 -1.16 19.22
C GLN A 101 17.91 -0.27 18.03
N LEU A 102 18.88 0.60 18.26
CA LEU A 102 19.36 1.54 17.26
C LEU A 102 20.83 1.30 16.96
N ALA A 103 21.19 1.37 15.69
CA ALA A 103 22.57 1.32 15.26
C ALA A 103 22.97 2.73 14.84
N ARG A 104 24.28 2.99 14.83
CA ARG A 104 24.79 4.27 14.41
C ARG A 104 25.51 4.08 13.08
N VAL A 105 25.14 4.88 12.08
CA VAL A 105 25.66 4.74 10.73
C VAL A 105 26.45 5.98 10.36
N VAL A 106 27.69 5.79 9.93
CA VAL A 106 28.55 6.88 9.49
C VAL A 106 28.41 7.04 7.99
N SER A 107 28.64 8.26 7.48
CA SER A 107 28.38 8.58 6.07
C SER A 107 29.15 7.71 5.08
N ASP A 108 30.26 7.12 5.52
CA ASP A 108 31.00 6.19 4.67
C ASP A 108 30.46 4.74 4.70
N GLY A 109 29.40 4.50 5.48
CA GLY A 109 28.78 3.19 5.52
C GLY A 109 29.21 2.31 6.69
N GLU A 110 30.08 2.81 7.55
CA GLU A 110 30.47 2.10 8.76
C GLU A 110 29.31 2.07 9.78
N VAL A 111 28.99 0.89 10.28
CA VAL A 111 27.89 0.74 11.23
C VAL A 111 28.40 0.28 12.59
N LEU A 112 27.91 0.91 13.66
CA LEU A 112 28.11 0.41 15.01
C LEU A 112 26.76 0.02 15.63
N TYR A 113 26.63 -1.22 16.08
CA TYR A 113 25.46 -1.63 16.85
C TYR A 113 25.97 -2.22 18.17
N MET A 114 25.47 -1.71 19.28
CA MET A 114 26.07 -2.04 20.58
C MET A 114 25.03 -2.20 21.68
N PRO A 115 24.21 -3.25 21.58
CA PRO A 115 23.14 -3.41 22.57
C PRO A 115 23.69 -3.94 23.90
N SER A 116 23.00 -3.61 24.98
CA SER A 116 23.26 -4.25 26.25
C SER A 116 22.40 -5.50 26.28
N ILE A 117 23.04 -6.64 26.50
CA ILE A 117 22.34 -7.91 26.45
C ILE A 117 22.45 -8.68 27.76
N ARG A 118 21.32 -9.22 28.21
CA ARG A 118 21.36 -10.18 29.30
C ARG A 118 21.07 -11.57 28.72
N GLN A 119 21.93 -12.53 29.03
CA GLN A 119 21.80 -13.85 28.46
C GLN A 119 22.39 -14.90 29.38
N ARG A 120 21.84 -16.11 29.31
CA ARG A 120 22.30 -17.23 30.13
C ARG A 120 23.12 -18.20 29.29
N PHE A 121 24.23 -18.69 29.83
CA PHE A 121 25.15 -19.54 29.10
C PHE A 121 25.46 -20.82 29.86
N SER A 122 25.74 -21.86 29.09
CA SER A 122 26.32 -23.09 29.61
C SER A 122 27.83 -23.00 29.43
N CYS A 123 28.56 -23.07 30.54
CA CYS A 123 30.02 -22.96 30.50
C CYS A 123 30.66 -23.44 31.81
N ASP A 124 31.99 -23.45 31.84
CA ASP A 124 32.71 -24.05 32.96
C ASP A 124 32.74 -23.09 34.12
N VAL A 125 32.00 -23.42 35.16
CA VAL A 125 31.89 -22.55 36.32
C VAL A 125 32.84 -23.02 37.46
N SER A 126 33.47 -24.17 37.26
CA SER A 126 34.33 -24.74 38.30
C SER A 126 35.47 -23.79 38.67
N GLY A 127 35.70 -23.62 39.96
CA GLY A 127 36.78 -22.80 40.46
C GLY A 127 36.39 -21.36 40.72
N VAL A 128 35.08 -21.07 40.62
CA VAL A 128 34.61 -19.70 40.77
C VAL A 128 34.91 -19.12 42.16
N ASP A 129 34.89 -19.98 43.17
CA ASP A 129 35.12 -19.55 44.54
C ASP A 129 36.55 -19.82 44.99
N THR A 130 37.48 -19.77 44.05
CA THR A 130 38.90 -19.95 44.36
C THR A 130 39.68 -18.76 43.82
N GLU A 131 40.97 -18.68 44.17
CA GLU A 131 41.81 -17.57 43.76
C GLU A 131 42.00 -17.51 42.24
N SER A 132 42.12 -18.68 41.62
CA SER A 132 42.31 -18.76 40.18
C SER A 132 41.03 -18.36 39.43
N GLY A 133 39.89 -18.55 40.08
CA GLY A 133 38.61 -18.23 39.48
C GLY A 133 38.17 -19.23 38.42
N ALA A 134 36.96 -19.03 37.90
CA ALA A 134 36.43 -19.83 36.81
C ALA A 134 36.76 -19.18 35.48
N THR A 135 36.78 -19.98 34.41
CA THR A 135 36.90 -19.43 33.07
C THR A 135 35.73 -19.88 32.22
N CYS A 136 34.85 -18.94 31.92
CA CYS A 136 33.66 -19.19 31.13
C CYS A 136 33.91 -18.74 29.70
N ARG A 137 33.77 -19.67 28.77
CA ARG A 137 34.05 -19.41 27.38
C ARG A 137 32.73 -19.19 26.63
N ILE A 138 32.59 -18.02 26.01
CA ILE A 138 31.41 -17.71 25.20
C ILE A 138 31.79 -17.68 23.72
N LYS A 139 31.11 -18.51 22.93
CA LYS A 139 31.41 -18.64 21.52
C LYS A 139 30.34 -17.99 20.62
N ILE A 140 30.74 -17.01 19.79
CA ILE A 140 29.80 -16.22 19.00
C ILE A 140 30.21 -16.19 17.51
N GLY A 141 29.24 -16.43 16.63
CA GLY A 141 29.51 -16.38 15.20
C GLY A 141 28.23 -16.31 14.40
N SER A 142 28.37 -16.15 13.08
CA SER A 142 27.22 -16.15 12.18
C SER A 142 26.57 -17.52 12.17
N TRP A 143 25.24 -17.55 12.21
CA TRP A 143 24.52 -18.80 12.23
C TRP A 143 24.39 -19.42 10.84
N THR A 144 24.23 -18.59 9.81
CA THR A 144 23.92 -19.10 8.47
C THR A 144 24.92 -18.67 7.37
N HIS A 145 25.85 -17.78 7.68
CA HIS A 145 26.79 -17.30 6.68
C HIS A 145 28.20 -17.86 6.90
N HIS A 146 28.72 -18.58 5.91
CA HIS A 146 30.05 -19.18 6.02
C HIS A 146 31.16 -18.15 5.80
N SER A 147 32.40 -18.62 5.89
CA SER A 147 33.57 -17.75 5.94
C SER A 147 33.80 -16.87 4.71
N ARG A 148 33.22 -17.23 3.57
CA ARG A 148 33.33 -16.39 2.38
C ARG A 148 32.25 -15.29 2.34
N GLU A 149 31.32 -15.33 3.28
CA GLU A 149 30.28 -14.32 3.33
C GLU A 149 30.41 -13.42 4.55
N ILE A 150 30.69 -14.03 5.72
CA ILE A 150 30.97 -13.27 6.92
C ILE A 150 32.25 -13.76 7.57
N SER A 151 33.15 -12.83 7.89
CA SER A 151 34.25 -13.14 8.76
C SER A 151 34.04 -12.43 10.08
N VAL A 152 34.48 -13.04 11.17
CA VAL A 152 34.30 -12.42 12.47
C VAL A 152 35.66 -12.32 13.16
N ASP A 153 35.94 -11.15 13.72
CA ASP A 153 37.21 -10.91 14.40
C ASP A 153 37.02 -10.13 15.69
N PRO A 154 37.88 -10.38 16.69
CA PRO A 154 37.86 -9.51 17.87
C PRO A 154 38.46 -8.15 17.49
N THR A 155 38.06 -7.08 18.17
CA THR A 155 38.54 -5.74 17.83
C THR A 155 40.02 -5.55 18.16
N ASP A 160 40.41 -2.80 29.68
CA ASP A 160 40.04 -3.75 28.64
C ASP A 160 38.52 -3.87 28.48
N ASP A 161 38.05 -5.10 28.31
CA ASP A 161 36.62 -5.38 28.27
C ASP A 161 36.00 -5.60 29.68
N SER A 162 36.60 -5.00 30.71
CA SER A 162 36.14 -5.13 32.12
C SER A 162 36.03 -3.81 32.93
N GLU A 163 36.59 -2.74 32.36
CA GLU A 163 36.39 -1.31 32.58
C GLU A 163 34.98 -0.80 32.98
N TYR A 164 33.94 -1.46 32.45
CA TYR A 164 32.58 -1.05 32.75
C TYR A 164 31.86 -2.04 33.68
N PHE A 165 32.63 -2.98 34.21
CA PHE A 165 32.05 -3.97 35.11
C PHE A 165 31.57 -3.34 36.42
N SER A 166 30.36 -3.68 36.82
CA SER A 166 29.76 -3.12 38.02
C SER A 166 30.57 -3.45 39.28
N GLN A 167 30.83 -2.42 40.08
CA GLN A 167 31.50 -2.61 41.36
C GLN A 167 30.61 -3.30 42.38
N TYR A 168 29.30 -3.39 42.11
CA TYR A 168 28.37 -3.97 43.05
C TYR A 168 28.06 -5.43 42.78
N SER A 169 28.68 -5.99 41.75
CA SER A 169 28.55 -7.43 41.50
C SER A 169 29.16 -8.23 42.65
N ARG A 170 28.65 -9.44 42.90
CA ARG A 170 29.27 -10.36 43.83
C ARG A 170 30.57 -10.90 43.27
N PHE A 171 30.78 -10.70 41.97
CA PHE A 171 31.92 -11.30 41.29
C PHE A 171 32.89 -10.21 40.85
N GLU A 172 34.08 -10.63 40.46
CA GLU A 172 35.06 -9.69 39.91
C GLU A 172 35.77 -10.36 38.75
N ILE A 173 36.19 -9.55 37.78
CA ILE A 173 36.81 -10.08 36.57
C ILE A 173 38.31 -10.07 36.71
N LEU A 174 38.93 -11.22 36.45
CA LEU A 174 40.37 -11.35 36.54
C LEU A 174 41.01 -11.08 35.19
N ASP A 175 40.39 -11.59 34.13
CA ASP A 175 40.93 -11.42 32.78
C ASP A 175 39.86 -11.73 31.72
N VAL A 176 39.96 -11.06 30.59
CA VAL A 176 39.13 -11.40 29.43
C VAL A 176 40.04 -11.55 28.21
N THR A 177 40.01 -12.70 27.55
CA THR A 177 40.78 -12.91 26.34
C THR A 177 39.88 -13.37 25.19
N GLN A 178 40.30 -13.08 23.96
CA GLN A 178 39.57 -13.53 22.77
C GLN A 178 40.41 -14.43 21.88
N LYS A 179 39.73 -15.21 21.06
CA LYS A 179 40.38 -16.11 20.14
C LYS A 179 39.44 -16.32 18.96
N LYS A 180 39.98 -16.22 17.74
CA LYS A 180 39.21 -16.46 16.54
C LYS A 180 39.31 -17.93 16.13
N ASN A 181 38.20 -18.53 15.69
CA ASN A 181 38.22 -19.89 15.17
C ASN A 181 37.44 -20.01 13.89
N SER A 182 37.67 -21.10 13.18
CA SER A 182 36.98 -21.38 11.96
C SER A 182 36.63 -22.85 12.03
N VAL A 183 35.35 -23.18 11.90
CA VAL A 183 34.91 -24.55 12.14
C VAL A 183 34.00 -25.08 11.01
N THR A 184 34.18 -26.35 10.66
CA THR A 184 33.28 -27.03 9.76
C THR A 184 32.39 -27.96 10.56
N TYR A 185 31.08 -27.85 10.36
CA TYR A 185 30.12 -28.66 11.09
C TYR A 185 29.62 -29.75 10.17
N SER A 186 29.15 -30.85 10.77
CA SER A 186 28.67 -32.03 10.04
C SER A 186 27.54 -31.69 9.05
N CYS A 187 26.73 -30.72 9.40
CA CYS A 187 25.57 -30.34 8.62
C CYS A 187 25.95 -29.80 7.23
N CYS A 188 27.06 -29.09 7.16
CA CYS A 188 27.34 -28.25 5.98
C CYS A 188 28.81 -28.33 5.57
N PRO A 189 29.07 -28.26 4.26
CA PRO A 189 30.44 -28.42 3.73
C PRO A 189 31.40 -27.23 3.99
N GLU A 190 30.87 -26.05 4.27
CA GLU A 190 31.74 -24.88 4.42
C GLU A 190 32.18 -24.62 5.85
N ALA A 191 33.10 -23.67 6.01
CA ALA A 191 33.61 -23.24 7.30
C ALA A 191 32.89 -22.03 7.86
N TYR A 192 32.68 -22.03 9.17
CA TYR A 192 32.00 -20.94 9.85
C TYR A 192 32.92 -20.37 10.91
N GLU A 193 33.16 -19.07 10.84
CA GLU A 193 34.02 -18.41 11.81
C GLU A 193 33.27 -18.06 13.11
N ASP A 194 34.01 -18.06 14.21
CA ASP A 194 33.50 -17.59 15.49
C ASP A 194 34.58 -16.86 16.27
N VAL A 195 34.16 -16.07 17.25
CA VAL A 195 35.09 -15.54 18.25
C VAL A 195 34.75 -16.22 19.57
N GLU A 196 35.76 -16.73 20.24
CA GLU A 196 35.56 -17.29 21.57
C GLU A 196 36.09 -16.33 22.59
N VAL A 197 35.21 -15.90 23.49
CA VAL A 197 35.58 -14.93 24.51
C VAL A 197 35.70 -15.66 25.85
N SER A 198 36.89 -15.63 26.44
CA SER A 198 37.12 -16.31 27.69
C SER A 198 37.05 -15.34 28.86
N LEU A 199 36.05 -15.53 29.71
CA LEU A 199 35.85 -14.66 30.85
C LEU A 199 36.36 -15.33 32.14
N ASN A 200 37.45 -14.81 32.68
CA ASN A 200 38.05 -15.38 33.88
C ASN A 200 37.60 -14.52 35.06
N PHE A 201 36.81 -15.12 35.94
CA PHE A 201 36.18 -14.36 37.01
C PHE A 201 36.12 -15.18 38.29
N ARG A 202 35.86 -14.51 39.42
CA ARG A 202 35.70 -15.21 40.67
C ARG A 202 34.82 -14.46 41.66
N LYS A 203 34.32 -15.18 42.66
CA LYS A 203 33.53 -14.55 43.72
C LYS A 203 34.47 -13.71 44.57
N LYS A 204 34.03 -12.52 44.95
CA LYS A 204 34.85 -11.62 45.77
C LYS A 204 35.05 -12.21 47.16
N LEU B 1 21.99 -12.36 -12.30
CA LEU B 1 21.34 -12.28 -11.00
C LEU B 1 22.37 -12.12 -9.91
N ASP B 2 22.15 -11.16 -9.03
CA ASP B 2 22.91 -11.08 -7.79
C ASP B 2 22.00 -11.38 -6.59
N ARG B 3 22.55 -11.33 -5.40
CA ARG B 3 21.79 -11.68 -4.19
C ARG B 3 20.55 -10.80 -3.99
N ALA B 4 20.69 -9.51 -4.28
CA ALA B 4 19.59 -8.58 -4.15
C ALA B 4 18.41 -8.99 -5.04
N ASP B 5 18.71 -9.39 -6.29
CA ASP B 5 17.67 -9.81 -7.22
C ASP B 5 16.99 -11.09 -6.70
N ILE B 6 17.82 -12.08 -6.38
CA ILE B 6 17.31 -13.36 -5.90
C ILE B 6 16.38 -13.19 -4.69
N LEU B 7 16.82 -12.40 -3.72
CA LEU B 7 16.02 -12.17 -2.50
C LEU B 7 14.77 -11.35 -2.77
N TYR B 8 14.88 -10.36 -3.65
CA TYR B 8 13.71 -9.63 -4.15
C TYR B 8 12.71 -10.60 -4.79
N ASN B 9 13.17 -11.41 -5.73
CA ASN B 9 12.29 -12.36 -6.40
C ASN B 9 11.60 -13.32 -5.43
N ILE B 10 12.37 -13.84 -4.47
CA ILE B 10 11.82 -14.77 -3.47
C ILE B 10 10.75 -14.08 -2.63
N ARG B 11 11.06 -12.88 -2.16
CA ARG B 11 10.12 -12.09 -1.37
C ARG B 11 8.80 -11.82 -2.12
N GLN B 12 8.90 -11.52 -3.42
CA GLN B 12 7.71 -11.28 -4.25
C GLN B 12 6.87 -12.51 -4.60
N THR B 13 7.47 -13.71 -4.61
CA THR B 13 6.80 -14.86 -5.23
C THR B 13 6.77 -16.18 -4.47
N SER B 14 7.39 -16.25 -3.30
CA SER B 14 7.60 -17.57 -2.69
C SER B 14 6.34 -18.29 -2.21
N ARG B 15 5.30 -17.53 -1.84
CA ARG B 15 4.06 -18.10 -1.31
C ARG B 15 4.26 -18.96 -0.06
N PRO B 16 4.58 -18.33 1.09
CA PRO B 16 4.87 -19.07 2.33
C PRO B 16 3.67 -19.85 2.84
N ASP B 17 2.48 -19.58 2.29
CA ASP B 17 1.21 -20.17 2.68
CA ASP B 17 1.32 -20.28 2.81
C ASP B 17 0.98 -21.52 2.00
N VAL B 18 1.77 -21.77 0.97
CA VAL B 18 1.49 -22.86 0.04
C VAL B 18 2.50 -24.00 0.11
N ILE B 19 2.04 -25.17 0.51
CA ILE B 19 2.90 -26.34 0.56
C ILE B 19 3.36 -26.70 -0.86
N PRO B 20 4.69 -26.84 -1.07
CA PRO B 20 5.18 -27.04 -2.43
C PRO B 20 5.16 -28.50 -2.85
N THR B 21 3.99 -29.12 -2.86
CA THR B 21 3.86 -30.48 -3.37
C THR B 21 4.12 -30.48 -4.86
N GLN B 22 4.77 -31.53 -5.34
CA GLN B 22 5.02 -31.71 -6.78
C GLN B 22 4.23 -32.91 -7.30
N ARG B 23 3.23 -32.64 -8.14
CA ARG B 23 2.51 -33.70 -8.86
C ARG B 23 1.80 -34.65 -7.91
N ASP B 24 1.15 -34.09 -6.89
CA ASP B 24 0.44 -34.87 -5.86
C ASP B 24 1.31 -35.88 -5.10
N ARG B 25 2.62 -35.66 -5.10
CA ARG B 25 3.53 -36.41 -4.25
C ARG B 25 3.81 -35.58 -2.99
N PRO B 26 3.99 -36.26 -1.85
CA PRO B 26 4.25 -35.51 -0.61
C PRO B 26 5.57 -34.73 -0.66
N VAL B 27 5.67 -33.64 0.09
CA VAL B 27 6.95 -32.98 0.32
C VAL B 27 7.76 -33.82 1.30
N ALA B 28 8.92 -34.29 0.86
CA ALA B 28 9.77 -35.11 1.72
C ALA B 28 10.61 -34.23 2.64
N VAL B 29 10.27 -34.24 3.91
CA VAL B 29 10.99 -33.46 4.91
C VAL B 29 11.91 -34.40 5.69
N SER B 30 13.19 -34.03 5.77
CA SER B 30 14.12 -34.75 6.64
C SER B 30 14.36 -33.96 7.91
N VAL B 31 14.37 -34.65 9.05
CA VAL B 31 14.56 -34.03 10.36
C VAL B 31 15.60 -34.81 11.16
N SER B 32 16.51 -34.09 11.77
CA SER B 32 17.57 -34.70 12.56
C SER B 32 17.88 -33.77 13.74
N LEU B 33 17.84 -34.30 14.96
CA LEU B 33 18.12 -33.49 16.13
C LEU B 33 19.57 -33.67 16.56
N LYS B 34 20.31 -32.57 16.64
CA LYS B 34 21.66 -32.60 17.19
C LYS B 34 21.57 -32.05 18.60
N PHE B 35 21.74 -32.93 19.60
CA PHE B 35 21.58 -32.50 20.97
C PHE B 35 22.79 -31.70 21.44
N ILE B 36 22.51 -30.56 22.08
CA ILE B 36 23.56 -29.65 22.53
C ILE B 36 23.65 -29.65 24.05
N ASN B 37 22.51 -29.77 24.72
CA ASN B 37 22.49 -29.73 26.16
C ASN B 37 21.22 -30.35 26.74
N ILE B 38 21.34 -30.84 27.96
CA ILE B 38 20.23 -31.33 28.77
C ILE B 38 20.35 -30.57 30.08
N LEU B 39 19.34 -29.79 30.43
CA LEU B 39 19.51 -28.70 31.39
C LEU B 39 18.83 -28.89 32.75
N GLU B 40 17.65 -29.46 32.75
CA GLU B 40 16.91 -29.48 34.02
C GLU B 40 15.99 -30.67 34.10
N VAL B 41 16.56 -31.80 34.48
CA VAL B 41 15.81 -33.04 34.52
C VAL B 41 15.09 -33.21 35.86
N ASN B 42 13.90 -33.81 35.81
CA ASN B 42 13.10 -34.05 37.00
C ASN B 42 12.54 -35.48 36.94
N GLU B 43 13.10 -36.38 37.75
CA GLU B 43 12.68 -37.79 37.69
C GLU B 43 11.34 -38.01 38.39
N ILE B 44 10.94 -37.06 39.21
CA ILE B 44 9.64 -37.15 39.89
C ILE B 44 8.50 -36.92 38.91
N THR B 45 8.61 -35.85 38.12
CA THR B 45 7.52 -35.46 37.23
C THR B 45 7.65 -36.01 35.82
N ASN B 46 8.77 -36.71 35.55
CA ASN B 46 9.10 -37.16 34.19
C ASN B 46 9.09 -36.01 33.18
N GLU B 47 9.84 -34.94 33.49
CA GLU B 47 9.99 -33.83 32.57
C GLU B 47 11.47 -33.58 32.36
N VAL B 48 11.83 -33.10 31.16
CA VAL B 48 13.21 -32.81 30.79
C VAL B 48 13.26 -31.52 29.97
N ASP B 49 14.34 -30.77 30.15
CA ASP B 49 14.56 -29.50 29.48
C ASP B 49 15.78 -29.73 28.58
N VAL B 50 15.60 -29.56 27.27
CA VAL B 50 16.63 -29.94 26.29
C VAL B 50 16.97 -28.83 25.27
N VAL B 51 18.24 -28.70 24.89
CA VAL B 51 18.65 -27.80 23.82
C VAL B 51 19.19 -28.62 22.63
N PHE B 52 18.63 -28.40 21.45
CA PHE B 52 19.04 -29.14 20.27
C PHE B 52 19.00 -28.27 19.01
N TRP B 53 19.84 -28.61 18.04
CA TRP B 53 19.74 -28.02 16.71
C TRP B 53 18.81 -28.90 15.87
N GLN B 54 17.74 -28.33 15.36
CA GLN B 54 16.79 -29.11 14.59
C GLN B 54 17.07 -28.98 13.09
N GLN B 55 17.94 -29.84 12.58
CA GLN B 55 18.30 -29.80 11.17
C GLN B 55 17.14 -30.27 10.32
N THR B 56 16.60 -29.36 9.51
CA THR B 56 15.38 -29.62 8.75
C THR B 56 15.63 -29.28 7.28
N THR B 57 15.42 -30.25 6.39
CA THR B 57 15.62 -30.02 4.97
C THR B 57 14.43 -30.49 4.14
N TRP B 58 14.17 -29.76 3.07
CA TRP B 58 13.12 -30.11 2.13
C TRP B 58 13.37 -29.37 0.82
N SER B 59 12.59 -29.71 -0.19
CA SER B 59 12.73 -29.08 -1.50
C SER B 59 11.51 -28.22 -1.84
N ASP B 60 11.75 -27.02 -2.36
CA ASP B 60 10.68 -26.12 -2.83
C ASP B 60 11.10 -25.53 -4.16
N ARG B 61 10.65 -26.14 -5.26
CA ARG B 61 11.08 -25.75 -6.59
C ARG B 61 10.68 -24.33 -6.97
N THR B 62 9.61 -23.82 -6.38
CA THR B 62 9.18 -22.45 -6.67
C THR B 62 10.23 -21.39 -6.24
N LEU B 63 11.25 -21.83 -5.49
CA LEU B 63 12.32 -20.94 -5.03
C LEU B 63 13.52 -20.96 -5.96
N ALA B 64 13.56 -21.94 -6.85
CA ALA B 64 14.73 -22.18 -7.69
C ALA B 64 15.06 -21.01 -8.63
N TRP B 65 16.34 -20.86 -8.98
CA TRP B 65 16.75 -19.90 -9.97
C TRP B 65 17.94 -20.45 -10.75
N ASN B 66 18.16 -19.87 -11.93
CA ASN B 66 19.29 -20.22 -12.77
C ASN B 66 20.57 -19.66 -12.15
N SER B 67 21.44 -20.55 -11.69
CA SER B 67 22.64 -20.12 -10.97
C SER B 67 23.83 -19.84 -11.88
N SER B 68 23.58 -19.72 -13.18
CA SER B 68 24.63 -19.35 -14.13
C SER B 68 25.07 -17.91 -13.87
N HIS B 69 26.35 -17.73 -13.53
CA HIS B 69 26.89 -16.41 -13.20
C HIS B 69 26.13 -15.74 -12.05
N SER B 70 25.70 -16.55 -11.09
CA SER B 70 24.90 -16.06 -9.97
C SER B 70 25.28 -16.79 -8.69
N PRO B 71 24.97 -16.19 -7.54
CA PRO B 71 25.18 -16.88 -6.26
C PRO B 71 24.45 -18.22 -6.25
N ASP B 72 25.06 -19.20 -5.61
CA ASP B 72 24.47 -20.53 -5.55
C ASP B 72 23.49 -20.68 -4.38
N GLN B 73 23.62 -19.80 -3.37
CA GLN B 73 22.79 -19.88 -2.17
C GLN B 73 22.51 -18.51 -1.56
N VAL B 74 21.34 -18.37 -0.92
CA VAL B 74 21.04 -17.18 -0.11
C VAL B 74 20.44 -17.57 1.28
N SER B 75 20.63 -16.72 2.28
CA SER B 75 19.90 -16.84 3.54
C SER B 75 18.62 -16.01 3.52
N VAL B 76 17.51 -16.63 3.90
CA VAL B 76 16.19 -16.03 3.77
C VAL B 76 15.44 -16.13 5.10
N PRO B 77 14.81 -15.03 5.55
CA PRO B 77 13.96 -15.13 6.75
C PRO B 77 12.86 -16.16 6.54
N ILE B 78 12.59 -17.01 7.52
CA ILE B 78 11.59 -18.06 7.31
C ILE B 78 10.19 -17.51 7.05
N SER B 79 9.95 -16.25 7.43
CA SER B 79 8.66 -15.61 7.17
C SER B 79 8.41 -15.38 5.69
N SER B 80 9.47 -15.47 4.88
CA SER B 80 9.36 -15.32 3.44
C SER B 80 9.32 -16.66 2.69
N LEU B 81 9.25 -17.77 3.42
CA LEU B 81 9.33 -19.12 2.84
C LEU B 81 8.20 -19.98 3.40
N TRP B 82 7.79 -21.01 2.67
CA TRP B 82 6.96 -22.05 3.27
C TRP B 82 7.89 -22.90 4.13
N VAL B 83 7.43 -23.24 5.32
CA VAL B 83 8.17 -24.09 6.24
C VAL B 83 7.21 -25.19 6.71
N PRO B 84 7.69 -26.44 6.86
CA PRO B 84 6.81 -27.50 7.36
C PRO B 84 6.28 -27.18 8.75
N ASP B 85 5.04 -27.56 9.02
CA ASP B 85 4.42 -27.26 10.32
C ASP B 85 4.72 -28.38 11.33
N LEU B 86 6.01 -28.61 11.59
CA LEU B 86 6.42 -29.65 12.52
C LEU B 86 6.10 -29.29 13.98
N ALA B 87 5.68 -30.28 14.75
CA ALA B 87 5.45 -30.07 16.17
C ALA B 87 5.95 -31.31 16.94
N ALA B 88 6.46 -31.10 18.14
CA ALA B 88 6.78 -32.22 19.01
C ALA B 88 5.55 -32.60 19.83
N TYR B 89 5.05 -33.82 19.64
CA TYR B 89 3.83 -34.28 20.31
C TYR B 89 3.91 -34.28 21.84
N ASN B 90 5.10 -34.52 22.38
CA ASN B 90 5.24 -34.59 23.84
C ASN B 90 5.90 -33.37 24.48
N ALA B 91 5.99 -32.29 23.70
CA ALA B 91 6.44 -31.01 24.24
C ALA B 91 5.42 -30.50 25.24
N ILE B 92 5.92 -29.87 26.31
CA ILE B 92 5.04 -29.27 27.30
C ILE B 92 5.38 -27.80 27.49
N SER B 93 6.19 -27.28 26.59
CA SER B 93 6.38 -25.84 26.48
C SER B 93 6.52 -25.52 24.99
N LYS B 94 6.29 -24.27 24.60
CA LYS B 94 6.47 -23.95 23.19
C LYS B 94 7.95 -23.85 22.90
N PRO B 95 8.35 -24.13 21.66
CA PRO B 95 9.79 -24.10 21.39
C PRO B 95 10.36 -22.70 21.53
N GLU B 96 11.46 -22.57 22.25
CA GLU B 96 12.16 -21.31 22.36
C GLU B 96 13.29 -21.33 21.34
N VAL B 97 13.16 -20.57 20.25
CA VAL B 97 14.17 -20.53 19.19
C VAL B 97 15.28 -19.57 19.59
N LEU B 98 16.50 -20.06 19.72
CA LEU B 98 17.59 -19.28 20.28
C LEU B 98 18.44 -18.57 19.22
N THR B 99 18.16 -18.87 17.95
CA THR B 99 19.02 -18.42 16.86
C THR B 99 18.26 -17.57 15.84
N PRO B 100 18.97 -16.78 15.00
CA PRO B 100 18.27 -16.01 13.96
C PRO B 100 17.40 -16.92 13.08
N GLN B 101 16.17 -16.50 12.82
CA GLN B 101 15.26 -17.37 12.11
C GLN B 101 15.42 -17.24 10.61
N LEU B 102 16.55 -17.76 10.13
CA LEU B 102 16.90 -17.73 8.71
C LEU B 102 17.09 -19.14 8.20
N ALA B 103 16.56 -19.39 7.00
CA ALA B 103 16.81 -20.64 6.29
C ALA B 103 17.81 -20.37 5.17
N ARG B 104 18.44 -21.43 4.69
CA ARG B 104 19.39 -21.32 3.60
C ARG B 104 18.77 -22.01 2.39
N VAL B 105 18.66 -21.27 1.29
CA VAL B 105 18.07 -21.77 0.07
C VAL B 105 19.13 -21.91 -1.03
N VAL B 106 19.18 -23.08 -1.65
CA VAL B 106 20.10 -23.37 -2.73
C VAL B 106 19.36 -23.11 -4.05
N SER B 107 20.11 -22.79 -5.11
CA SER B 107 19.50 -22.38 -6.39
C SER B 107 18.57 -23.42 -7.02
N ASP B 108 18.74 -24.70 -6.67
CA ASP B 108 17.82 -25.74 -7.15
C ASP B 108 16.55 -25.86 -6.29
N GLY B 109 16.46 -25.05 -5.23
CA GLY B 109 15.27 -25.07 -4.39
C GLY B 109 15.36 -25.89 -3.11
N GLU B 110 16.52 -26.49 -2.85
CA GLU B 110 16.75 -27.20 -1.58
C GLU B 110 16.85 -26.20 -0.45
N VAL B 111 16.12 -26.45 0.64
CA VAL B 111 16.12 -25.55 1.77
C VAL B 111 16.67 -26.25 3.01
N LEU B 112 17.53 -25.55 3.75
CA LEU B 112 17.96 -25.97 5.07
C LEU B 112 17.53 -24.94 6.12
N TYR B 113 16.77 -25.39 7.11
CA TYR B 113 16.44 -24.55 8.26
C TYR B 113 16.89 -25.32 9.51
N MET B 114 17.70 -24.69 10.34
CA MET B 114 18.34 -25.42 11.43
C MET B 114 18.45 -24.54 12.67
N PRO B 115 17.31 -24.27 13.32
CA PRO B 115 17.33 -23.42 14.51
C PRO B 115 17.88 -24.19 15.72
N SER B 116 18.43 -23.45 16.68
CA SER B 116 18.73 -24.03 17.98
C SER B 116 17.52 -23.78 18.85
N ILE B 117 16.98 -24.85 19.41
CA ILE B 117 15.74 -24.79 20.15
C ILE B 117 15.91 -25.28 21.58
N ARG B 118 15.38 -24.52 22.53
CA ARG B 118 15.22 -25.04 23.90
C ARG B 118 13.73 -25.34 24.14
N GLN B 119 13.46 -26.55 24.60
CA GLN B 119 12.08 -26.99 24.80
C GLN B 119 12.00 -28.00 25.93
N ARG B 120 10.85 -28.05 26.59
CA ARG B 120 10.63 -28.97 27.70
C ARG B 120 9.71 -30.09 27.20
N PHE B 121 10.04 -31.33 27.58
CA PHE B 121 9.31 -32.52 27.16
C PHE B 121 8.84 -33.38 28.32
N SER B 122 7.74 -34.10 28.07
CA SER B 122 7.27 -35.14 28.96
C SER B 122 7.77 -36.46 28.38
N CYS B 123 8.56 -37.19 29.16
CA CYS B 123 9.15 -38.43 28.68
C CYS B 123 9.73 -39.24 29.84
N ASP B 124 10.17 -40.44 29.54
CA ASP B 124 10.59 -41.38 30.58
C ASP B 124 11.96 -41.03 31.12
N VAL B 125 12.00 -40.46 32.31
CA VAL B 125 13.24 -40.04 32.92
C VAL B 125 13.83 -41.13 33.85
N SER B 126 13.06 -42.19 34.10
CA SER B 126 13.51 -43.24 35.04
C SER B 126 14.83 -43.85 34.59
N GLY B 127 15.74 -44.02 35.54
CA GLY B 127 17.03 -44.65 35.29
C GLY B 127 18.13 -43.65 34.95
N VAL B 128 17.81 -42.37 35.01
CA VAL B 128 18.77 -41.33 34.61
C VAL B 128 20.04 -41.38 35.45
N ASP B 129 19.92 -41.77 36.72
CA ASP B 129 21.08 -41.83 37.60
C ASP B 129 21.63 -43.25 37.76
N THR B 130 21.51 -44.05 36.70
CA THR B 130 22.04 -45.41 36.70
C THR B 130 22.96 -45.55 35.51
N GLU B 131 23.67 -46.67 35.43
CA GLU B 131 24.62 -46.92 34.35
CA GLU B 131 24.62 -46.85 34.35
C GLU B 131 23.92 -47.06 33.00
N SER B 132 22.74 -47.68 33.01
CA SER B 132 21.95 -47.85 31.79
C SER B 132 21.36 -46.53 31.28
N GLY B 133 21.13 -45.61 32.22
CA GLY B 133 20.62 -44.29 31.89
C GLY B 133 19.14 -44.29 31.58
N ALA B 134 18.60 -43.11 31.29
CA ALA B 134 17.21 -42.98 30.90
C ALA B 134 17.11 -42.96 29.38
N THR B 135 15.94 -43.33 28.86
CA THR B 135 15.66 -43.15 27.43
C THR B 135 14.45 -42.24 27.21
N CYS B 136 14.72 -41.01 26.76
CA CYS B 136 13.67 -40.04 26.50
C CYS B 136 13.32 -40.04 25.02
N ARG B 137 12.06 -40.32 24.72
CA ARG B 137 11.59 -40.41 23.35
CA ARG B 137 11.59 -40.41 23.34
CA ARG B 137 11.60 -40.40 23.34
C ARG B 137 10.89 -39.12 22.92
N ILE B 138 11.43 -38.45 21.90
CA ILE B 138 10.84 -37.22 21.37
C ILE B 138 10.17 -37.47 20.01
N LYS B 139 8.87 -37.19 19.92
CA LYS B 139 8.10 -37.49 18.72
C LYS B 139 7.76 -36.22 17.92
N ILE B 140 8.22 -36.15 16.67
CA ILE B 140 8.07 -34.93 15.86
C ILE B 140 7.43 -35.22 14.50
N GLY B 141 6.39 -34.47 14.14
CA GLY B 141 5.76 -34.67 12.85
C GLY B 141 4.92 -33.46 12.44
N SER B 142 4.38 -33.49 11.23
CA SER B 142 3.50 -32.43 10.77
C SER B 142 2.23 -32.44 11.58
N TRP B 143 1.80 -31.26 12.02
CA TRP B 143 0.57 -31.15 12.80
C TRP B 143 -0.71 -31.28 11.93
N THR B 144 -0.70 -30.72 10.72
CA THR B 144 -1.92 -30.62 9.93
C THR B 144 -1.88 -31.30 8.55
N HIS B 145 -0.69 -31.75 8.13
CA HIS B 145 -0.52 -32.37 6.80
C HIS B 145 -0.34 -33.89 6.91
N HIS B 146 -1.24 -34.64 6.30
CA HIS B 146 -1.16 -36.10 6.31
C HIS B 146 -0.07 -36.63 5.37
N SER B 147 0.09 -37.96 5.34
CA SER B 147 1.20 -38.62 4.68
C SER B 147 1.27 -38.41 3.16
N ARG B 148 0.17 -38.01 2.54
CA ARG B 148 0.21 -37.73 1.10
C ARG B 148 0.65 -36.30 0.81
N GLU B 149 0.80 -35.50 1.86
CA GLU B 149 1.22 -34.11 1.68
C GLU B 149 2.61 -33.87 2.27
N ILE B 150 2.87 -34.44 3.44
CA ILE B 150 4.19 -34.36 4.03
C ILE B 150 4.64 -35.73 4.50
N SER B 151 5.83 -36.13 4.08
CA SER B 151 6.47 -37.29 4.68
C SER B 151 7.66 -36.82 5.51
N VAL B 152 7.91 -37.48 6.62
CA VAL B 152 9.03 -37.11 7.45
C VAL B 152 9.98 -38.29 7.63
N ASP B 153 11.27 -38.05 7.45
CA ASP B 153 12.27 -39.12 7.58
C ASP B 153 13.48 -38.63 8.36
N PRO B 154 14.13 -39.53 9.12
CA PRO B 154 15.44 -39.19 9.69
C PRO B 154 16.50 -39.12 8.58
N THR B 155 17.55 -38.34 8.77
CA THR B 155 18.55 -38.16 7.71
C THR B 155 19.41 -39.40 7.52
N ASP B 160 28.49 -38.74 14.85
CA ASP B 160 28.61 -38.89 16.30
C ASP B 160 27.46 -38.21 17.05
N ASP B 161 26.94 -38.91 18.06
CA ASP B 161 25.75 -38.52 18.83
C ASP B 161 26.03 -37.39 19.82
N SER B 162 27.14 -37.51 20.54
CA SER B 162 27.59 -36.45 21.43
C SER B 162 28.35 -35.37 20.66
N GLU B 163 28.24 -35.37 19.32
CA GLU B 163 29.20 -34.57 18.56
C GLU B 163 29.26 -33.09 18.98
N TYR B 164 28.10 -32.47 19.15
CA TYR B 164 28.06 -31.07 19.56
C TYR B 164 27.55 -30.90 20.98
N PHE B 165 27.42 -32.01 21.70
CA PHE B 165 26.91 -31.96 23.07
C PHE B 165 27.89 -31.22 23.96
N SER B 166 27.39 -30.30 24.77
CA SER B 166 28.23 -29.57 25.70
C SER B 166 28.93 -30.46 26.75
N GLN B 167 30.24 -30.27 26.89
CA GLN B 167 31.03 -31.02 27.88
C GLN B 167 30.71 -30.53 29.29
N TYR B 168 30.02 -29.40 29.39
CA TYR B 168 29.72 -28.82 30.68
C TYR B 168 28.35 -29.17 31.22
N SER B 169 27.58 -29.94 30.47
CA SER B 169 26.33 -30.51 30.98
C SER B 169 26.58 -31.46 32.15
N ARG B 170 25.60 -31.55 33.05
CA ARG B 170 25.64 -32.52 34.13
C ARG B 170 25.35 -33.91 33.63
N PHE B 171 24.96 -34.01 32.35
CA PHE B 171 24.53 -35.27 31.77
C PHE B 171 25.43 -35.64 30.62
N GLU B 172 25.37 -36.91 30.23
CA GLU B 172 26.11 -37.37 29.06
C GLU B 172 25.22 -38.26 28.22
N ILE B 173 25.47 -38.26 26.92
CA ILE B 173 24.65 -39.02 25.99
C ILE B 173 25.29 -40.39 25.75
N LEU B 174 24.49 -41.43 25.89
CA LEU B 174 24.96 -42.80 25.65
C LEU B 174 24.67 -43.24 24.22
N ASP B 175 23.50 -42.86 23.72
CA ASP B 175 23.09 -43.24 22.37
C ASP B 175 21.90 -42.40 21.91
N VAL B 176 21.80 -42.19 20.60
CA VAL B 176 20.64 -41.54 19.99
C VAL B 176 20.22 -42.40 18.81
N THR B 177 18.98 -42.85 18.81
CA THR B 177 18.43 -43.58 17.68
C THR B 177 17.14 -42.95 17.16
N GLN B 178 16.82 -43.19 15.90
CA GLN B 178 15.61 -42.67 15.27
C GLN B 178 14.73 -43.78 14.73
N LYS B 179 13.46 -43.47 14.59
CA LYS B 179 12.50 -44.42 14.08
C LYS B 179 11.38 -43.61 13.41
N LYS B 180 10.96 -44.07 12.23
CA LYS B 180 9.88 -43.41 11.51
C LYS B 180 8.57 -44.15 11.77
N ASN B 181 7.48 -43.40 11.97
CA ASN B 181 6.18 -44.00 12.18
C ASN B 181 5.11 -43.33 11.35
N SER B 182 3.98 -44.00 11.20
CA SER B 182 2.86 -43.48 10.46
C SER B 182 1.64 -43.84 11.30
N VAL B 183 0.89 -42.83 11.72
CA VAL B 183 -0.18 -43.03 12.71
C VAL B 183 -1.51 -42.41 12.27
N THR B 184 -2.59 -43.13 12.51
CA THR B 184 -3.93 -42.58 12.32
C THR B 184 -4.52 -42.20 13.68
N TYR B 185 -5.01 -40.97 13.80
CA TYR B 185 -5.59 -40.49 15.04
C TYR B 185 -7.10 -40.48 14.91
N SER B 186 -7.78 -40.52 16.06
CA SER B 186 -9.24 -40.61 16.12
C SER B 186 -9.94 -39.43 15.45
N CYS B 187 -9.26 -38.28 15.45
CA CYS B 187 -9.82 -37.06 14.91
C CYS B 187 -10.03 -37.12 13.40
N CYS B 188 -9.13 -37.81 12.70
CA CYS B 188 -9.03 -37.66 11.25
C CYS B 188 -8.78 -39.00 10.56
N PRO B 189 -9.32 -39.18 9.36
CA PRO B 189 -9.25 -40.47 8.64
C PRO B 189 -7.88 -40.82 8.05
N GLU B 190 -7.01 -39.84 7.85
CA GLU B 190 -5.73 -40.11 7.19
C GLU B 190 -4.59 -40.41 8.16
N ALA B 191 -3.46 -40.83 7.61
CA ALA B 191 -2.25 -41.13 8.39
C ALA B 191 -1.30 -39.94 8.47
N TYR B 192 -0.65 -39.79 9.62
CA TYR B 192 0.29 -38.70 9.84
C TYR B 192 1.63 -39.32 10.22
N GLU B 193 2.68 -38.94 9.52
CA GLU B 193 4.00 -39.48 9.80
C GLU B 193 4.71 -38.69 10.90
N ASP B 194 5.59 -39.38 11.62
CA ASP B 194 6.43 -38.73 12.61
C ASP B 194 7.79 -39.40 12.64
N VAL B 195 8.76 -38.71 13.21
CA VAL B 195 10.03 -39.34 13.57
C VAL B 195 10.12 -39.36 15.08
N GLU B 196 10.42 -40.53 15.64
CA GLU B 196 10.66 -40.65 17.08
C GLU B 196 12.15 -40.72 17.31
N VAL B 197 12.66 -39.77 18.08
CA VAL B 197 14.07 -39.72 18.41
C VAL B 197 14.23 -40.19 19.85
N SER B 198 15.02 -41.25 20.05
CA SER B 198 15.25 -41.80 21.39
C SER B 198 16.60 -41.37 21.93
N LEU B 199 16.56 -40.58 23.00
CA LEU B 199 17.77 -40.04 23.58
C LEU B 199 18.11 -40.84 24.84
N ASN B 200 19.19 -41.61 24.77
CA ASN B 200 19.63 -42.41 25.90
C ASN B 200 20.73 -41.64 26.60
N PHE B 201 20.47 -41.20 27.83
CA PHE B 201 21.38 -40.32 28.54
C PHE B 201 21.40 -40.63 30.03
N ARG B 202 22.42 -40.13 30.72
CA ARG B 202 22.52 -40.37 32.16
C ARG B 202 23.29 -39.25 32.85
N LYS B 203 23.09 -39.11 34.15
CA LYS B 203 23.90 -38.19 34.93
C LYS B 203 25.36 -38.67 34.96
N LYS B 204 26.31 -37.76 34.86
CA LYS B 204 27.73 -38.14 34.96
C LYS B 204 28.04 -38.65 36.35
N GLY B 205 28.64 -39.83 36.43
CA GLY B 205 28.96 -40.45 37.72
C GLY B 205 30.34 -41.08 37.70
N LEU C 1 -8.49 -25.29 -10.22
CA LEU C 1 -7.92 -24.72 -9.01
C LEU C 1 -6.87 -25.64 -8.43
N ASP C 2 -5.69 -25.10 -8.14
CA ASP C 2 -4.73 -25.82 -7.32
C ASP C 2 -4.63 -25.13 -5.96
N ARG C 3 -3.73 -25.65 -5.10
CA ARG C 3 -3.61 -25.14 -3.74
C ARG C 3 -3.25 -23.65 -3.72
N ALA C 4 -2.35 -23.26 -4.59
CA ALA C 4 -1.91 -21.87 -4.65
C ALA C 4 -3.09 -20.93 -4.93
N ASP C 5 -3.98 -21.34 -5.83
CA ASP C 5 -5.16 -20.54 -6.14
C ASP C 5 -6.12 -20.46 -4.97
N ILE C 6 -6.45 -21.61 -4.40
CA ILE C 6 -7.32 -21.67 -3.23
C ILE C 6 -6.83 -20.80 -2.07
N LEU C 7 -5.54 -20.91 -1.74
CA LEU C 7 -4.97 -20.14 -0.64
C LEU C 7 -4.89 -18.65 -0.95
N TYR C 8 -4.59 -18.32 -2.20
CA TYR C 8 -4.63 -16.93 -2.66
C TYR C 8 -6.04 -16.36 -2.49
N ASN C 9 -7.02 -17.08 -3.01
CA ASN C 9 -8.42 -16.66 -2.87
C ASN C 9 -8.86 -16.47 -1.41
N ILE C 10 -8.53 -17.43 -0.54
CA ILE C 10 -8.84 -17.32 0.88
C ILE C 10 -8.18 -16.09 1.49
N ARG C 11 -6.89 -15.92 1.23
CA ARG C 11 -6.17 -14.77 1.77
C ARG C 11 -6.79 -13.43 1.34
N GLN C 12 -7.28 -13.36 0.10
CA GLN C 12 -7.87 -12.13 -0.43
C GLN C 12 -9.31 -11.84 0.03
N THR C 13 -10.05 -12.86 0.45
CA THR C 13 -11.48 -12.70 0.69
C THR C 13 -12.08 -13.24 1.99
N SER C 14 -11.29 -13.87 2.86
CA SER C 14 -11.92 -14.63 3.96
C SER C 14 -12.65 -13.80 5.02
N ARG C 15 -12.19 -12.56 5.27
CA ARG C 15 -12.75 -11.67 6.30
C ARG C 15 -12.67 -12.25 7.73
N PRO C 16 -11.46 -12.30 8.30
CA PRO C 16 -11.25 -12.91 9.62
C PRO C 16 -11.97 -12.19 10.76
N ASP C 17 -12.42 -10.96 10.50
CA ASP C 17 -13.09 -10.16 11.51
C ASP C 17 -14.61 -10.41 11.51
N VAL C 18 -15.10 -11.17 10.53
CA VAL C 18 -16.53 -11.31 10.33
C VAL C 18 -17.08 -12.71 10.67
N ILE C 19 -17.88 -12.78 11.73
CA ILE C 19 -18.51 -14.05 12.11
C ILE C 19 -19.42 -14.56 10.99
N PRO C 20 -19.21 -15.80 10.53
CA PRO C 20 -19.93 -16.27 9.34
C PRO C 20 -21.31 -16.83 9.68
N THR C 21 -22.17 -16.02 10.29
CA THR C 21 -23.54 -16.44 10.55
C THR C 21 -24.29 -16.63 9.23
N GLN C 22 -25.15 -17.64 9.18
CA GLN C 22 -25.97 -17.89 8.00
C GLN C 22 -27.45 -17.63 8.32
N ARG C 23 -28.00 -16.58 7.73
CA ARG C 23 -29.44 -16.31 7.83
C ARG C 23 -29.89 -16.11 9.27
N ASP C 24 -29.13 -15.31 10.02
CA ASP C 24 -29.41 -15.03 11.43
C ASP C 24 -29.50 -16.27 12.33
N ARG C 25 -28.89 -17.36 11.88
CA ARG C 25 -28.71 -18.52 12.72
C ARG C 25 -27.29 -18.50 13.32
N PRO C 26 -27.14 -19.02 14.54
CA PRO C 26 -25.81 -19.01 15.18
C PRO C 26 -24.82 -19.92 14.44
N VAL C 27 -23.55 -19.55 14.50
CA VAL C 27 -22.50 -20.45 14.07
C VAL C 27 -22.39 -21.56 15.11
N ALA C 28 -22.59 -22.81 14.68
CA ALA C 28 -22.48 -23.97 15.56
C ALA C 28 -21.04 -24.39 15.72
N VAL C 29 -20.47 -24.14 16.89
CA VAL C 29 -19.10 -24.51 17.17
C VAL C 29 -19.06 -25.76 18.04
N SER C 30 -18.29 -26.77 17.63
CA SER C 30 -18.12 -27.96 18.44
C SER C 30 -16.73 -27.92 19.07
N VAL C 31 -16.66 -28.25 20.36
CA VAL C 31 -15.41 -28.22 21.11
C VAL C 31 -15.27 -29.52 21.88
N SER C 32 -14.07 -30.08 21.85
CA SER C 32 -13.80 -31.33 22.53
C SER C 32 -12.33 -31.29 22.96
N LEU C 33 -12.09 -31.48 24.26
CA LEU C 33 -10.72 -31.48 24.77
C LEU C 33 -10.18 -32.90 24.84
N LYS C 34 -9.03 -33.14 24.21
CA LYS C 34 -8.33 -34.41 24.36
C LYS C 34 -7.17 -34.16 25.29
N PHE C 35 -7.26 -34.68 26.52
CA PHE C 35 -6.22 -34.44 27.52
C PHE C 35 -4.96 -35.24 27.23
N ILE C 36 -3.83 -34.56 27.30
CA ILE C 36 -2.55 -35.15 26.95
C ILE C 36 -1.70 -35.30 28.19
N ASN C 37 -1.78 -34.32 29.10
CA ASN C 37 -0.96 -34.34 30.29
C ASN C 37 -1.51 -33.47 31.41
N ILE C 38 -1.22 -33.88 32.65
CA ILE C 38 -1.50 -33.09 33.84
C ILE C 38 -0.15 -32.94 34.52
N LEU C 39 0.30 -31.69 34.72
CA LEU C 39 1.72 -31.43 34.94
C LEU C 39 2.05 -30.96 36.34
N GLU C 40 1.18 -30.11 36.87
CA GLU C 40 1.30 -29.62 38.23
C GLU C 40 -0.11 -29.64 38.82
N VAL C 41 -0.20 -30.11 40.04
CA VAL C 41 -1.45 -30.15 40.77
C VAL C 41 -1.11 -29.64 42.17
N ASN C 42 -1.92 -28.74 42.70
CA ASN C 42 -1.71 -28.20 44.02
C ASN C 42 -3.02 -28.22 44.77
N GLU C 43 -3.11 -29.14 45.72
CA GLU C 43 -4.34 -29.41 46.45
C GLU C 43 -4.63 -28.34 47.50
N ILE C 44 -3.61 -27.54 47.80
CA ILE C 44 -3.83 -26.46 48.77
C ILE C 44 -4.40 -25.21 48.11
N THR C 45 -3.85 -24.83 46.96
CA THR C 45 -4.33 -23.65 46.26
C THR C 45 -5.44 -23.99 45.28
N ASN C 46 -5.70 -25.28 45.08
CA ASN C 46 -6.70 -25.71 44.10
C ASN C 46 -6.36 -25.22 42.71
N GLU C 47 -5.14 -25.51 42.24
CA GLU C 47 -4.74 -25.09 40.91
C GLU C 47 -4.17 -26.27 40.14
N VAL C 48 -4.33 -26.25 38.82
CA VAL C 48 -3.87 -27.36 37.98
C VAL C 48 -3.28 -26.84 36.67
N ASP C 49 -2.24 -27.51 36.20
CA ASP C 49 -1.52 -27.17 34.98
C ASP C 49 -1.76 -28.33 34.02
N VAL C 50 -2.41 -28.06 32.90
CA VAL C 50 -2.89 -29.12 32.01
C VAL C 50 -2.48 -28.90 30.54
N VAL C 51 -2.19 -29.99 29.82
CA VAL C 51 -1.98 -29.95 28.38
C VAL C 51 -3.10 -30.72 27.70
N PHE C 52 -3.72 -30.10 26.70
CA PHE C 52 -4.81 -30.75 25.96
C PHE C 52 -4.85 -30.30 24.47
N TRP C 53 -5.35 -31.17 23.61
CA TRP C 53 -5.64 -30.78 22.23
C TRP C 53 -7.08 -30.26 22.20
N GLN C 54 -7.25 -29.01 21.75
CA GLN C 54 -8.58 -28.44 21.73
C GLN C 54 -9.17 -28.57 20.33
N GLN C 55 -9.87 -29.68 20.10
CA GLN C 55 -10.48 -29.94 18.81
C GLN C 55 -11.69 -29.04 18.62
N THR C 56 -11.60 -28.15 17.64
CA THR C 56 -12.62 -27.11 17.44
C THR C 56 -13.06 -27.14 15.97
N THR C 57 -14.36 -27.30 15.74
CA THR C 57 -14.89 -27.33 14.37
C THR C 57 -16.07 -26.39 14.21
N TRP C 58 -16.18 -25.81 13.02
CA TRP C 58 -17.31 -24.97 12.65
C TRP C 58 -17.36 -24.86 11.14
N SER C 59 -18.42 -24.26 10.62
CA SER C 59 -18.57 -24.08 9.19
C SER C 59 -18.47 -22.59 8.84
N ASP C 60 -17.73 -22.30 7.77
CA ASP C 60 -17.67 -20.95 7.22
C ASP C 60 -17.80 -21.07 5.69
N ARG C 61 -19.00 -20.85 5.18
CA ARG C 61 -19.29 -21.01 3.74
C ARG C 61 -18.52 -20.04 2.86
N THR C 62 -18.12 -18.89 3.38
CA THR C 62 -17.38 -17.92 2.57
C THR C 62 -16.01 -18.46 2.14
N LEU C 63 -15.59 -19.58 2.72
CA LEU C 63 -14.31 -20.20 2.41
C LEU C 63 -14.44 -21.26 1.32
N ALA C 64 -15.68 -21.64 1.01
CA ALA C 64 -15.95 -22.80 0.16
C ALA C 64 -15.45 -22.62 -1.26
N TRP C 65 -15.09 -23.71 -1.91
CA TRP C 65 -14.76 -23.65 -3.34
C TRP C 65 -15.26 -24.92 -4.04
N ASN C 66 -15.36 -24.84 -5.36
CA ASN C 66 -15.72 -25.98 -6.18
C ASN C 66 -14.54 -26.96 -6.25
N SER C 67 -14.69 -28.12 -5.65
CA SER C 67 -13.57 -29.08 -5.55
C SER C 67 -13.48 -30.04 -6.74
N SER C 68 -14.15 -29.70 -7.84
CA SER C 68 -14.05 -30.47 -9.08
C SER C 68 -12.66 -30.29 -9.66
N HIS C 69 -11.91 -31.39 -9.78
CA HIS C 69 -10.54 -31.38 -10.27
C HIS C 69 -9.62 -30.47 -9.43
N SER C 70 -9.87 -30.45 -8.12
CA SER C 70 -9.15 -29.54 -7.23
C SER C 70 -8.90 -30.25 -5.89
N PRO C 71 -7.91 -29.76 -5.14
CA PRO C 71 -7.69 -30.29 -3.78
C PRO C 71 -8.95 -30.16 -2.94
N ASP C 72 -9.17 -31.15 -2.08
CA ASP C 72 -10.33 -31.18 -1.22
C ASP C 72 -10.14 -30.37 0.06
N GLN C 73 -8.89 -30.14 0.44
CA GLN C 73 -8.57 -29.46 1.71
C GLN C 73 -7.28 -28.67 1.61
N VAL C 74 -7.18 -27.58 2.36
CA VAL C 74 -5.92 -26.86 2.55
C VAL C 74 -5.67 -26.51 4.02
N SER C 75 -4.40 -26.33 4.39
CA SER C 75 -4.08 -25.81 5.72
C SER C 75 -3.88 -24.31 5.61
N VAL C 76 -4.50 -23.57 6.54
CA VAL C 76 -4.53 -22.11 6.48
C VAL C 76 -4.12 -21.53 7.83
N PRO C 77 -3.26 -20.50 7.84
CA PRO C 77 -2.94 -19.84 9.12
C PRO C 77 -4.21 -19.22 9.69
N ILE C 78 -4.44 -19.38 10.99
CA ILE C 78 -5.67 -18.88 11.59
C ILE C 78 -5.82 -17.36 11.47
N SER C 79 -4.70 -16.65 11.29
CA SER C 79 -4.76 -15.21 11.10
C SER C 79 -5.48 -14.84 9.79
N SER C 80 -5.64 -15.81 8.88
CA SER C 80 -6.33 -15.56 7.61
C SER C 80 -7.79 -16.04 7.63
N LEU C 81 -8.28 -16.44 8.80
CA LEU C 81 -9.63 -17.01 8.93
C LEU C 81 -10.34 -16.40 10.12
N TRP C 82 -11.67 -16.40 10.10
CA TRP C 82 -12.42 -16.11 11.31
C TRP C 82 -12.31 -17.35 12.18
N VAL C 83 -12.09 -17.14 13.47
CA VAL C 83 -12.00 -18.19 14.47
C VAL C 83 -12.91 -17.77 15.64
N PRO C 84 -13.65 -18.73 16.23
CA PRO C 84 -14.49 -18.37 17.39
C PRO C 84 -13.64 -17.82 18.54
N ASP C 85 -14.17 -16.82 19.23
CA ASP C 85 -13.45 -16.20 20.35
C ASP C 85 -13.67 -16.98 21.67
N LEU C 86 -13.31 -18.25 21.67
CA LEU C 86 -13.47 -19.10 22.85
C LEU C 86 -12.50 -18.70 23.95
N ALA C 87 -12.95 -18.78 25.20
CA ALA C 87 -12.11 -18.55 26.35
C ALA C 87 -12.50 -19.52 27.48
N ALA C 88 -11.54 -19.85 28.33
CA ALA C 88 -11.82 -20.69 29.48
C ALA C 88 -12.10 -19.77 30.66
N TYR C 89 -13.29 -19.86 31.22
CA TYR C 89 -13.70 -18.94 32.30
C TYR C 89 -12.84 -19.08 33.56
N ASN C 90 -12.31 -20.26 33.83
CA ASN C 90 -11.56 -20.45 35.05
C ASN C 90 -10.05 -20.59 34.81
N ALA C 91 -9.60 -20.17 33.64
CA ALA C 91 -8.17 -20.14 33.35
C ALA C 91 -7.53 -19.07 34.20
N ILE C 92 -6.32 -19.35 34.70
CA ILE C 92 -5.60 -18.33 35.46
C ILE C 92 -4.26 -17.98 34.81
N SER C 93 -4.06 -18.46 33.58
CA SER C 93 -2.93 -18.05 32.77
C SER C 93 -3.47 -17.99 31.35
N LYS C 94 -2.78 -17.28 30.47
CA LYS C 94 -3.23 -17.27 29.08
C LYS C 94 -2.85 -18.59 28.42
N PRO C 95 -3.62 -19.00 27.41
CA PRO C 95 -3.29 -20.30 26.80
C PRO C 95 -1.94 -20.25 26.09
N GLU C 96 -1.10 -21.24 26.35
CA GLU C 96 0.17 -21.36 25.66
C GLU C 96 -0.04 -22.37 24.52
N VAL C 97 -0.09 -21.88 23.28
CA VAL C 97 -0.29 -22.75 22.12
C VAL C 97 1.04 -23.38 21.71
N LEU C 98 1.11 -24.71 21.75
CA LEU C 98 2.37 -25.41 21.56
C LEU C 98 2.65 -25.81 20.11
N THR C 99 1.66 -25.66 19.25
CA THR C 99 1.69 -26.21 17.90
C THR C 99 1.55 -25.13 16.83
N PRO C 100 1.92 -25.44 15.57
CA PRO C 100 1.71 -24.44 14.51
C PRO C 100 0.25 -23.97 14.44
N GLN C 101 0.04 -22.67 14.35
CA GLN C 101 -1.31 -22.14 14.38
C GLN C 101 -2.00 -22.16 13.02
N LEU C 102 -2.27 -23.38 12.55
CA LEU C 102 -2.89 -23.65 11.26
C LEU C 102 -4.21 -24.36 11.47
N ALA C 103 -5.22 -23.95 10.70
CA ALA C 103 -6.49 -24.64 10.64
C ALA C 103 -6.57 -25.42 9.35
N ARG C 104 -7.43 -26.42 9.30
CA ARG C 104 -7.64 -27.18 8.07
C ARG C 104 -9.04 -26.85 7.55
N VAL C 105 -9.10 -26.43 6.28
CA VAL C 105 -10.35 -26.03 5.65
C VAL C 105 -10.71 -27.00 4.54
N VAL C 106 -11.93 -27.53 4.59
CA VAL C 106 -12.45 -28.43 3.58
C VAL C 106 -13.19 -27.60 2.53
N SER C 107 -13.31 -28.12 1.30
CA SER C 107 -13.87 -27.34 0.18
C SER C 107 -15.32 -26.88 0.38
N ASP C 108 -16.06 -27.57 1.23
CA ASP C 108 -17.42 -27.14 1.58
C ASP C 108 -17.47 -26.07 2.69
N GLY C 109 -16.31 -25.64 3.19
CA GLY C 109 -16.28 -24.60 4.22
C GLY C 109 -16.17 -25.10 5.67
N GLU C 110 -16.11 -26.41 5.88
CA GLU C 110 -15.88 -26.97 7.22
C GLU C 110 -14.44 -26.71 7.68
N VAL C 111 -14.29 -26.13 8.86
CA VAL C 111 -12.98 -25.85 9.42
C VAL C 111 -12.68 -26.71 10.64
N LEU C 112 -11.46 -27.25 10.71
CA LEU C 112 -10.94 -27.84 11.95
C LEU C 112 -9.71 -27.05 12.42
N TYR C 113 -9.75 -26.59 13.67
CA TYR C 113 -8.59 -26.00 14.33
C TYR C 113 -8.37 -26.77 15.63
N MET C 114 -7.18 -27.32 15.81
CA MET C 114 -6.93 -28.23 16.89
C MET C 114 -5.54 -28.00 17.48
N PRO C 115 -5.38 -26.89 18.21
CA PRO C 115 -4.07 -26.61 18.80
C PRO C 115 -3.83 -27.46 20.05
N SER C 116 -2.56 -27.73 20.34
CA SER C 116 -2.20 -28.28 21.64
C SER C 116 -1.94 -27.09 22.54
N ILE C 117 -2.64 -27.07 23.68
CA ILE C 117 -2.58 -25.95 24.59
C ILE C 117 -2.12 -26.36 25.99
N ARG C 118 -1.22 -25.60 26.57
CA ARG C 118 -0.91 -25.73 27.98
C ARG C 118 -1.47 -24.50 28.70
N GLN C 119 -2.22 -24.76 29.76
CA GLN C 119 -2.90 -23.69 30.47
C GLN C 119 -3.10 -24.08 31.93
N ARG C 120 -3.15 -23.08 32.79
CA ARG C 120 -3.37 -23.27 34.22
C ARG C 120 -4.79 -22.86 34.60
N PHE C 121 -5.42 -23.67 35.45
CA PHE C 121 -6.82 -23.49 35.82
C PHE C 121 -7.02 -23.45 37.32
N SER C 122 -8.03 -22.72 37.74
CA SER C 122 -8.54 -22.77 39.09
C SER C 122 -9.73 -23.73 39.12
N CYS C 123 -9.61 -24.80 39.91
CA CYS C 123 -10.67 -25.81 39.96
C CYS C 123 -10.51 -26.72 41.18
N ASP C 124 -11.47 -27.62 41.39
CA ASP C 124 -11.48 -28.42 42.61
C ASP C 124 -10.48 -29.56 42.53
N VAL C 125 -9.39 -29.42 43.28
CA VAL C 125 -8.32 -30.43 43.27
C VAL C 125 -8.49 -31.45 44.41
N SER C 126 -9.42 -31.18 45.32
CA SER C 126 -9.60 -32.05 46.49
C SER C 126 -9.91 -33.50 46.09
N GLY C 127 -9.22 -34.43 46.76
CA GLY C 127 -9.43 -35.84 46.50
C GLY C 127 -8.49 -36.42 45.45
N VAL C 128 -7.51 -35.64 45.01
CA VAL C 128 -6.62 -36.07 43.94
C VAL C 128 -5.83 -37.30 44.32
N ASP C 129 -5.50 -37.42 45.61
CA ASP C 129 -4.68 -38.52 46.10
C ASP C 129 -5.52 -39.59 46.77
N THR C 130 -6.75 -39.76 46.29
CA THR C 130 -7.65 -40.80 46.77
C THR C 130 -8.15 -41.64 45.61
N GLU C 131 -8.85 -42.73 45.92
CA GLU C 131 -9.32 -43.65 44.89
C GLU C 131 -10.37 -43.00 43.98
N SER C 132 -11.21 -42.16 44.56
CA SER C 132 -12.24 -41.47 43.79
C SER C 132 -11.64 -40.38 42.89
N GLY C 133 -10.48 -39.86 43.28
CA GLY C 133 -9.83 -38.84 42.50
C GLY C 133 -10.48 -37.47 42.62
N ALA C 134 -9.85 -36.46 42.01
CA ALA C 134 -10.40 -35.12 41.95
C ALA C 134 -11.23 -34.94 40.70
N THR C 135 -12.18 -34.02 40.73
CA THR C 135 -12.89 -33.63 39.51
C THR C 135 -12.70 -32.14 39.22
N CYS C 136 -11.88 -31.87 38.21
CA CYS C 136 -11.62 -30.51 37.79
C CYS C 136 -12.54 -30.15 36.62
N ARG C 137 -13.30 -29.08 36.79
CA ARG C 137 -14.26 -28.66 35.78
C ARG C 137 -13.73 -27.44 34.99
N ILE C 138 -13.60 -27.61 33.68
CA ILE C 138 -13.13 -26.53 32.80
C ILE C 138 -14.26 -26.00 31.94
N LYS C 139 -14.51 -24.69 32.05
CA LYS C 139 -15.65 -24.07 31.39
C LYS C 139 -15.19 -23.20 30.21
N ILE C 140 -15.64 -23.54 29.00
CA ILE C 140 -15.20 -22.86 27.78
C ILE C 140 -16.38 -22.37 26.96
N GLY C 141 -16.33 -21.11 26.56
CA GLY C 141 -17.37 -20.57 25.70
C GLY C 141 -16.94 -19.29 25.01
N SER C 142 -17.79 -18.78 24.13
CA SER C 142 -17.51 -17.51 23.44
C SER C 142 -17.49 -16.37 24.43
N TRP C 143 -16.49 -15.49 24.30
CA TRP C 143 -16.36 -14.38 25.24
C TRP C 143 -17.32 -13.22 24.92
N THR C 144 -17.55 -12.95 23.63
CA THR C 144 -18.32 -11.78 23.23
C THR C 144 -19.56 -12.04 22.36
N HIS C 145 -19.76 -13.29 21.95
CA HIS C 145 -20.91 -13.65 21.09
C HIS C 145 -21.96 -14.45 21.86
N HIS C 146 -23.17 -13.90 21.95
CA HIS C 146 -24.26 -14.58 22.65
C HIS C 146 -24.84 -15.74 21.84
N SER C 147 -25.86 -16.38 22.40
CA SER C 147 -26.35 -17.67 21.90
C SER C 147 -26.98 -17.62 20.53
N ARG C 148 -27.37 -16.43 20.08
CA ARG C 148 -27.92 -16.29 18.73
C ARG C 148 -26.83 -16.06 17.69
N GLU C 149 -25.59 -15.94 18.14
CA GLU C 149 -24.47 -15.72 17.23
C GLU C 149 -23.52 -16.91 17.24
N ILE C 150 -23.25 -17.44 18.43
CA ILE C 150 -22.45 -18.64 18.55
C ILE C 150 -23.12 -19.63 19.49
N SER C 151 -23.30 -20.86 19.02
CA SER C 151 -23.66 -21.93 19.93
C SER C 151 -22.44 -22.84 20.09
N VAL C 152 -22.30 -23.43 21.27
CA VAL C 152 -21.20 -24.33 21.52
C VAL C 152 -21.70 -25.68 22.01
N ASP C 153 -21.21 -26.75 21.42
CA ASP C 153 -21.62 -28.10 21.78
C ASP C 153 -20.43 -29.05 21.90
N PRO C 154 -20.53 -30.04 22.80
CA PRO C 154 -19.53 -31.11 22.79
C PRO C 154 -19.76 -32.01 21.56
N THR C 155 -18.68 -32.61 21.03
CA THR C 155 -18.79 -33.43 19.82
C THR C 155 -19.58 -34.71 20.08
N SER C 159 -15.23 -41.91 22.47
CA SER C 159 -13.82 -42.32 22.44
C SER C 159 -13.22 -42.50 23.83
N ASP C 160 -12.07 -43.16 23.89
CA ASP C 160 -11.33 -43.31 25.14
C ASP C 160 -10.85 -41.94 25.62
N ASP C 161 -11.14 -41.63 26.88
CA ASP C 161 -10.74 -40.37 27.50
C ASP C 161 -9.23 -40.28 27.64
N SER C 162 -8.64 -41.39 28.09
CA SER C 162 -7.20 -41.51 28.24
C SER C 162 -6.53 -41.82 26.92
N GLU C 163 -7.22 -41.62 25.80
CA GLU C 163 -6.69 -42.15 24.56
C GLU C 163 -5.28 -41.60 24.20
N TYR C 164 -5.10 -40.30 24.33
CA TYR C 164 -3.81 -39.71 24.01
C TYR C 164 -3.06 -39.25 25.25
N PHE C 165 -3.57 -39.61 26.42
CA PHE C 165 -2.97 -39.18 27.67
C PHE C 165 -1.60 -39.85 27.88
N SER C 166 -0.62 -39.04 28.27
CA SER C 166 0.72 -39.54 28.45
C SER C 166 0.82 -40.60 29.55
N GLN C 167 1.45 -41.72 29.24
CA GLN C 167 1.70 -42.77 30.22
C GLN C 167 2.72 -42.33 31.26
N TYR C 168 3.43 -41.23 30.99
CA TYR C 168 4.51 -40.81 31.87
C TYR C 168 4.10 -39.71 32.85
N SER C 169 2.83 -39.31 32.80
CA SER C 169 2.30 -38.38 33.78
C SER C 169 2.26 -39.04 35.17
N ARG C 170 2.34 -38.23 36.22
CA ARG C 170 2.17 -38.71 37.58
C ARG C 170 0.72 -39.00 37.87
N PHE C 171 -0.16 -38.59 36.96
CA PHE C 171 -1.58 -38.72 37.18
C PHE C 171 -2.19 -39.67 36.16
N GLU C 172 -3.43 -40.08 36.41
CA GLU C 172 -4.16 -40.89 35.46
C GLU C 172 -5.59 -40.40 35.40
N ILE C 173 -6.22 -40.57 34.25
CA ILE C 173 -7.59 -40.11 34.05
C ILE C 173 -8.58 -41.23 34.32
N LEU C 174 -9.58 -40.94 35.15
CA LEU C 174 -10.62 -41.90 35.49
C LEU C 174 -11.81 -41.75 34.58
N ASP C 175 -12.15 -40.51 34.25
CA ASP C 175 -13.30 -40.23 33.41
C ASP C 175 -13.26 -38.79 32.90
N VAL C 176 -13.81 -38.58 31.71
CA VAL C 176 -14.04 -37.22 31.20
C VAL C 176 -15.49 -37.11 30.71
N THR C 177 -16.23 -36.14 31.24
CA THR C 177 -17.60 -35.92 30.79
C THR C 177 -17.80 -34.46 30.38
N GLN C 178 -18.74 -34.24 29.48
CA GLN C 178 -19.10 -32.89 29.05
C GLN C 178 -20.54 -32.54 29.36
N LYS C 179 -20.81 -31.24 29.41
CA LYS C 179 -22.14 -30.74 29.68
C LYS C 179 -22.23 -29.36 29.04
N LYS C 180 -23.33 -29.11 28.35
CA LYS C 180 -23.57 -27.82 27.72
C LYS C 180 -24.41 -26.94 28.65
N ASN C 181 -24.10 -25.65 28.70
CA ASN C 181 -24.86 -24.70 29.53
C ASN C 181 -25.13 -23.42 28.78
N SER C 182 -26.11 -22.67 29.25
CA SER C 182 -26.44 -21.40 28.67
C SER C 182 -26.63 -20.50 29.88
N VAL C 183 -25.89 -19.39 29.93
CA VAL C 183 -25.87 -18.54 31.11
C VAL C 183 -26.05 -17.07 30.77
N THR C 184 -26.84 -16.37 31.59
CA THR C 184 -26.93 -14.93 31.50
C THR C 184 -26.11 -14.29 32.61
N TYR C 185 -25.24 -13.35 32.26
CA TYR C 185 -24.38 -12.67 33.23
C TYR C 185 -24.94 -11.30 33.53
N SER C 186 -24.60 -10.76 34.70
CA SER C 186 -25.08 -9.45 35.13
C SER C 186 -24.73 -8.30 34.19
N CYS C 187 -23.61 -8.42 33.49
CA CYS C 187 -23.13 -7.40 32.57
C CYS C 187 -24.06 -7.17 31.38
N CYS C 188 -24.69 -8.22 30.90
CA CYS C 188 -25.32 -8.17 29.57
CA CYS C 188 -25.37 -8.11 29.61
C CYS C 188 -26.66 -8.92 29.57
N PRO C 189 -27.64 -8.44 28.77
CA PRO C 189 -28.99 -9.03 28.75
C PRO C 189 -29.11 -10.39 28.07
N GLU C 190 -28.14 -10.79 27.27
CA GLU C 190 -28.28 -12.00 26.46
CA GLU C 190 -28.31 -12.01 26.49
C GLU C 190 -27.69 -13.25 27.14
N ALA C 191 -27.99 -14.41 26.60
CA ALA C 191 -27.44 -15.67 27.11
C ALA C 191 -26.16 -16.07 26.37
N TYR C 192 -25.20 -16.65 27.09
CA TYR C 192 -23.93 -17.09 26.53
C TYR C 192 -23.75 -18.58 26.78
N GLU C 193 -23.49 -19.34 25.73
CA GLU C 193 -23.34 -20.78 25.88
C GLU C 193 -21.91 -21.15 26.23
N ASP C 194 -21.76 -22.26 26.95
CA ASP C 194 -20.46 -22.81 27.28
C ASP C 194 -20.52 -24.34 27.32
N VAL C 195 -19.36 -24.96 27.24
CA VAL C 195 -19.26 -26.38 27.50
C VAL C 195 -18.44 -26.51 28.75
N GLU C 196 -18.92 -27.32 29.71
CA GLU C 196 -18.14 -27.61 30.90
C GLU C 196 -17.60 -29.02 30.76
N VAL C 197 -16.29 -29.12 30.82
CA VAL C 197 -15.61 -30.41 30.70
C VAL C 197 -15.14 -30.83 32.08
N SER C 198 -15.64 -31.96 32.55
CA SER C 198 -15.25 -32.45 33.86
C SER C 198 -14.19 -33.51 33.74
N LEU C 199 -13.01 -33.20 34.28
CA LEU C 199 -11.89 -34.12 34.23
C LEU C 199 -11.71 -34.81 35.59
N ASN C 200 -12.01 -36.10 35.63
CA ASN C 200 -11.89 -36.89 36.86
C ASN C 200 -10.54 -37.62 36.81
N PHE C 201 -9.63 -37.27 37.71
CA PHE C 201 -8.28 -37.78 37.64
C PHE C 201 -7.71 -38.02 39.04
N ARG C 202 -6.62 -38.78 39.12
CA ARG C 202 -5.98 -39.01 40.41
C ARG C 202 -4.49 -39.30 40.28
N LYS C 203 -3.76 -39.15 41.38
CA LYS C 203 -2.35 -39.51 41.40
C LYS C 203 -2.23 -41.03 41.31
N LYS C 204 -1.28 -41.51 40.51
CA LYS C 204 -1.07 -42.96 40.40
C LYS C 204 -0.57 -43.57 41.71
N LEU D 1 -27.36 -2.86 5.52
CA LEU D 1 -26.07 -3.16 6.14
C LEU D 1 -26.08 -4.54 6.78
N ASP D 2 -25.08 -5.36 6.46
CA ASP D 2 -24.83 -6.56 7.25
C ASP D 2 -23.56 -6.39 8.05
N ARG D 3 -23.19 -7.42 8.80
CA ARG D 3 -22.03 -7.37 9.68
C ARG D 3 -20.75 -7.06 8.94
N ALA D 4 -20.57 -7.66 7.77
CA ALA D 4 -19.39 -7.41 6.95
C ALA D 4 -19.25 -5.95 6.59
N ASP D 5 -20.35 -5.30 6.21
CA ASP D 5 -20.33 -3.86 5.88
C ASP D 5 -19.99 -3.00 7.09
N ILE D 6 -20.67 -3.27 8.20
CA ILE D 6 -20.44 -2.52 9.44
C ILE D 6 -18.97 -2.62 9.87
N LEU D 7 -18.42 -3.83 9.89
CA LEU D 7 -17.03 -4.04 10.29
C LEU D 7 -16.02 -3.44 9.32
N TYR D 8 -16.32 -3.53 8.02
CA TYR D 8 -15.54 -2.84 6.99
C TYR D 8 -15.54 -1.33 7.26
N ASN D 9 -16.71 -0.75 7.44
CA ASN D 9 -16.82 0.69 7.71
C ASN D 9 -16.07 1.12 8.97
N ILE D 10 -16.20 0.35 10.04
CA ILE D 10 -15.50 0.65 11.28
C ILE D 10 -13.98 0.60 11.08
N ARG D 11 -13.51 -0.44 10.42
CA ARG D 11 -12.09 -0.60 10.16
C ARG D 11 -11.51 0.57 9.33
N GLN D 12 -12.28 1.06 8.35
CA GLN D 12 -11.86 2.19 7.49
C GLN D 12 -11.92 3.58 8.14
N THR D 13 -12.75 3.77 9.16
CA THR D 13 -13.02 5.13 9.65
C THR D 13 -12.94 5.40 11.16
N SER D 14 -12.68 4.39 11.98
CA SER D 14 -12.92 4.56 13.43
C SER D 14 -11.97 5.54 14.14
N ARG D 15 -10.73 5.66 13.64
CA ARG D 15 -9.71 6.54 14.22
C ARG D 15 -9.34 6.17 15.67
N PRO D 16 -8.65 5.05 15.85
CA PRO D 16 -8.34 4.55 17.20
C PRO D 16 -7.42 5.50 17.99
N ASP D 17 -6.79 6.44 17.30
CA ASP D 17 -5.90 7.38 17.99
C ASP D 17 -6.63 8.61 18.54
N VAL D 18 -7.92 8.73 18.21
CA VAL D 18 -8.65 9.96 18.47
C VAL D 18 -9.70 9.81 19.54
N ILE D 19 -9.52 10.48 20.67
CA ILE D 19 -10.49 10.45 21.74
C ILE D 19 -11.82 11.05 21.27
N PRO D 20 -12.94 10.33 21.46
CA PRO D 20 -14.19 10.80 20.86
C PRO D 20 -14.95 11.76 21.78
N THR D 21 -14.30 12.87 22.15
CA THR D 21 -14.99 13.90 22.90
C THR D 21 -16.10 14.52 22.06
N GLN D 22 -17.22 14.86 22.73
CA GLN D 22 -18.34 15.51 22.07
C GLN D 22 -18.52 16.92 22.60
N ARG D 23 -18.24 17.92 21.76
CA ARG D 23 -18.51 19.31 22.10
C ARG D 23 -17.74 19.76 23.33
N ASP D 24 -16.46 19.41 23.38
CA ASP D 24 -15.58 19.74 24.49
C ASP D 24 -16.06 19.24 25.86
N ARG D 25 -16.93 18.23 25.85
CA ARG D 25 -17.30 17.53 27.08
C ARG D 25 -16.45 16.26 27.18
N PRO D 26 -16.12 15.85 28.41
CA PRO D 26 -15.29 14.65 28.58
C PRO D 26 -15.99 13.38 28.10
N VAL D 27 -15.21 12.39 27.69
CA VAL D 27 -15.76 11.06 27.45
C VAL D 27 -16.00 10.43 28.81
N ALA D 28 -17.26 10.09 29.09
CA ALA D 28 -17.61 9.43 30.35
C ALA D 28 -17.34 7.95 30.28
N VAL D 29 -16.29 7.53 30.97
CA VAL D 29 -15.93 6.12 31.06
C VAL D 29 -16.42 5.52 32.39
N SER D 30 -17.12 4.38 32.31
CA SER D 30 -17.52 3.64 33.50
C SER D 30 -16.62 2.41 33.63
N VAL D 31 -16.17 2.15 34.86
CA VAL D 31 -15.29 1.03 35.13
C VAL D 31 -15.80 0.30 36.36
N SER D 32 -15.80 -1.02 36.28
CA SER D 32 -16.28 -1.86 37.37
C SER D 32 -15.45 -3.14 37.34
N LEU D 33 -14.85 -3.50 38.47
CA LEU D 33 -14.07 -4.71 38.53
C LEU D 33 -14.89 -5.85 39.11
N LYS D 34 -14.99 -6.97 38.37
CA LYS D 34 -15.63 -8.17 38.92
C LYS D 34 -14.52 -9.14 39.32
N PHE D 35 -14.27 -9.28 40.60
CA PHE D 35 -13.19 -10.16 41.06
C PHE D 35 -13.50 -11.64 40.85
N ILE D 36 -12.55 -12.36 40.29
CA ILE D 36 -12.74 -13.76 39.95
C ILE D 36 -11.86 -14.62 40.84
N ASN D 37 -10.66 -14.13 41.14
CA ASN D 37 -9.73 -14.89 41.95
C ASN D 37 -8.66 -14.05 42.64
N ILE D 38 -8.21 -14.55 43.79
CA ILE D 38 -7.06 -13.99 44.49
C ILE D 38 -6.09 -15.15 44.62
N LEU D 39 -4.91 -15.00 44.04
CA LEU D 39 -4.07 -16.18 43.77
C LEU D 39 -2.88 -16.28 44.68
N GLU D 40 -2.40 -15.15 45.13
CA GLU D 40 -1.25 -15.18 45.97
C GLU D 40 -1.27 -13.87 46.67
N VAL D 41 -0.92 -13.91 47.95
CA VAL D 41 -0.95 -12.75 48.79
C VAL D 41 0.34 -12.87 49.56
N ASN D 42 0.96 -11.75 49.91
CA ASN D 42 2.15 -11.78 50.75
C ASN D 42 2.10 -10.64 51.75
N GLU D 43 1.91 -10.98 53.02
CA GLU D 43 1.67 -9.96 54.04
C GLU D 43 2.93 -9.21 54.45
N ILE D 44 4.07 -9.80 54.14
CA ILE D 44 5.34 -9.15 54.44
C ILE D 44 5.63 -8.07 53.41
N THR D 45 5.44 -8.40 52.13
CA THR D 45 5.76 -7.48 51.05
C THR D 45 4.60 -6.56 50.66
N ASN D 46 3.40 -6.86 51.15
CA ASN D 46 2.20 -6.11 50.79
C ASN D 46 1.91 -6.17 49.28
N GLU D 47 1.88 -7.38 48.75
CA GLU D 47 1.65 -7.63 47.34
C GLU D 47 0.55 -8.66 47.16
N VAL D 48 -0.24 -8.47 46.12
CA VAL D 48 -1.34 -9.36 45.87
C VAL D 48 -1.42 -9.65 44.38
N ASP D 49 -1.83 -10.86 44.05
CA ASP D 49 -1.96 -11.30 42.67
C ASP D 49 -3.44 -11.62 42.45
N VAL D 50 -4.08 -10.90 41.55
CA VAL D 50 -5.55 -10.89 41.43
C VAL D 50 -6.01 -11.13 39.97
N VAL D 51 -7.12 -11.86 39.81
CA VAL D 51 -7.78 -11.99 38.53
C VAL D 51 -9.15 -11.32 38.60
N PHE D 52 -9.47 -10.47 37.62
CA PHE D 52 -10.73 -9.74 37.60
C PHE D 52 -11.20 -9.48 36.18
N TRP D 53 -12.51 -9.36 35.98
CA TRP D 53 -13.05 -8.88 34.72
C TRP D 53 -13.19 -7.38 34.84
N GLN D 54 -12.57 -6.65 33.93
CA GLN D 54 -12.62 -5.19 33.96
C GLN D 54 -13.68 -4.68 33.03
N GLN D 55 -14.90 -4.54 33.54
CA GLN D 55 -16.02 -4.06 32.72
C GLN D 55 -15.86 -2.58 32.45
N THR D 56 -15.68 -2.22 31.18
CA THR D 56 -15.39 -0.86 30.80
C THR D 56 -16.35 -0.42 29.71
N THR D 57 -17.06 0.68 29.94
CA THR D 57 -18.01 1.15 28.95
C THR D 57 -17.81 2.64 28.65
N TRP D 58 -18.06 3.02 27.40
CA TRP D 58 -18.04 4.42 27.02
C TRP D 58 -18.79 4.56 25.69
N SER D 59 -18.98 5.79 25.27
CA SER D 59 -19.68 6.06 24.03
C SER D 59 -18.71 6.64 22.98
N ASP D 60 -18.80 6.14 21.76
CA ASP D 60 -18.06 6.71 20.63
C ASP D 60 -18.99 6.84 19.42
N ARG D 61 -19.56 8.03 19.23
CA ARG D 61 -20.56 8.24 18.17
C ARG D 61 -20.02 8.03 16.76
N THR D 62 -18.72 8.17 16.58
CA THR D 62 -18.14 7.96 15.25
C THR D 62 -18.26 6.51 14.80
N LEU D 63 -18.67 5.62 15.71
CA LEU D 63 -18.85 4.20 15.39
C LEU D 63 -20.30 3.88 14.99
N ALA D 64 -21.21 4.81 15.28
CA ALA D 64 -22.64 4.56 15.14
C ALA D 64 -23.06 4.25 13.71
N TRP D 65 -24.13 3.47 13.56
CA TRP D 65 -24.72 3.24 12.24
C TRP D 65 -26.23 3.13 12.38
N ASN D 66 -26.93 3.28 11.26
CA ASN D 66 -28.37 3.13 11.20
C ASN D 66 -28.72 1.64 11.28
N SER D 67 -29.32 1.22 12.39
CA SER D 67 -29.60 -0.21 12.62
C SER D 67 -30.93 -0.68 12.02
N SER D 68 -31.51 0.12 11.13
CA SER D 68 -32.72 -0.29 10.42
C SER D 68 -32.39 -1.45 9.48
N HIS D 69 -33.04 -2.59 9.70
CA HIS D 69 -32.77 -3.81 8.91
C HIS D 69 -31.31 -4.22 8.94
N SER D 70 -30.67 -4.01 10.09
CA SER D 70 -29.25 -4.28 10.25
C SER D 70 -28.97 -4.85 11.63
N PRO D 71 -27.83 -5.55 11.77
CA PRO D 71 -27.44 -6.04 13.10
C PRO D 71 -27.35 -4.88 14.08
N ASP D 72 -27.72 -5.13 15.33
CA ASP D 72 -27.69 -4.08 16.35
C ASP D 72 -26.32 -3.96 17.02
N GLN D 73 -25.49 -5.01 16.91
CA GLN D 73 -24.18 -5.04 17.58
C GLN D 73 -23.15 -5.86 16.79
N VAL D 74 -21.87 -5.50 16.91
CA VAL D 74 -20.79 -6.32 16.37
C VAL D 74 -19.65 -6.39 17.39
N SER D 75 -18.83 -7.43 17.29
CA SER D 75 -17.60 -7.54 18.07
C SER D 75 -16.43 -7.06 17.22
N VAL D 76 -15.60 -6.19 17.80
CA VAL D 76 -14.54 -5.52 17.08
C VAL D 76 -13.23 -5.67 17.85
N PRO D 77 -12.13 -6.01 17.14
CA PRO D 77 -10.82 -6.01 17.83
C PRO D 77 -10.51 -4.63 18.38
N ILE D 78 -9.99 -4.53 19.59
CA ILE D 78 -9.76 -3.21 20.18
C ILE D 78 -8.71 -2.39 19.44
N SER D 79 -7.91 -3.05 18.62
CA SER D 79 -6.93 -2.34 17.80
C SER D 79 -7.60 -1.51 16.71
N SER D 80 -8.88 -1.76 16.46
CA SER D 80 -9.62 -1.01 15.46
C SER D 80 -10.49 0.08 16.06
N LEU D 81 -10.37 0.33 17.37
CA LEU D 81 -11.13 1.43 17.91
CA LEU D 81 -11.20 1.30 18.07
C LEU D 81 -10.36 2.16 18.97
N TRP D 82 -10.87 3.33 19.35
CA TRP D 82 -10.26 4.08 20.43
C TRP D 82 -10.67 3.40 21.73
N VAL D 83 -9.73 3.29 22.67
CA VAL D 83 -9.98 2.69 23.97
C VAL D 83 -9.37 3.64 24.99
N PRO D 84 -10.05 3.84 26.13
CA PRO D 84 -9.49 4.75 27.14
C PRO D 84 -8.14 4.23 27.66
N ASP D 85 -7.22 5.14 27.95
CA ASP D 85 -5.89 4.76 28.41
C ASP D 85 -5.87 4.57 29.93
N LEU D 86 -6.66 3.63 30.41
CA LEU D 86 -6.72 3.37 31.85
C LEU D 86 -5.47 2.66 32.35
N ALA D 87 -5.01 3.05 33.53
CA ALA D 87 -3.93 2.33 34.20
C ALA D 87 -4.22 2.21 35.68
N ALA D 88 -3.74 1.13 36.29
CA ALA D 88 -3.82 1.00 37.73
C ALA D 88 -2.56 1.60 38.35
N TYR D 89 -2.72 2.64 39.17
CA TYR D 89 -1.60 3.35 39.76
C TYR D 89 -0.71 2.48 40.64
N ASN D 90 -1.29 1.49 41.33
CA ASN D 90 -0.51 0.66 42.25
C ASN D 90 -0.20 -0.73 41.70
N ALA D 91 -0.41 -0.95 40.41
CA ALA D 91 0.04 -2.18 39.76
C ALA D 91 1.54 -2.27 39.81
N ILE D 92 2.05 -3.48 39.98
CA ILE D 92 3.49 -3.68 39.98
C ILE D 92 3.90 -4.70 38.92
N SER D 93 2.95 -5.01 38.04
CA SER D 93 3.22 -5.83 36.87
C SER D 93 2.31 -5.31 35.78
N LYS D 94 2.63 -5.58 34.54
CA LYS D 94 1.74 -5.14 33.48
C LYS D 94 0.55 -6.07 33.44
N PRO D 95 -0.61 -5.55 33.00
CA PRO D 95 -1.81 -6.40 32.99
C PRO D 95 -1.66 -7.56 32.00
N GLU D 96 -1.94 -8.76 32.47
CA GLU D 96 -1.94 -9.93 31.60
C GLU D 96 -3.39 -10.18 31.20
N VAL D 97 -3.72 -9.90 29.94
CA VAL D 97 -5.07 -10.06 29.45
C VAL D 97 -5.27 -11.53 29.07
N LEU D 98 -6.23 -12.20 29.71
CA LEU D 98 -6.42 -13.63 29.52
C LEU D 98 -7.44 -14.01 28.42
N THR D 99 -8.15 -13.01 27.89
CA THR D 99 -9.29 -13.26 27.00
C THR D 99 -9.06 -12.60 25.63
N PRO D 100 -9.84 -13.03 24.61
CA PRO D 100 -9.75 -12.36 23.29
C PRO D 100 -9.97 -10.88 23.39
N GLN D 101 -9.11 -10.09 22.73
CA GLN D 101 -9.16 -8.64 22.91
C GLN D 101 -10.17 -8.00 21.95
N LEU D 102 -11.44 -8.29 22.24
CA LEU D 102 -12.57 -7.82 21.45
C LEU D 102 -13.49 -6.94 22.28
N ALA D 103 -13.95 -5.84 21.70
CA ALA D 103 -14.97 -5.02 22.34
C ALA D 103 -16.28 -5.24 21.61
N ARG D 104 -17.38 -4.93 22.27
CA ARG D 104 -18.69 -5.05 21.63
C ARG D 104 -19.23 -3.64 21.39
N VAL D 105 -19.60 -3.36 20.14
CA VAL D 105 -20.07 -2.05 19.76
C VAL D 105 -21.55 -2.13 19.39
N VAL D 106 -22.37 -1.30 20.03
CA VAL D 106 -23.79 -1.18 19.70
C VAL D 106 -23.99 -0.11 18.62
N SER D 107 -25.07 -0.21 17.84
CA SER D 107 -25.29 0.68 16.70
C SER D 107 -25.37 2.18 17.04
N ASP D 108 -25.69 2.50 18.30
CA ASP D 108 -25.69 3.90 18.74
C ASP D 108 -24.30 4.40 19.18
N GLY D 109 -23.29 3.54 19.11
CA GLY D 109 -21.94 3.93 19.47
C GLY D 109 -21.48 3.55 20.88
N GLU D 110 -22.35 2.92 21.65
CA GLU D 110 -21.97 2.45 22.99
C GLU D 110 -21.00 1.27 22.86
N VAL D 111 -19.89 1.33 23.61
CA VAL D 111 -18.88 0.29 23.55
C VAL D 111 -18.74 -0.41 24.90
N LEU D 112 -18.64 -1.73 24.89
CA LEU D 112 -18.28 -2.51 26.06
C LEU D 112 -16.98 -3.24 25.77
N TYR D 113 -15.98 -3.04 26.63
CA TYR D 113 -14.77 -3.86 26.58
C TYR D 113 -14.57 -4.46 27.98
N MET D 114 -14.46 -5.78 28.05
CA MET D 114 -14.47 -6.45 29.34
C MET D 114 -13.48 -7.61 29.41
N PRO D 115 -12.18 -7.28 29.45
CA PRO D 115 -11.17 -8.35 29.46
C PRO D 115 -11.05 -8.96 30.84
N SER D 116 -10.66 -10.23 30.89
CA SER D 116 -10.22 -10.84 32.14
C SER D 116 -8.73 -10.58 32.28
N ILE D 117 -8.36 -9.97 33.39
CA ILE D 117 -7.00 -9.52 33.60
C ILE D 117 -6.41 -10.17 34.84
N ARG D 118 -5.18 -10.66 34.73
CA ARG D 118 -4.40 -11.02 35.90
C ARG D 118 -3.29 -10.00 36.11
N GLN D 119 -3.19 -9.46 37.32
CA GLN D 119 -2.26 -8.38 37.60
C GLN D 119 -1.83 -8.44 39.07
N ARG D 120 -0.62 -7.98 39.34
CA ARG D 120 -0.10 -7.90 40.68
C ARG D 120 -0.13 -6.45 41.18
N PHE D 121 -0.49 -6.27 42.45
CA PHE D 121 -0.65 -4.94 43.04
C PHE D 121 0.09 -4.80 44.36
N SER D 122 0.53 -3.58 44.63
CA SER D 122 1.04 -3.18 45.92
C SER D 122 -0.11 -2.56 46.70
N CYS D 123 -0.49 -3.17 47.82
CA CYS D 123 -1.59 -2.68 48.63
C CYS D 123 -1.57 -3.28 50.06
N ASP D 124 -2.48 -2.81 50.91
CA ASP D 124 -2.47 -3.22 52.31
C ASP D 124 -2.98 -4.64 52.50
N VAL D 125 -2.07 -5.57 52.78
CA VAL D 125 -2.44 -6.97 52.97
C VAL D 125 -2.64 -7.32 54.47
N SER D 126 -2.31 -6.38 55.36
CA SER D 126 -2.38 -6.64 56.79
C SER D 126 -3.81 -7.04 57.20
N GLY D 127 -3.91 -8.10 57.99
CA GLY D 127 -5.19 -8.53 58.53
C GLY D 127 -5.86 -9.58 57.70
N VAL D 128 -5.18 -10.04 56.65
CA VAL D 128 -5.77 -11.00 55.73
C VAL D 128 -6.19 -12.30 56.43
N ASP D 129 -5.45 -12.70 57.46
CA ASP D 129 -5.74 -13.93 58.18
C ASP D 129 -6.52 -13.68 59.48
N THR D 130 -7.34 -12.62 59.49
CA THR D 130 -8.18 -12.31 60.63
C THR D 130 -9.64 -12.23 60.18
N GLU D 131 -10.55 -12.14 61.13
CA GLU D 131 -11.98 -12.09 60.83
C GLU D 131 -12.34 -10.83 60.02
N SER D 132 -11.68 -9.73 60.34
CA SER D 132 -11.96 -8.46 59.67
C SER D 132 -11.41 -8.45 58.24
N GLY D 133 -10.38 -9.25 58.02
CA GLY D 133 -9.76 -9.38 56.72
C GLY D 133 -8.88 -8.20 56.37
N ALA D 134 -8.29 -8.25 55.18
CA ALA D 134 -7.51 -7.14 54.65
C ALA D 134 -8.36 -6.30 53.72
N THR D 135 -7.96 -5.04 53.54
CA THR D 135 -8.60 -4.18 52.55
C THR D 135 -7.56 -3.67 51.55
N CYS D 136 -7.60 -4.26 50.36
CA CYS D 136 -6.68 -3.88 49.29
C CYS D 136 -7.36 -2.87 48.37
N ARG D 137 -6.75 -1.69 48.25
CA ARG D 137 -7.33 -0.62 47.45
C ARG D 137 -6.64 -0.52 46.08
N ILE D 138 -7.42 -0.68 45.01
CA ILE D 138 -6.89 -0.58 43.65
C ILE D 138 -7.37 0.72 42.99
N LYS D 139 -6.42 1.53 42.53
CA LYS D 139 -6.70 2.84 41.96
C LYS D 139 -6.54 2.89 40.43
N ILE D 140 -7.63 3.17 39.71
CA ILE D 140 -7.59 3.11 38.25
C ILE D 140 -8.08 4.41 37.62
N GLY D 141 -7.34 4.92 36.64
CA GLY D 141 -7.73 6.13 35.96
C GLY D 141 -6.96 6.35 34.67
N SER D 142 -7.35 7.36 33.92
CA SER D 142 -6.66 7.70 32.66
C SER D 142 -5.25 8.17 32.96
N TRP D 143 -4.29 7.67 32.19
CA TRP D 143 -2.89 8.03 32.43
C TRP D 143 -2.55 9.41 31.90
N THR D 144 -3.15 9.79 30.76
CA THR D 144 -2.74 11.01 30.03
C THR D 144 -3.87 12.01 29.76
N HIS D 145 -5.12 11.63 30.02
CA HIS D 145 -6.26 12.52 29.79
C HIS D 145 -6.83 13.09 31.09
N HIS D 146 -6.80 14.42 31.22
CA HIS D 146 -7.35 15.08 32.40
C HIS D 146 -8.88 15.10 32.42
N SER D 147 -9.43 15.68 33.49
CA SER D 147 -10.85 15.57 33.77
C SER D 147 -11.78 16.20 32.76
N ARG D 148 -11.26 17.09 31.91
CA ARG D 148 -12.08 17.67 30.85
C ARG D 148 -12.08 16.84 29.58
N GLU D 149 -11.30 15.76 29.57
CA GLU D 149 -11.24 14.87 28.40
C GLU D 149 -11.79 13.49 28.75
N ILE D 150 -11.42 12.98 29.92
CA ILE D 150 -11.97 11.71 30.40
C ILE D 150 -12.46 11.86 31.83
N SER D 151 -13.70 11.45 32.06
CA SER D 151 -14.17 11.27 33.42
C SER D 151 -14.31 9.78 33.68
N VAL D 152 -14.05 9.35 34.90
CA VAL D 152 -14.20 7.94 35.22
C VAL D 152 -15.13 7.76 36.42
N ASP D 153 -16.09 6.84 36.28
CA ASP D 153 -17.08 6.60 37.33
C ASP D 153 -17.28 5.11 37.56
N PRO D 154 -17.64 4.73 38.79
CA PRO D 154 -18.09 3.35 39.00
C PRO D 154 -19.48 3.19 38.43
N THR D 155 -19.85 1.97 38.03
CA THR D 155 -21.17 1.73 37.43
C THR D 155 -22.31 1.84 38.42
N ASP D 160 -23.72 -7.60 43.00
CA ASP D 160 -23.09 -8.53 43.93
C ASP D 160 -21.57 -8.46 43.85
N ASP D 161 -20.93 -8.74 44.99
CA ASP D 161 -19.48 -8.64 45.12
C ASP D 161 -18.77 -9.90 44.65
N SER D 162 -18.98 -10.98 45.39
CA SER D 162 -18.36 -12.26 45.06
C SER D 162 -19.25 -13.07 44.12
N GLU D 163 -19.94 -12.40 43.20
CA GLU D 163 -20.85 -13.11 42.32
C GLU D 163 -20.13 -14.10 41.41
N TYR D 164 -18.99 -13.69 40.85
CA TYR D 164 -18.24 -14.56 39.95
C TYR D 164 -16.94 -15.07 40.57
N PHE D 165 -16.75 -14.77 41.85
CA PHE D 165 -15.54 -15.17 42.56
C PHE D 165 -15.45 -16.69 42.69
N SER D 166 -14.26 -17.22 42.42
CA SER D 166 -14.07 -18.67 42.41
C SER D 166 -14.25 -19.27 43.81
N GLN D 167 -15.06 -20.32 43.90
CA GLN D 167 -15.24 -21.01 45.16
C GLN D 167 -13.98 -21.78 45.56
N TYR D 168 -13.03 -21.92 44.64
CA TYR D 168 -11.84 -22.73 44.90
C TYR D 168 -10.64 -21.91 45.35
N SER D 169 -10.80 -20.59 45.41
CA SER D 169 -9.76 -19.72 45.95
C SER D 169 -9.55 -20.03 47.42
N ARG D 170 -8.34 -19.77 47.92
CA ARG D 170 -8.03 -19.91 49.33
C ARG D 170 -8.65 -18.76 50.10
N PHE D 171 -9.09 -17.73 49.37
CA PHE D 171 -9.58 -16.51 49.99
C PHE D 171 -11.07 -16.36 49.73
N GLU D 172 -11.69 -15.44 50.46
CA GLU D 172 -13.09 -15.12 50.24
C GLU D 172 -13.28 -13.63 50.35
N ILE D 173 -14.26 -13.11 49.62
CA ILE D 173 -14.50 -11.67 49.59
C ILE D 173 -15.58 -11.29 50.60
N LEU D 174 -15.25 -10.32 51.45
CA LEU D 174 -16.20 -9.84 52.45
C LEU D 174 -17.01 -8.66 51.92
N ASP D 175 -16.35 -7.77 51.19
CA ASP D 175 -17.01 -6.60 50.64
C ASP D 175 -16.17 -5.95 49.54
N VAL D 176 -16.84 -5.33 48.58
CA VAL D 176 -16.18 -4.53 47.55
C VAL D 176 -16.89 -3.18 47.49
N THR D 177 -16.15 -2.09 47.71
CA THR D 177 -16.73 -0.76 47.58
C THR D 177 -15.92 0.10 46.62
N GLN D 178 -16.58 1.08 45.99
CA GLN D 178 -15.92 2.01 45.07
C GLN D 178 -15.99 3.46 45.55
N LYS D 179 -15.07 4.27 45.05
CA LYS D 179 -15.02 5.67 45.39
C LYS D 179 -14.35 6.43 44.24
N LYS D 180 -14.95 7.54 43.82
CA LYS D 180 -14.42 8.35 42.75
C LYS D 180 -13.53 9.44 43.34
N ASN D 181 -12.41 9.73 42.69
CA ASN D 181 -11.53 10.81 43.12
C ASN D 181 -11.09 11.67 41.96
N SER D 182 -10.63 12.87 42.28
CA SER D 182 -10.09 13.79 41.28
C SER D 182 -8.83 14.39 41.87
N VAL D 183 -7.70 14.17 41.22
CA VAL D 183 -6.40 14.48 41.82
C VAL D 183 -5.55 15.33 40.88
N THR D 184 -4.87 16.33 41.45
CA THR D 184 -3.83 17.06 40.73
C THR D 184 -2.44 16.58 41.15
N TYR D 185 -1.59 16.22 40.18
CA TYR D 185 -0.26 15.71 40.44
C TYR D 185 0.75 16.81 40.18
N SER D 186 1.93 16.72 40.80
CA SER D 186 2.97 17.74 40.71
C SER D 186 3.42 18.01 39.29
N CYS D 187 3.31 17.00 38.43
CA CYS D 187 3.84 17.04 37.07
CA CYS D 187 3.89 17.11 37.12
C CYS D 187 3.04 17.99 36.19
N CYS D 188 1.74 18.06 36.45
CA CYS D 188 0.83 18.70 35.50
C CYS D 188 -0.21 19.55 36.22
N PRO D 189 -0.63 20.65 35.58
CA PRO D 189 -1.57 21.60 36.20
C PRO D 189 -3.02 21.14 36.32
N GLU D 190 -3.45 20.16 35.53
CA GLU D 190 -4.86 19.77 35.53
C GLU D 190 -5.18 18.63 36.50
N ALA D 191 -6.46 18.35 36.66
CA ALA D 191 -6.94 17.27 37.51
C ALA D 191 -7.18 15.97 36.72
N TYR D 192 -6.87 14.84 37.34
CA TYR D 192 -7.07 13.53 36.74
C TYR D 192 -7.98 12.71 37.64
N GLU D 193 -9.03 12.16 37.07
CA GLU D 193 -9.98 11.35 37.81
C GLU D 193 -9.53 9.88 37.91
N ASP D 194 -9.93 9.24 39.00
CA ASP D 194 -9.70 7.81 39.19
C ASP D 194 -10.88 7.20 39.95
N VAL D 195 -11.00 5.88 39.85
CA VAL D 195 -11.91 5.16 40.70
C VAL D 195 -11.03 4.30 41.58
N GLU D 196 -11.29 4.35 42.89
CA GLU D 196 -10.60 3.48 43.85
C GLU D 196 -11.54 2.36 44.26
N VAL D 197 -11.09 1.14 44.00
CA VAL D 197 -11.87 -0.03 44.32
C VAL D 197 -11.27 -0.68 45.57
N SER D 198 -12.08 -0.81 46.62
CA SER D 198 -11.61 -1.38 47.87
C SER D 198 -12.09 -2.81 48.02
N LEU D 199 -11.13 -3.73 48.01
CA LEU D 199 -11.43 -5.15 48.08
C LEU D 199 -11.15 -5.66 49.50
N ASN D 200 -12.21 -5.96 50.23
CA ASN D 200 -12.11 -6.47 51.58
C ASN D 200 -12.20 -8.00 51.54
N PHE D 201 -11.13 -8.68 51.90
CA PHE D 201 -11.06 -10.13 51.71
C PHE D 201 -10.28 -10.77 52.84
N ARG D 202 -10.41 -12.08 52.98
CA ARG D 202 -9.65 -12.80 54.01
C ARG D 202 -9.42 -14.26 53.64
N LYS D 203 -8.44 -14.87 54.27
CA LYS D 203 -8.19 -16.31 54.08
C LYS D 203 -9.36 -17.07 54.68
N LYS D 204 -9.81 -18.12 54.02
CA LYS D 204 -10.89 -18.94 54.55
C LYS D 204 -10.44 -19.69 55.81
N LEU E 1 -8.89 23.56 13.20
CA LEU E 1 -8.32 22.26 13.51
C LEU E 1 -9.02 21.66 14.72
N ASP E 2 -9.47 20.43 14.60
CA ASP E 2 -9.89 19.68 15.78
C ASP E 2 -8.89 18.56 16.06
N ARG E 3 -9.12 17.81 17.13
CA ARG E 3 -8.21 16.74 17.53
C ARG E 3 -7.92 15.74 16.40
N ALA E 4 -8.96 15.36 15.67
CA ALA E 4 -8.81 14.39 14.57
C ALA E 4 -7.83 14.89 13.51
N ASP E 5 -7.91 16.18 13.18
CA ASP E 5 -7.02 16.79 12.18
C ASP E 5 -5.59 16.83 12.68
N ILE E 6 -5.41 17.32 13.91
CA ILE E 6 -4.09 17.36 14.55
C ILE E 6 -3.43 15.97 14.60
N LEU E 7 -4.18 14.94 15.00
CA LEU E 7 -3.62 13.60 15.14
C LEU E 7 -3.34 12.98 13.77
N TYR E 8 -4.23 13.24 12.82
CA TYR E 8 -3.99 12.85 11.44
C TYR E 8 -2.70 13.48 10.88
N ASN E 9 -2.55 14.78 11.06
CA ASN E 9 -1.34 15.45 10.60
C ASN E 9 -0.07 14.91 11.27
N ILE E 10 -0.13 14.67 12.58
CA ILE E 10 1.03 14.14 13.31
C ILE E 10 1.39 12.76 12.78
N ARG E 11 0.39 11.90 12.61
CA ARG E 11 0.61 10.55 12.11
C ARG E 11 1.25 10.57 10.70
N GLN E 12 0.81 11.50 9.86
CA GLN E 12 1.35 11.60 8.50
C GLN E 12 2.74 12.23 8.38
N THR E 13 3.16 13.05 9.35
CA THR E 13 4.37 13.84 9.17
C THR E 13 5.43 13.89 10.29
N SER E 14 5.20 13.20 11.41
CA SER E 14 6.05 13.43 12.58
C SER E 14 7.50 12.95 12.44
N ARG E 15 7.74 11.90 11.65
CA ARG E 15 9.08 11.32 11.46
C ARG E 15 9.71 10.83 12.77
N PRO E 16 9.20 9.72 13.31
CA PRO E 16 9.68 9.19 14.60
C PRO E 16 11.17 8.77 14.59
N ASP E 17 11.74 8.61 13.41
CA ASP E 17 13.11 8.16 13.23
CA ASP E 17 13.12 8.15 13.36
C ASP E 17 14.10 9.32 13.27
N VAL E 18 13.58 10.53 13.27
CA VAL E 18 14.40 11.71 13.09
C VAL E 18 14.51 12.58 14.33
N ILE E 19 15.71 12.68 14.87
CA ILE E 19 15.93 13.52 16.05
C ILE E 19 15.68 15.00 15.70
N PRO E 20 14.85 15.68 16.49
CA PRO E 20 14.46 17.04 16.08
C PRO E 20 15.45 18.10 16.54
N THR E 21 16.70 18.00 16.12
CA THR E 21 17.68 19.00 16.45
C THR E 21 17.32 20.30 15.72
N GLN E 22 17.54 21.43 16.38
CA GLN E 22 17.31 22.73 15.79
C GLN E 22 18.63 23.47 15.60
N ARG E 23 19.03 23.65 14.34
CA ARG E 23 20.19 24.48 14.00
C ARG E 23 21.46 23.95 14.62
N ASP E 24 21.65 22.64 14.52
CA ASP E 24 22.83 21.95 15.07
C ASP E 24 23.03 22.16 16.58
N ARG E 25 21.95 22.51 17.29
CA ARG E 25 21.95 22.52 18.75
C ARG E 25 21.34 21.22 19.23
N PRO E 26 21.81 20.71 20.39
CA PRO E 26 21.27 19.45 20.90
C PRO E 26 19.80 19.58 21.30
N VAL E 27 19.07 18.47 21.24
CA VAL E 27 17.74 18.42 21.83
C VAL E 27 17.93 18.34 23.35
N ALA E 28 17.39 19.33 24.05
CA ALA E 28 17.46 19.34 25.50
C ALA E 28 16.37 18.47 26.13
N VAL E 29 16.78 17.31 26.66
CA VAL E 29 15.86 16.41 27.33
C VAL E 29 15.97 16.60 28.84
N SER E 30 14.83 16.76 29.50
CA SER E 30 14.79 16.77 30.97
C SER E 30 14.23 15.46 31.46
N VAL E 31 14.88 14.88 32.48
CA VAL E 31 14.46 13.61 33.06
C VAL E 31 14.41 13.74 34.57
N SER E 32 13.34 13.20 35.16
CA SER E 32 13.13 13.25 36.59
C SER E 32 12.39 11.97 36.99
N LEU E 33 12.95 11.24 37.95
CA LEU E 33 12.31 10.01 38.40
C LEU E 33 11.49 10.28 39.65
N LYS E 34 10.20 9.92 39.62
CA LYS E 34 9.36 9.99 40.81
C LYS E 34 9.21 8.57 41.31
N PHE E 35 9.87 8.23 42.42
CA PHE E 35 9.84 6.88 42.94
C PHE E 35 8.49 6.56 43.57
N ILE E 36 7.95 5.40 43.19
CA ILE E 36 6.64 4.96 43.64
C ILE E 36 6.78 3.77 44.61
N ASN E 37 7.72 2.88 44.33
CA ASN E 37 7.88 1.71 45.16
C ASN E 37 9.28 1.11 45.07
N ILE E 38 9.68 0.45 46.15
CA ILE E 38 10.90 -0.36 46.18
C ILE E 38 10.42 -1.73 46.62
N LEU E 39 10.61 -2.75 45.77
CA LEU E 39 9.85 -3.99 45.91
C LEU E 39 10.65 -5.14 46.46
N GLU E 40 11.93 -5.11 46.17
CA GLU E 40 12.85 -6.14 46.62
CA GLU E 40 12.85 -6.11 46.66
C GLU E 40 14.24 -5.50 46.72
N VAL E 41 14.94 -5.83 47.78
CA VAL E 41 16.28 -5.33 47.98
C VAL E 41 17.12 -6.54 48.35
N ASN E 42 18.36 -6.58 47.86
CA ASN E 42 19.28 -7.66 48.22
C ASN E 42 20.62 -7.03 48.55
N GLU E 43 21.03 -7.14 49.81
CA GLU E 43 22.28 -6.50 50.23
C GLU E 43 23.48 -7.35 49.88
N ILE E 44 23.25 -8.61 49.56
CA ILE E 44 24.34 -9.51 49.20
C ILE E 44 24.70 -9.34 47.73
N THR E 45 23.70 -9.46 46.87
CA THR E 45 23.90 -9.29 45.43
C THR E 45 23.98 -7.81 45.01
N ASN E 46 23.54 -6.90 45.89
CA ASN E 46 23.51 -5.47 45.57
C ASN E 46 22.58 -5.17 44.38
N GLU E 47 21.36 -5.65 44.48
CA GLU E 47 20.38 -5.57 43.41
C GLU E 47 19.08 -5.06 44.01
N VAL E 48 18.36 -4.27 43.24
CA VAL E 48 17.14 -3.65 43.72
C VAL E 48 16.09 -3.66 42.61
N ASP E 49 14.82 -3.78 43.01
CA ASP E 49 13.69 -3.84 42.10
C ASP E 49 12.86 -2.59 42.43
N VAL E 50 12.68 -1.71 41.45
CA VAL E 50 12.11 -0.38 41.72
C VAL E 50 10.97 -0.04 40.74
N VAL E 51 9.97 0.68 41.24
CA VAL E 51 8.94 1.26 40.38
C VAL E 51 9.04 2.79 40.46
N PHE E 52 9.05 3.45 39.30
CA PHE E 52 9.13 4.89 39.25
C PHE E 52 8.40 5.46 38.03
N TRP E 53 7.93 6.70 38.15
CA TRP E 53 7.41 7.42 36.99
C TRP E 53 8.57 8.17 36.38
N GLN E 54 8.85 7.92 35.10
CA GLN E 54 9.96 8.59 34.45
C GLN E 54 9.48 9.81 33.66
N GLN E 55 9.44 10.94 34.33
CA GLN E 55 8.99 12.18 33.70
C GLN E 55 10.04 12.67 32.71
N THR E 56 9.67 12.68 31.43
CA THR E 56 10.60 13.01 30.36
C THR E 56 9.98 14.09 29.50
N THR E 57 10.70 15.19 29.32
CA THR E 57 10.20 16.28 28.47
C THR E 57 11.26 16.75 27.49
N TRP E 58 10.80 17.18 26.32
CA TRP E 58 11.66 17.74 25.29
C TRP E 58 10.77 18.46 24.31
N SER E 59 11.41 19.20 23.39
CA SER E 59 10.70 19.95 22.38
C SER E 59 10.92 19.36 20.99
N ASP E 60 9.83 19.26 20.21
CA ASP E 60 9.90 18.84 18.81
C ASP E 60 9.00 19.77 17.97
N ARG E 61 9.62 20.78 17.37
CA ARG E 61 8.87 21.80 16.62
C ARG E 61 8.10 21.24 15.42
N THR E 62 8.57 20.13 14.86
CA THR E 62 7.87 19.54 13.72
C THR E 62 6.46 19.06 14.09
N LEU E 63 6.16 19.02 15.39
CA LEU E 63 4.85 18.59 15.86
C LEU E 63 3.88 19.77 16.04
N ALA E 64 4.43 20.98 16.04
CA ALA E 64 3.69 22.17 16.42
C ALA E 64 2.52 22.47 15.48
N TRP E 65 1.48 23.09 16.00
CA TRP E 65 0.37 23.56 15.18
C TRP E 65 -0.17 24.90 15.69
N ASN E 66 -0.88 25.62 14.83
CA ASN E 66 -1.54 26.87 15.22
C ASN E 66 -2.73 26.54 16.12
N SER E 67 -2.66 26.93 17.39
CA SER E 67 -3.71 26.56 18.35
C SER E 67 -4.86 27.56 18.41
N SER E 68 -4.94 28.46 17.42
CA SER E 68 -6.05 29.40 17.31
C SER E 68 -7.33 28.64 17.01
N HIS E 69 -8.31 28.74 17.92
CA HIS E 69 -9.58 28.01 17.77
C HIS E 69 -9.37 26.50 17.66
N SER E 70 -8.38 25.98 18.38
CA SER E 70 -8.02 24.57 18.29
C SER E 70 -7.61 24.04 19.66
N PRO E 71 -7.67 22.71 19.85
CA PRO E 71 -7.16 22.10 21.08
C PRO E 71 -5.70 22.50 21.31
N ASP E 72 -5.36 22.69 22.58
CA ASP E 72 -4.04 23.11 22.99
C ASP E 72 -3.07 21.90 23.11
N GLN E 73 -3.62 20.71 23.29
CA GLN E 73 -2.83 19.49 23.53
C GLN E 73 -3.54 18.25 22.99
N VAL E 74 -2.75 17.27 22.56
CA VAL E 74 -3.28 15.92 22.26
C VAL E 74 -2.41 14.81 22.90
N SER E 75 -3.01 13.64 23.14
CA SER E 75 -2.24 12.47 23.54
C SER E 75 -1.93 11.64 22.31
N VAL E 76 -0.67 11.22 22.17
CA VAL E 76 -0.18 10.56 20.96
C VAL E 76 0.59 9.30 21.31
N PRO E 77 0.32 8.18 20.61
CA PRO E 77 1.11 6.96 20.89
C PRO E 77 2.58 7.23 20.59
N ILE E 78 3.51 6.75 21.42
CA ILE E 78 4.92 7.10 21.22
C ILE E 78 5.48 6.53 19.90
N SER E 79 4.82 5.51 19.37
CA SER E 79 5.24 4.97 18.08
C SER E 79 5.04 5.99 16.94
N SER E 80 4.26 7.05 17.19
CA SER E 80 4.03 8.06 16.17
C SER E 80 4.87 9.30 16.37
N LEU E 81 5.81 9.26 17.31
CA LEU E 81 6.71 10.39 17.42
CA LEU E 81 6.67 10.40 17.63
C LEU E 81 8.12 9.97 17.77
N TRP E 82 9.04 10.92 17.63
CA TRP E 82 10.42 10.66 18.01
C TRP E 82 10.47 10.73 19.53
N VAL E 83 11.19 9.79 20.14
CA VAL E 83 11.39 9.73 21.56
C VAL E 83 12.88 9.56 21.79
N PRO E 84 13.45 10.27 22.79
CA PRO E 84 14.88 10.09 23.10
C PRO E 84 15.20 8.64 23.44
N ASP E 85 16.36 8.15 23.01
CA ASP E 85 16.77 6.76 23.26
C ASP E 85 17.46 6.59 24.61
N LEU E 86 16.76 6.96 25.68
CA LEU E 86 17.32 6.88 27.03
C LEU E 86 17.47 5.43 27.49
N ALA E 87 18.54 5.14 28.20
CA ALA E 87 18.73 3.84 28.80
C ALA E 87 19.36 4.01 30.18
N ALA E 88 19.07 3.09 31.09
CA ALA E 88 19.72 3.07 32.40
C ALA E 88 20.96 2.20 32.32
N TYR E 89 22.13 2.79 32.56
CA TYR E 89 23.39 2.06 32.43
C TYR E 89 23.53 0.88 33.37
N ASN E 90 22.92 0.97 34.56
CA ASN E 90 23.07 -0.12 35.54
C ASN E 90 21.81 -0.97 35.68
N ALA E 91 20.91 -0.87 34.71
CA ALA E 91 19.77 -1.78 34.67
C ALA E 91 20.23 -3.21 34.39
N ILE E 92 19.59 -4.16 35.07
CA ILE E 92 19.90 -5.57 34.80
C ILE E 92 18.65 -6.34 34.34
N SER E 93 17.60 -5.60 34.04
CA SER E 93 16.44 -6.16 33.35
C SER E 93 15.94 -5.10 32.39
N LYS E 94 15.14 -5.49 31.39
CA LYS E 94 14.61 -4.45 30.50
C LYS E 94 13.46 -3.74 31.19
N PRO E 95 13.25 -2.46 30.85
CA PRO E 95 12.20 -1.75 31.57
C PRO E 95 10.82 -2.36 31.27
N GLU E 96 10.04 -2.62 32.31
CA GLU E 96 8.67 -3.08 32.15
C GLU E 96 7.79 -1.85 32.28
N VAL E 97 7.19 -1.42 31.19
CA VAL E 97 6.34 -0.23 31.18
C VAL E 97 4.95 -0.64 31.63
N LEU E 98 4.46 -0.03 32.71
CA LEU E 98 3.20 -0.48 33.32
C LEU E 98 1.99 0.29 32.83
N THR E 99 2.21 1.37 32.08
CA THR E 99 1.15 2.30 31.73
C THR E 99 0.96 2.41 30.21
N PRO E 100 -0.19 2.95 29.74
CA PRO E 100 -0.37 3.16 28.29
C PRO E 100 0.77 3.99 27.73
N GLN E 101 1.32 3.57 26.60
CA GLN E 101 2.49 4.25 26.02
C GLN E 101 2.10 5.45 25.15
N LEU E 102 1.60 6.49 25.82
CA LEU E 102 1.14 7.71 25.20
C LEU E 102 1.94 8.88 25.73
N ALA E 103 2.32 9.78 24.84
CA ALA E 103 2.94 11.03 25.22
C ALA E 103 1.90 12.13 25.04
N ARG E 104 2.13 13.28 25.66
CA ARG E 104 1.24 14.40 25.54
C ARG E 104 2.01 15.48 24.80
N VAL E 105 1.43 16.00 23.72
CA VAL E 105 2.07 17.00 22.89
C VAL E 105 1.28 18.31 23.00
N VAL E 106 1.99 19.39 23.32
CA VAL E 106 1.42 20.74 23.34
C VAL E 106 1.57 21.38 21.97
N SER E 107 0.68 22.33 21.64
CA SER E 107 0.67 22.93 20.29
C SER E 107 1.96 23.63 19.87
N ASP E 108 2.79 24.01 20.84
CA ASP E 108 4.10 24.60 20.54
C ASP E 108 5.20 23.55 20.31
N GLY E 109 4.85 22.28 20.47
CA GLY E 109 5.78 21.21 20.20
C GLY E 109 6.45 20.61 21.42
N GLU E 110 6.09 21.12 22.61
CA GLU E 110 6.57 20.54 23.86
C GLU E 110 5.94 19.18 24.10
N VAL E 111 6.76 18.17 24.41
CA VAL E 111 6.27 16.82 24.63
C VAL E 111 6.51 16.39 26.07
N LEU E 112 5.54 15.71 26.67
CA LEU E 112 5.76 15.02 27.93
C LEU E 112 5.47 13.54 27.76
N TYR E 113 6.42 12.70 28.12
CA TYR E 113 6.21 11.26 28.16
C TYR E 113 6.61 10.82 29.56
N MET E 114 5.71 10.12 30.24
CA MET E 114 5.88 9.84 31.66
C MET E 114 5.36 8.44 32.01
N PRO E 115 6.05 7.39 31.53
CA PRO E 115 5.60 6.03 31.83
C PRO E 115 5.91 5.63 33.27
N SER E 116 5.09 4.74 33.82
CA SER E 116 5.46 4.07 35.06
C SER E 116 6.27 2.84 34.69
N ILE E 117 7.47 2.74 35.27
CA ILE E 117 8.38 1.68 34.90
C ILE E 117 8.81 0.84 36.10
N ARG E 118 8.76 -0.48 35.94
CA ARG E 118 9.38 -1.36 36.91
C ARG E 118 10.65 -1.93 36.29
N GLN E 119 11.75 -1.84 37.02
CA GLN E 119 13.04 -2.26 36.50
C GLN E 119 13.97 -2.67 37.64
N ARG E 120 14.87 -3.61 37.35
CA ARG E 120 15.86 -4.05 38.33
CA ARG E 120 15.86 -4.02 38.34
C ARG E 120 17.22 -3.41 38.03
N PHE E 121 17.93 -3.04 39.09
CA PHE E 121 19.20 -2.36 38.97
C PHE E 121 20.29 -3.01 39.81
N SER E 122 21.52 -2.87 39.34
CA SER E 122 22.70 -3.21 40.13
C SER E 122 23.22 -1.93 40.76
N CYS E 123 23.25 -1.87 42.08
CA CYS E 123 23.68 -0.67 42.77
C CYS E 123 23.99 -0.98 44.24
N ASP E 124 24.47 0.03 44.98
CA ASP E 124 24.96 -0.20 46.33
C ASP E 124 23.81 -0.30 47.32
N VAL E 125 23.56 -1.52 47.79
CA VAL E 125 22.46 -1.77 48.72
C VAL E 125 22.96 -1.76 50.19
N SER E 126 24.27 -1.68 50.39
CA SER E 126 24.81 -1.76 51.74
C SER E 126 24.28 -0.64 52.63
N GLY E 127 23.90 -1.00 53.85
CA GLY E 127 23.41 -0.02 54.78
C GLY E 127 21.91 0.13 54.76
N VAL E 128 21.21 -0.68 53.98
CA VAL E 128 19.76 -0.55 53.84
C VAL E 128 19.03 -0.72 55.16
N ASP E 129 19.55 -1.58 56.03
CA ASP E 129 18.88 -1.86 57.30
C ASP E 129 19.51 -1.09 58.45
N THR E 130 20.03 0.10 58.16
CA THR E 130 20.60 0.98 59.17
C THR E 130 19.91 2.33 59.10
N GLU E 131 20.20 3.18 60.08
CA GLU E 131 19.60 4.52 60.13
C GLU E 131 19.98 5.39 58.96
N SER E 132 21.23 5.28 58.53
CA SER E 132 21.74 6.06 57.41
C SER E 132 21.14 5.60 56.08
N GLY E 133 20.74 4.34 56.03
CA GLY E 133 20.16 3.77 54.83
C GLY E 133 21.15 3.51 53.71
N ALA E 134 20.66 2.92 52.62
CA ALA E 134 21.49 2.66 51.45
C ALA E 134 21.37 3.83 50.46
N THR E 135 22.37 4.00 49.61
CA THR E 135 22.25 4.96 48.52
C THR E 135 22.47 4.27 47.17
N CYS E 136 21.37 4.09 46.44
CA CYS E 136 21.39 3.43 45.16
C CYS E 136 21.41 4.49 44.06
N ARG E 137 22.44 4.45 43.23
CA ARG E 137 22.62 5.42 42.17
C ARG E 137 22.17 4.85 40.83
N ILE E 138 21.22 5.52 40.19
CA ILE E 138 20.72 5.10 38.88
C ILE E 138 21.18 6.10 37.83
N LYS E 139 21.85 5.59 36.79
CA LYS E 139 22.46 6.42 35.75
C LYS E 139 21.70 6.28 34.43
N ILE E 140 21.17 7.39 33.91
CA ILE E 140 20.31 7.39 32.72
C ILE E 140 20.79 8.41 31.68
N GLY E 141 20.90 7.97 30.44
CA GLY E 141 21.34 8.87 29.38
C GLY E 141 21.02 8.29 28.02
N SER E 142 21.29 9.05 26.97
CA SER E 142 21.06 8.58 25.61
C SER E 142 22.06 7.50 25.26
N TRP E 143 21.59 6.46 24.60
CA TRP E 143 22.44 5.32 24.28
C TRP E 143 23.30 5.58 23.05
N THR E 144 22.75 6.30 22.07
CA THR E 144 23.45 6.48 20.79
C THR E 144 23.69 7.92 20.35
N HIS E 145 23.15 8.89 21.08
CA HIS E 145 23.32 10.30 20.72
C HIS E 145 24.28 11.04 21.65
N HIS E 146 25.35 11.61 21.09
CA HIS E 146 26.34 12.31 21.91
C HIS E 146 25.85 13.70 22.30
N SER E 147 26.69 14.42 23.06
CA SER E 147 26.29 15.67 23.72
C SER E 147 25.90 16.81 22.79
N ARG E 148 26.30 16.74 21.52
CA ARG E 148 25.88 17.76 20.55
C ARG E 148 24.55 17.45 19.90
N GLU E 149 24.00 16.27 20.21
CA GLU E 149 22.72 15.85 19.65
C GLU E 149 21.65 15.75 20.72
N ILE E 150 22.02 15.19 21.88
CA ILE E 150 21.12 15.17 23.03
C ILE E 150 21.82 15.62 24.30
N SER E 151 21.24 16.60 24.99
CA SER E 151 21.70 16.90 26.33
C SER E 151 20.64 16.44 27.31
N VAL E 152 21.07 16.00 28.49
CA VAL E 152 20.12 15.52 29.48
C VAL E 152 20.32 16.28 30.78
N ASP E 153 19.22 16.77 31.35
CA ASP E 153 19.27 17.53 32.59
C ASP E 153 18.18 17.11 33.56
N PRO E 154 18.47 17.20 34.86
CA PRO E 154 17.37 17.01 35.84
C PRO E 154 16.46 18.24 35.79
N THR E 155 15.18 18.07 36.12
CA THR E 155 14.22 19.17 36.06
C THR E 155 14.48 20.23 37.14
N ASP E 160 8.47 17.11 47.02
CA ASP E 160 8.60 16.09 48.06
C ASP E 160 9.10 14.83 47.39
N ASP E 161 10.11 14.20 47.97
CA ASP E 161 10.74 13.04 47.33
C ASP E 161 9.90 11.78 47.49
N SER E 162 9.36 11.61 48.69
CA SER E 162 8.42 10.52 48.95
C SER E 162 7.04 10.93 48.51
N GLU E 163 6.93 11.94 47.63
CA GLU E 163 5.61 12.50 47.35
C GLU E 163 4.61 11.46 46.88
N TYR E 164 5.00 10.63 45.91
CA TYR E 164 4.11 9.60 45.42
C TYR E 164 4.53 8.21 45.85
N PHE E 165 5.47 8.14 46.79
CA PHE E 165 5.99 6.84 47.24
C PHE E 165 4.95 6.10 48.06
N SER E 166 4.74 4.82 47.74
CA SER E 166 3.74 4.00 48.42
C SER E 166 4.00 3.86 49.92
N GLN E 167 2.98 4.13 50.73
CA GLN E 167 3.08 3.98 52.18
C GLN E 167 3.17 2.51 52.57
N TYR E 168 2.88 1.62 51.62
CA TYR E 168 2.81 0.20 51.92
C TYR E 168 4.09 -0.55 51.59
N SER E 169 5.09 0.17 51.09
CA SER E 169 6.38 -0.43 50.85
C SER E 169 7.05 -0.78 52.18
N ARG E 170 7.90 -1.80 52.16
CA ARG E 170 8.70 -2.14 53.33
C ARG E 170 9.81 -1.13 53.55
N PHE E 171 10.00 -0.23 52.59
CA PHE E 171 11.12 0.72 52.64
C PHE E 171 10.59 2.14 52.72
N GLU E 172 11.47 3.07 53.04
CA GLU E 172 11.12 4.48 53.04
C GLU E 172 12.25 5.28 52.44
N ILE E 173 11.90 6.38 51.79
CA ILE E 173 12.88 7.22 51.16
C ILE E 173 13.36 8.32 52.10
N LEU E 174 14.67 8.43 52.25
CA LEU E 174 15.28 9.47 53.09
C LEU E 174 15.61 10.69 52.27
N ASP E 175 16.11 10.48 51.06
CA ASP E 175 16.48 11.60 50.18
C ASP E 175 16.65 11.13 48.73
N VAL E 176 16.38 12.03 47.79
CA VAL E 176 16.68 11.81 46.38
C VAL E 176 17.42 13.03 45.82
N THR E 177 18.61 12.81 45.27
CA THR E 177 19.37 13.89 44.66
C THR E 177 19.78 13.53 43.23
N GLN E 178 19.98 14.55 42.41
CA GLN E 178 20.40 14.33 41.02
C GLN E 178 21.72 15.03 40.75
N LYS E 179 22.39 14.55 39.70
CA LYS E 179 23.67 15.09 39.30
C LYS E 179 23.80 14.82 37.79
N LYS E 180 24.29 15.81 37.07
CA LYS E 180 24.48 15.66 35.63
C LYS E 180 25.94 15.29 35.38
N ASN E 181 26.18 14.42 34.41
CA ASN E 181 27.54 14.08 34.00
C ASN E 181 27.70 14.06 32.48
N SER E 182 28.94 14.13 32.03
CA SER E 182 29.25 14.07 30.62
C SER E 182 30.48 13.18 30.49
N VAL E 183 30.33 12.05 29.79
CA VAL E 183 31.33 10.98 29.83
C VAL E 183 31.78 10.53 28.45
N THR E 184 33.08 10.34 28.29
CA THR E 184 33.62 9.73 27.08
C THR E 184 33.93 8.26 27.36
N TYR E 185 33.42 7.38 26.51
CA TYR E 185 33.66 5.94 26.64
C TYR E 185 34.73 5.50 25.65
N SER E 186 35.37 4.38 25.93
CA SER E 186 36.44 3.85 25.08
C SER E 186 36.02 3.57 23.64
N CYS E 187 34.74 3.24 23.47
CA CYS E 187 34.19 2.88 22.17
C CYS E 187 34.19 4.02 21.16
N CYS E 188 33.94 5.24 21.65
CA CYS E 188 33.58 6.34 20.77
C CYS E 188 34.27 7.64 21.20
N PRO E 189 34.63 8.49 20.23
CA PRO E 189 35.39 9.71 20.53
C PRO E 189 34.59 10.80 21.21
N GLU E 190 33.27 10.75 21.10
CA GLU E 190 32.38 11.81 21.57
CA GLU E 190 32.43 11.85 21.58
C GLU E 190 31.99 11.66 23.03
N ALA E 191 31.44 12.73 23.63
CA ALA E 191 30.94 12.69 25.01
C ALA E 191 29.44 12.38 25.05
N TYR E 192 29.03 11.63 26.08
CA TYR E 192 27.63 11.26 26.25
C TYR E 192 27.15 11.72 27.62
N GLU E 193 26.07 12.48 27.64
CA GLU E 193 25.56 13.01 28.90
C GLU E 193 24.67 12.00 29.61
N ASP E 194 24.64 12.09 30.94
CA ASP E 194 23.72 11.29 31.73
C ASP E 194 23.22 12.09 32.93
N VAL E 195 22.11 11.65 33.51
CA VAL E 195 21.73 12.12 34.84
C VAL E 195 21.90 10.95 35.80
N GLU E 196 22.58 11.18 36.92
CA GLU E 196 22.67 10.18 37.98
C GLU E 196 21.72 10.54 39.10
N VAL E 197 20.79 9.63 39.37
CA VAL E 197 19.82 9.83 40.42
C VAL E 197 20.23 8.99 41.63
N SER E 198 20.45 9.65 42.75
CA SER E 198 20.85 8.96 43.98
C SER E 198 19.68 8.79 44.91
N LEU E 199 19.26 7.54 45.12
CA LEU E 199 18.11 7.23 45.96
C LEU E 199 18.61 6.74 47.32
N ASN E 200 18.42 7.58 48.33
CA ASN E 200 18.78 7.22 49.71
C ASN E 200 17.55 6.65 50.44
N PHE E 201 17.60 5.37 50.79
CA PHE E 201 16.42 4.71 51.32
C PHE E 201 16.82 3.71 52.40
N ARG E 202 15.84 3.23 53.17
CA ARG E 202 16.12 2.24 54.19
C ARG E 202 14.89 1.44 54.54
N LYS E 203 15.10 0.26 55.13
CA LYS E 203 14.00 -0.56 55.63
C LYS E 203 13.34 0.15 56.81
N LYS E 204 12.00 0.16 56.84
CA LYS E 204 11.27 0.76 57.96
C LYS E 204 11.53 0.05 59.29
N LEU F 1 3.57 -25.06 -12.78
CA LEU F 1 3.18 -23.70 -13.13
C LEU F 1 2.05 -23.68 -14.13
N ASP F 2 1.00 -22.94 -13.84
CA ASP F 2 -0.01 -22.66 -14.84
C ASP F 2 0.10 -21.18 -15.22
N ARG F 3 -0.78 -20.73 -16.11
CA ARG F 3 -0.75 -19.36 -16.61
C ARG F 3 -0.87 -18.35 -15.47
N ALA F 4 -1.76 -18.64 -14.52
CA ALA F 4 -1.98 -17.70 -13.42
C ALA F 4 -0.68 -17.48 -12.62
N ASP F 5 0.07 -18.56 -12.37
CA ASP F 5 1.34 -18.45 -11.65
C ASP F 5 2.38 -17.67 -12.43
N ILE F 6 2.53 -18.02 -13.71
CA ILE F 6 3.46 -17.32 -14.59
C ILE F 6 3.17 -15.81 -14.67
N LEU F 7 1.91 -15.45 -14.84
CA LEU F 7 1.55 -14.03 -14.94
C LEU F 7 1.70 -13.31 -13.61
N TYR F 8 1.37 -13.99 -12.52
CA TYR F 8 1.60 -13.47 -11.19
C TYR F 8 3.09 -13.19 -10.96
N ASN F 9 3.92 -14.17 -11.29
CA ASN F 9 5.37 -13.99 -11.17
C ASN F 9 5.92 -12.84 -12.01
N ILE F 10 5.48 -12.74 -13.26
CA ILE F 10 5.94 -11.67 -14.15
C ILE F 10 5.54 -10.32 -13.58
N ARG F 11 4.28 -10.20 -13.19
CA ARG F 11 3.78 -8.96 -12.60
C ARG F 11 4.55 -8.51 -11.34
N GLN F 12 4.95 -9.47 -10.51
CA GLN F 12 5.71 -9.17 -9.30
C GLN F 12 7.21 -8.87 -9.52
N THR F 13 7.79 -9.35 -10.61
CA THR F 13 9.25 -9.28 -10.73
C THR F 13 9.87 -8.74 -12.02
N SER F 14 9.06 -8.38 -13.02
CA SER F 14 9.63 -8.13 -14.36
C SER F 14 10.53 -6.90 -14.49
N ARG F 15 10.27 -5.84 -13.70
CA ARG F 15 11.05 -4.59 -13.72
C ARG F 15 11.00 -3.89 -15.09
N PRO F 16 9.85 -3.28 -15.40
CA PRO F 16 9.63 -2.65 -16.71
C PRO F 16 10.52 -1.43 -16.96
N ASP F 17 11.17 -0.95 -15.92
CA ASP F 17 12.03 0.22 -16.05
C ASP F 17 13.48 -0.18 -16.34
N VAL F 18 13.77 -1.47 -16.30
CA VAL F 18 15.15 -1.94 -16.37
C VAL F 18 15.44 -2.65 -17.70
N ILE F 19 16.28 -2.03 -18.54
CA ILE F 19 16.72 -2.66 -19.78
C ILE F 19 17.43 -3.99 -19.46
N PRO F 20 17.02 -5.10 -20.09
CA PRO F 20 17.61 -6.41 -19.72
C PRO F 20 18.90 -6.73 -20.48
N THR F 21 19.93 -5.90 -20.33
CA THR F 21 21.21 -6.18 -20.93
C THR F 21 21.83 -7.41 -20.26
N GLN F 22 22.53 -8.22 -21.03
CA GLN F 22 23.21 -9.40 -20.51
C GLN F 22 24.71 -9.22 -20.65
N ARG F 23 25.41 -9.08 -19.52
CA ARG F 23 26.87 -9.08 -19.50
C ARG F 23 27.44 -7.93 -20.32
N ASP F 24 26.85 -6.75 -20.17
CA ASP F 24 27.28 -5.54 -20.88
C ASP F 24 27.23 -5.65 -22.41
N ARG F 25 26.44 -6.60 -22.90
CA ARG F 25 26.13 -6.70 -24.32
C ARG F 25 24.78 -6.03 -24.58
N PRO F 26 24.63 -5.40 -25.75
CA PRO F 26 23.37 -4.71 -26.04
C PRO F 26 22.19 -5.68 -26.13
N VAL F 27 21.00 -5.19 -25.84
CA VAL F 27 19.77 -5.93 -26.15
C VAL F 27 19.54 -5.84 -27.65
N ALA F 28 19.51 -6.99 -28.32
CA ALA F 28 19.32 -7.04 -29.77
C ALA F 28 17.83 -6.99 -30.11
N VAL F 29 17.38 -5.84 -30.59
CA VAL F 29 16.00 -5.66 -30.99
C VAL F 29 15.87 -5.82 -32.51
N SER F 30 14.90 -6.61 -32.94
CA SER F 30 14.58 -6.74 -34.36
C SER F 30 13.27 -6.02 -34.64
N VAL F 31 13.25 -5.26 -35.72
CA VAL F 31 12.06 -4.48 -36.08
C VAL F 31 11.75 -4.70 -37.55
N SER F 32 10.49 -4.93 -37.84
CA SER F 32 10.04 -5.13 -39.21
C SER F 32 8.66 -4.51 -39.33
N LEU F 33 8.46 -3.64 -40.32
CA LEU F 33 7.16 -3.02 -40.54
C LEU F 33 6.37 -3.73 -41.64
N LYS F 34 5.18 -4.23 -41.31
CA LYS F 34 4.31 -4.84 -42.31
C LYS F 34 3.27 -3.79 -42.63
N PHE F 35 3.36 -3.21 -43.83
CA PHE F 35 2.46 -2.13 -44.23
C PHE F 35 1.06 -2.66 -44.56
N ILE F 36 0.04 -2.01 -44.01
CA ILE F 36 -1.32 -2.47 -44.13
C ILE F 36 -2.11 -1.49 -44.98
N ASN F 37 -1.84 -0.21 -44.79
CA ASN F 37 -2.53 0.80 -45.57
C ASN F 37 -1.78 2.12 -45.69
N ILE F 38 -2.04 2.83 -46.79
CA ILE F 38 -1.56 4.18 -46.98
C ILE F 38 -2.82 5.02 -47.19
N LEU F 39 -3.08 5.94 -46.28
CA LEU F 39 -4.40 6.56 -46.18
C LEU F 39 -4.50 7.98 -46.71
N GLU F 40 -3.40 8.71 -46.57
CA GLU F 40 -3.30 10.04 -47.15
C GLU F 40 -1.87 10.20 -47.57
N VAL F 41 -1.72 10.79 -48.74
CA VAL F 41 -0.45 11.15 -49.31
C VAL F 41 -0.55 12.60 -49.78
N ASN F 42 -0.14 13.54 -48.93
CA ASN F 42 -0.22 14.96 -49.29
C ASN F 42 0.98 15.43 -50.15
N GLU F 43 0.71 15.64 -51.44
CA GLU F 43 1.74 16.02 -52.41
C GLU F 43 2.19 17.47 -52.31
N ILE F 44 1.41 18.29 -51.62
CA ILE F 44 1.84 19.66 -51.32
C ILE F 44 2.83 19.68 -50.16
N THR F 45 2.51 18.98 -49.07
CA THR F 45 3.28 19.11 -47.83
C THR F 45 4.35 18.02 -47.61
N ASN F 46 4.42 17.04 -48.51
CA ASN F 46 5.29 15.86 -48.31
C ASN F 46 5.00 15.13 -47.00
N GLU F 47 3.75 14.75 -46.81
CA GLU F 47 3.34 14.07 -45.62
C GLU F 47 2.52 12.86 -46.00
N VAL F 48 2.74 11.79 -45.27
CA VAL F 48 2.03 10.56 -45.56
C VAL F 48 1.42 10.04 -44.26
N ASP F 49 0.26 9.41 -44.38
CA ASP F 49 -0.45 8.84 -43.25
C ASP F 49 -0.50 7.35 -43.52
N VAL F 50 0.11 6.56 -42.64
CA VAL F 50 0.35 5.13 -42.88
C VAL F 50 -0.15 4.25 -41.73
N VAL F 51 -0.67 3.07 -42.06
CA VAL F 51 -0.97 2.03 -41.07
C VAL F 51 -0.02 0.84 -41.29
N PHE F 52 0.63 0.39 -40.23
CA PHE F 52 1.54 -0.75 -40.32
C PHE F 52 1.55 -1.58 -39.03
N TRP F 53 1.83 -2.87 -39.15
CA TRP F 53 2.09 -3.68 -37.98
C TRP F 53 3.57 -3.61 -37.68
N GLN F 54 3.93 -3.17 -36.47
CA GLN F 54 5.33 -3.03 -36.12
C GLN F 54 5.80 -4.26 -35.36
N GLN F 55 6.32 -5.24 -36.10
CA GLN F 55 6.77 -6.49 -35.51
C GLN F 55 8.08 -6.26 -34.79
N THR F 56 8.07 -6.43 -33.47
CA THR F 56 9.21 -6.09 -32.64
C THR F 56 9.55 -7.27 -31.73
N THR F 57 10.80 -7.73 -31.78
CA THR F 57 11.19 -8.87 -30.96
C THR F 57 12.50 -8.57 -30.25
N TRP F 58 12.62 -9.08 -29.02
CA TRP F 58 13.85 -9.03 -28.25
C TRP F 58 13.82 -10.10 -27.17
N SER F 59 14.93 -10.26 -26.46
CA SER F 59 15.02 -11.27 -25.41
C SER F 59 15.14 -10.60 -24.04
N ASP F 60 14.38 -11.11 -23.05
CA ASP F 60 14.47 -10.65 -21.66
C ASP F 60 14.48 -11.88 -20.75
N ARG F 61 15.67 -12.32 -20.37
CA ARG F 61 15.83 -13.54 -19.58
C ARG F 61 15.15 -13.47 -18.21
N THR F 62 14.97 -12.26 -17.68
CA THR F 62 14.35 -12.14 -16.37
C THR F 62 12.90 -12.59 -16.38
N LEU F 63 12.36 -12.83 -17.56
CA LEU F 63 10.97 -13.25 -17.72
C LEU F 63 10.86 -14.76 -17.85
N ALA F 64 12.00 -15.42 -18.07
CA ALA F 64 12.03 -16.85 -18.35
C ALA F 64 11.47 -17.72 -17.23
N TRP F 65 10.89 -18.86 -17.60
CA TRP F 65 10.46 -19.85 -16.62
C TRP F 65 10.71 -21.27 -17.14
N ASN F 66 10.75 -22.23 -16.22
CA ASN F 66 10.85 -23.65 -16.57
C ASN F 66 9.52 -24.13 -17.16
N SER F 67 9.52 -24.43 -18.46
CA SER F 67 8.27 -24.80 -19.15
C SER F 67 7.93 -26.29 -19.06
N SER F 68 8.58 -27.00 -18.13
CA SER F 68 8.26 -28.40 -17.87
C SER F 68 6.86 -28.53 -17.27
N HIS F 69 5.97 -29.21 -17.96
CA HIS F 69 4.58 -29.33 -17.52
C HIS F 69 3.90 -27.98 -17.31
N SER F 70 4.26 -27.02 -18.16
CA SER F 70 3.74 -25.66 -18.04
C SER F 70 3.48 -25.07 -19.41
N PRO F 71 2.61 -24.04 -19.48
CA PRO F 71 2.41 -23.32 -20.74
C PRO F 71 3.75 -22.84 -21.30
N ASP F 72 3.88 -22.85 -22.62
CA ASP F 72 5.08 -22.40 -23.30
C ASP F 72 5.08 -20.87 -23.52
N GLN F 73 3.90 -20.24 -23.54
CA GLN F 73 3.79 -18.80 -23.79
C GLN F 73 2.64 -18.18 -23.02
N VAL F 74 2.76 -16.88 -22.69
CA VAL F 74 1.63 -16.11 -22.18
C VAL F 74 1.57 -14.73 -22.88
N SER F 75 0.37 -14.12 -22.89
CA SER F 75 0.22 -12.75 -23.33
C SER F 75 0.25 -11.83 -22.12
N VAL F 76 1.02 -10.74 -22.22
CA VAL F 76 1.28 -9.87 -21.08
C VAL F 76 1.07 -8.43 -21.49
N PRO F 77 0.38 -7.63 -20.65
CA PRO F 77 0.26 -6.20 -20.98
C PRO F 77 1.65 -5.56 -21.00
N ILE F 78 1.93 -4.70 -21.98
CA ILE F 78 3.28 -4.13 -22.08
C ILE F 78 3.66 -3.26 -20.88
N SER F 79 2.66 -2.81 -20.12
CA SER F 79 2.96 -2.04 -18.92
C SER F 79 3.63 -2.88 -17.83
N SER F 80 3.56 -4.21 -17.97
CA SER F 80 4.21 -5.11 -17.03
C SER F 80 5.58 -5.60 -17.51
N LEU F 81 6.06 -5.07 -18.64
CA LEU F 81 7.28 -5.54 -19.28
C LEU F 81 8.18 -4.36 -19.61
N TRP F 82 9.49 -4.59 -19.67
CA TRP F 82 10.35 -3.62 -20.31
C TRP F 82 10.11 -3.74 -21.81
N VAL F 83 10.03 -2.59 -22.48
CA VAL F 83 9.85 -2.52 -23.93
C VAL F 83 10.88 -1.50 -24.46
N PRO F 84 11.50 -1.79 -25.61
CA PRO F 84 12.47 -0.84 -26.16
C PRO F 84 11.83 0.54 -26.45
N ASP F 85 12.59 1.61 -26.23
CA ASP F 85 12.06 2.95 -26.44
C ASP F 85 12.24 3.41 -27.90
N LEU F 86 11.66 2.65 -28.82
CA LEU F 86 11.77 2.99 -30.24
C LEU F 86 10.97 4.25 -30.59
N ALA F 87 11.53 5.06 -31.48
CA ALA F 87 10.80 6.21 -32.01
C ALA F 87 11.10 6.34 -33.50
N ALA F 88 10.14 6.85 -34.26
CA ALA F 88 10.38 7.16 -35.67
C ALA F 88 10.85 8.61 -35.77
N TYR F 89 12.08 8.80 -36.23
CA TYR F 89 12.68 10.14 -36.29
C TYR F 89 11.92 11.14 -37.16
N ASN F 90 11.25 10.65 -38.21
CA ASN F 90 10.52 11.56 -39.11
C ASN F 90 9.00 11.53 -38.92
N ALA F 91 8.55 10.96 -37.80
CA ALA F 91 7.13 11.02 -37.46
C ALA F 91 6.76 12.45 -37.16
N ILE F 92 5.56 12.86 -37.60
CA ILE F 92 5.05 14.20 -37.25
C ILE F 92 3.75 14.15 -36.45
N SER F 93 3.40 12.94 -35.99
CA SER F 93 2.30 12.74 -35.08
C SER F 93 2.73 11.65 -34.11
N LYS F 94 2.09 11.55 -32.96
CA LYS F 94 2.41 10.43 -32.10
C LYS F 94 1.79 9.14 -32.66
N PRO F 95 2.40 8.00 -32.35
CA PRO F 95 1.82 6.76 -32.88
C PRO F 95 0.45 6.47 -32.26
N GLU F 96 -0.55 6.18 -33.10
CA GLU F 96 -1.87 5.78 -32.62
C GLU F 96 -1.89 4.26 -32.67
N VAL F 97 -1.89 3.62 -31.52
CA VAL F 97 -1.88 2.16 -31.46
C VAL F 97 -3.31 1.68 -31.55
N LEU F 98 -3.59 0.87 -32.56
CA LEU F 98 -4.97 0.49 -32.87
C LEU F 98 -5.40 -0.83 -32.22
N THR F 99 -4.44 -1.54 -31.63
CA THR F 99 -4.68 -2.91 -31.16
C THR F 99 -4.45 -3.04 -29.63
N PRO F 100 -4.93 -4.14 -29.00
CA PRO F 100 -4.64 -4.35 -27.57
C PRO F 100 -3.15 -4.37 -27.28
N GLN F 101 -2.73 -3.65 -26.26
CA GLN F 101 -1.31 -3.47 -26.01
C GLN F 101 -0.77 -4.64 -25.18
N LEU F 102 -0.71 -5.78 -25.84
CA LEU F 102 -0.21 -7.01 -25.26
C LEU F 102 1.00 -7.53 -26.01
N ALA F 103 1.99 -7.98 -25.27
CA ALA F 103 3.13 -8.67 -25.86
C ALA F 103 3.00 -10.16 -25.57
N ARG F 104 3.69 -10.97 -26.37
CA ARG F 104 3.68 -12.41 -26.18
C ARG F 104 5.05 -12.80 -25.69
N VAL F 105 5.11 -13.49 -24.56
CA VAL F 105 6.36 -13.89 -23.94
C VAL F 105 6.48 -15.42 -23.98
N VAL F 106 7.60 -15.92 -24.50
CA VAL F 106 7.89 -17.34 -24.55
C VAL F 106 8.71 -17.71 -23.31
N SER F 107 8.63 -18.96 -22.88
CA SER F 107 9.24 -19.40 -21.62
C SER F 107 10.75 -19.17 -21.52
N ASP F 108 11.42 -19.07 -22.67
CA ASP F 108 12.86 -18.77 -22.67
C ASP F 108 13.18 -17.27 -22.60
N GLY F 109 12.14 -16.44 -22.57
CA GLY F 109 12.32 -15.02 -22.40
C GLY F 109 12.25 -14.22 -23.69
N GLU F 110 11.97 -14.89 -24.81
CA GLU F 110 11.77 -14.19 -26.07
C GLU F 110 10.42 -13.45 -26.07
N VAL F 111 10.46 -12.17 -26.43
CA VAL F 111 9.24 -11.37 -26.44
C VAL F 111 8.88 -10.94 -27.86
N LEU F 112 7.61 -11.04 -28.22
CA LEU F 112 7.07 -10.42 -29.43
C LEU F 112 6.03 -9.37 -29.07
N TYR F 113 6.25 -8.14 -29.54
CA TYR F 113 5.23 -7.08 -29.44
C TYR F 113 4.96 -6.56 -30.84
N MET F 114 3.71 -6.59 -31.26
CA MET F 114 3.40 -6.30 -32.65
C MET F 114 2.12 -5.50 -32.79
N PRO F 115 2.16 -4.22 -32.38
CA PRO F 115 0.96 -3.38 -32.47
C PRO F 115 0.68 -2.92 -33.90
N SER F 116 -0.60 -2.70 -34.20
CA SER F 116 -0.97 -2.02 -35.43
C SER F 116 -0.95 -0.53 -35.12
N ILE F 117 -0.17 0.22 -35.90
CA ILE F 117 0.03 1.63 -35.63
C ILE F 117 -0.39 2.48 -36.82
N ARG F 118 -1.11 3.56 -36.53
CA ARG F 118 -1.33 4.60 -37.51
C ARG F 118 -0.52 5.82 -37.13
N GLN F 119 0.24 6.35 -38.08
CA GLN F 119 1.15 7.43 -37.80
C GLN F 119 1.40 8.25 -39.05
N ARG F 120 1.68 9.54 -38.85
CA ARG F 120 1.92 10.44 -39.98
C ARG F 120 3.41 10.76 -40.03
N PHE F 121 3.97 10.79 -41.25
CA PHE F 121 5.40 10.98 -41.47
C PHE F 121 5.71 12.09 -42.44
N SER F 122 6.85 12.72 -42.23
CA SER F 122 7.44 13.62 -43.21
C SER F 122 8.42 12.82 -44.07
N CYS F 123 8.17 12.74 -45.37
CA CYS F 123 9.04 11.99 -46.26
C CYS F 123 8.82 12.35 -47.72
N ASP F 124 9.65 11.81 -48.62
CA ASP F 124 9.63 12.20 -50.02
C ASP F 124 8.44 11.58 -50.75
N VAL F 125 7.46 12.40 -51.09
CA VAL F 125 6.25 11.93 -51.73
C VAL F 125 6.30 12.13 -53.27
N SER F 126 7.35 12.81 -53.73
CA SER F 126 7.47 13.10 -55.14
C SER F 126 7.49 11.83 -55.99
N GLY F 127 6.71 11.84 -57.06
CA GLY F 127 6.67 10.73 -57.99
C GLY F 127 5.58 9.72 -57.70
N VAL F 128 4.73 10.02 -56.73
CA VAL F 128 3.73 9.06 -56.26
C VAL F 128 2.77 8.68 -57.38
N ASP F 129 2.51 9.62 -58.28
CA ASP F 129 1.56 9.41 -59.35
C ASP F 129 2.26 9.10 -60.66
N THR F 130 3.41 8.45 -60.57
CA THR F 130 4.15 8.02 -61.74
C THR F 130 4.43 6.53 -61.66
N GLU F 131 4.95 5.95 -62.74
CA GLU F 131 5.21 4.53 -62.78
C GLU F 131 6.28 4.09 -61.79
N SER F 132 7.29 4.92 -61.62
CA SER F 132 8.36 4.64 -60.67
C SER F 132 7.88 4.71 -59.21
N GLY F 133 6.87 5.54 -58.97
CA GLY F 133 6.30 5.71 -57.64
C GLY F 133 7.18 6.58 -56.75
N ALA F 134 6.70 6.83 -55.53
CA ALA F 134 7.45 7.57 -54.54
C ALA F 134 8.21 6.60 -53.66
N THR F 135 9.28 7.08 -53.03
CA THR F 135 9.96 6.29 -52.01
C THR F 135 10.02 7.07 -50.70
N CYS F 136 9.21 6.62 -49.75
CA CYS F 136 9.13 7.21 -48.42
C CYS F 136 10.00 6.43 -47.47
N ARG F 137 10.95 7.11 -46.85
CA ARG F 137 11.90 6.47 -45.95
C ARG F 137 11.50 6.73 -44.49
N ILE F 138 11.29 5.66 -43.73
CA ILE F 138 10.94 5.75 -42.32
C ILE F 138 12.11 5.27 -41.44
N LYS F 139 12.57 6.15 -40.56
CA LYS F 139 13.74 5.86 -39.74
C LYS F 139 13.36 5.61 -38.27
N ILE F 140 13.66 4.41 -37.77
CA ILE F 140 13.22 4.00 -36.44
C ILE F 140 14.41 3.52 -35.61
N GLY F 141 14.54 4.01 -34.38
CA GLY F 141 15.60 3.56 -33.49
C GLY F 141 15.31 3.92 -32.04
N SER F 142 16.20 3.52 -31.15
CA SER F 142 16.05 3.82 -29.73
C SER F 142 16.27 5.28 -29.51
N TRP F 143 15.42 5.91 -28.71
CA TRP F 143 15.55 7.33 -28.46
C TRP F 143 16.67 7.66 -27.47
N THR F 144 16.85 6.82 -26.43
CA THR F 144 17.76 7.16 -25.34
C THR F 144 18.86 6.12 -25.08
N HIS F 145 18.82 4.98 -25.77
CA HIS F 145 19.85 3.94 -25.54
C HIS F 145 20.80 3.84 -26.71
N HIS F 146 22.08 4.07 -26.45
CA HIS F 146 23.10 3.97 -27.49
C HIS F 146 23.41 2.52 -27.87
N SER F 147 24.33 2.35 -28.83
CA SER F 147 24.59 1.08 -29.50
C SER F 147 25.11 -0.03 -28.59
N ARG F 148 25.65 0.33 -27.43
CA ARG F 148 26.09 -0.71 -26.51
C ARG F 148 24.99 -1.14 -25.56
N GLU F 149 23.83 -0.50 -25.64
CA GLU F 149 22.70 -0.89 -24.81
C GLU F 149 21.56 -1.47 -25.64
N ILE F 150 21.32 -0.88 -26.80
CA ILE F 150 20.35 -1.43 -27.72
C ILE F 150 20.91 -1.44 -29.14
N SER F 151 20.84 -2.60 -29.78
CA SER F 151 21.10 -2.65 -31.22
C SER F 151 19.77 -2.90 -31.93
N VAL F 152 19.63 -2.36 -33.12
CA VAL F 152 18.41 -2.58 -33.87
C VAL F 152 18.72 -3.15 -35.24
N ASP F 153 18.01 -4.19 -35.63
CA ASP F 153 18.23 -4.85 -36.93
C ASP F 153 16.93 -5.17 -37.60
N PRO F 154 16.92 -5.17 -38.94
CA PRO F 154 15.75 -5.71 -39.65
C PRO F 154 15.74 -7.24 -39.52
N THR F 155 14.55 -7.85 -39.57
CA THR F 155 14.45 -9.30 -39.40
C THR F 155 15.02 -10.07 -40.59
N SER F 159 9.34 -12.09 -44.43
CA SER F 159 10.32 -11.71 -45.46
C SER F 159 9.78 -10.67 -46.47
N ASP F 160 8.53 -10.82 -46.88
CA ASP F 160 7.88 -9.82 -47.73
C ASP F 160 6.96 -8.94 -46.85
N ASP F 161 7.38 -7.69 -46.69
CA ASP F 161 6.71 -6.75 -45.81
C ASP F 161 5.45 -6.08 -46.38
N SER F 162 4.90 -6.56 -47.50
CA SER F 162 3.65 -5.98 -48.08
C SER F 162 2.39 -6.89 -48.32
N GLU F 163 2.57 -8.22 -48.33
CA GLU F 163 1.60 -9.30 -48.11
C GLU F 163 0.26 -9.02 -47.40
N TYR F 164 0.27 -8.13 -46.43
CA TYR F 164 -0.95 -7.79 -45.72
C TYR F 164 -1.54 -6.43 -46.10
N PHE F 165 -0.99 -5.85 -47.16
CA PHE F 165 -1.45 -4.55 -47.63
C PHE F 165 -2.88 -4.64 -48.16
N SER F 166 -3.73 -3.70 -47.73
CA SER F 166 -5.13 -3.68 -48.14
C SER F 166 -5.29 -3.52 -49.65
N GLN F 167 -6.12 -4.37 -50.24
CA GLN F 167 -6.45 -4.25 -51.66
C GLN F 167 -7.32 -3.04 -51.94
N TYR F 168 -7.87 -2.43 -50.90
CA TYR F 168 -8.81 -1.32 -51.08
C TYR F 168 -8.15 0.05 -50.99
N SER F 169 -6.85 0.07 -50.71
CA SER F 169 -6.11 1.32 -50.68
C SER F 169 -6.11 1.94 -52.08
N ARG F 170 -6.00 3.27 -52.15
CA ARG F 170 -5.82 3.96 -53.41
C ARG F 170 -4.42 3.75 -53.94
N PHE F 171 -3.54 3.23 -53.08
CA PHE F 171 -2.14 3.10 -53.42
C PHE F 171 -1.75 1.63 -53.52
N GLU F 172 -0.58 1.37 -54.10
CA GLU F 172 -0.06 0.02 -54.15
C GLU F 172 1.43 0.06 -53.84
N ILE F 173 1.92 -1.02 -53.25
CA ILE F 173 3.33 -1.09 -52.88
C ILE F 173 4.15 -1.75 -53.99
N LEU F 174 5.23 -1.11 -54.39
CA LEU F 174 6.10 -1.66 -55.42
C LEU F 174 7.24 -2.45 -54.77
N ASP F 175 7.77 -1.93 -53.68
CA ASP F 175 8.89 -2.56 -53.00
C ASP F 175 9.05 -2.01 -51.57
N VAL F 176 9.56 -2.86 -50.68
CA VAL F 176 9.98 -2.43 -49.35
C VAL F 176 11.39 -2.94 -49.08
N THR F 177 12.31 -2.03 -48.77
CA THR F 177 13.66 -2.44 -48.42
C THR F 177 14.07 -1.85 -47.07
N GLN F 178 15.01 -2.52 -46.39
CA GLN F 178 15.52 -2.04 -45.10
C GLN F 178 17.01 -1.79 -45.17
N LYS F 179 17.47 -0.94 -44.27
CA LYS F 179 18.88 -0.64 -44.15
C LYS F 179 19.18 -0.28 -42.69
N LYS F 180 20.29 -0.79 -42.16
CA LYS F 180 20.67 -0.51 -40.78
C LYS F 180 21.69 0.61 -40.78
N ASN F 181 21.56 1.54 -39.84
CA ASN F 181 22.54 2.62 -39.70
C ASN F 181 22.97 2.81 -38.25
N SER F 182 24.10 3.49 -38.09
CA SER F 182 24.61 3.80 -36.76
C SER F 182 25.09 5.23 -36.81
N VAL F 183 24.52 6.11 -35.99
CA VAL F 183 24.71 7.55 -36.13
C VAL F 183 25.09 8.19 -34.82
N THR F 184 25.99 9.16 -34.87
CA THR F 184 26.26 10.00 -33.71
CA THR F 184 26.22 10.00 -33.70
C THR F 184 25.58 11.35 -33.94
N TYR F 185 24.97 11.89 -32.90
CA TYR F 185 24.26 13.16 -32.95
C TYR F 185 25.03 14.18 -32.14
N SER F 186 24.82 15.45 -32.44
CA SER F 186 25.58 16.54 -31.83
C SER F 186 25.38 16.61 -30.33
N CYS F 187 24.21 16.18 -29.89
CA CYS F 187 23.84 16.21 -28.49
C CYS F 187 24.71 15.28 -27.61
N CYS F 188 25.10 14.14 -28.16
CA CYS F 188 25.65 13.07 -27.33
C CYS F 188 26.86 12.38 -27.99
N PRO F 189 27.83 11.97 -27.18
CA PRO F 189 29.08 11.39 -27.72
C PRO F 189 28.94 9.98 -28.33
N GLU F 190 27.90 9.23 -27.97
CA GLU F 190 27.78 7.84 -28.39
CA GLU F 190 27.76 7.84 -28.38
C GLU F 190 27.06 7.67 -29.72
N ALA F 191 27.10 6.44 -30.25
CA ALA F 191 26.39 6.09 -31.48
C ALA F 191 25.00 5.47 -31.21
N TYR F 192 24.03 5.83 -32.05
CA TYR F 192 22.67 5.32 -31.91
C TYR F 192 22.29 4.60 -33.18
N GLU F 193 21.76 3.40 -33.04
CA GLU F 193 21.40 2.61 -34.20
C GLU F 193 19.97 2.87 -34.63
N ASP F 194 19.72 2.75 -35.93
CA ASP F 194 18.37 2.84 -36.48
C ASP F 194 18.19 1.86 -37.62
N VAL F 195 16.93 1.55 -37.93
CA VAL F 195 16.60 0.88 -39.17
C VAL F 195 15.87 1.89 -40.05
N GLU F 196 16.32 2.04 -41.30
CA GLU F 196 15.57 2.83 -42.25
C GLU F 196 14.80 1.94 -43.18
N VAL F 197 13.49 2.11 -43.19
CA VAL F 197 12.61 1.32 -44.03
C VAL F 197 12.18 2.18 -45.21
N SER F 198 12.49 1.71 -46.42
CA SER F 198 12.13 2.45 -47.62
C SER F 198 10.89 1.84 -48.26
N LEU F 199 9.81 2.61 -48.28
CA LEU F 199 8.55 2.19 -48.85
C LEU F 199 8.36 2.80 -50.24
N ASN F 200 8.46 1.96 -51.26
CA ASN F 200 8.28 2.39 -52.64
C ASN F 200 6.83 2.09 -53.04
N PHE F 201 6.06 3.14 -53.28
CA PHE F 201 4.64 2.97 -53.54
C PHE F 201 4.14 3.97 -54.60
N ARG F 202 2.95 3.72 -55.15
CA ARG F 202 2.38 4.65 -56.11
C ARG F 202 0.86 4.59 -56.11
N LYS F 203 0.24 5.64 -56.65
CA LYS F 203 -1.20 5.65 -56.85
C LYS F 203 -1.59 4.64 -57.94
N LYS F 204 -2.67 3.90 -57.72
CA LYS F 204 -3.12 2.91 -58.70
C LYS F 204 -3.72 3.60 -59.91
N GLY F 205 -3.62 2.98 -61.10
CA GLY F 205 -4.29 3.54 -62.27
C GLY F 205 -5.81 3.52 -62.12
N LEU G 1 26.73 -1.75 -7.55
CA LEU G 1 25.47 -1.26 -8.09
C LEU G 1 25.31 -1.66 -9.56
N ASP G 2 24.19 -2.27 -9.90
CA ASP G 2 23.83 -2.44 -11.30
C ASP G 2 22.64 -1.53 -11.63
N ARG G 3 22.18 -1.60 -12.87
CA ARG G 3 21.11 -0.71 -13.34
C ARG G 3 19.83 -0.87 -12.54
N ALA G 4 19.52 -2.10 -12.17
CA ALA G 4 18.30 -2.37 -11.40
C ALA G 4 18.33 -1.67 -10.05
N ASP G 5 19.49 -1.69 -9.39
CA ASP G 5 19.68 -1.02 -8.10
C ASP G 5 19.55 0.50 -8.24
N ILE G 6 20.28 1.06 -9.19
CA ILE G 6 20.25 2.50 -9.45
C ILE G 6 18.82 2.99 -9.72
N LEU G 7 18.10 2.29 -10.60
CA LEU G 7 16.73 2.71 -10.94
C LEU G 7 15.76 2.52 -9.78
N TYR G 8 15.93 1.44 -9.02
CA TYR G 8 15.17 1.23 -7.79
C TYR G 8 15.42 2.41 -6.82
N ASN G 9 16.69 2.73 -6.59
CA ASN G 9 17.02 3.84 -5.68
C ASN G 9 16.43 5.18 -6.13
N ILE G 10 16.52 5.47 -7.43
CA ILE G 10 15.98 6.70 -7.99
C ILE G 10 14.46 6.76 -7.80
N ARG G 11 13.79 5.66 -8.14
CA ARG G 11 12.35 5.58 -7.97
C ARG G 11 11.92 5.78 -6.50
N GLN G 12 12.68 5.22 -5.55
CA GLN G 12 12.37 5.39 -4.12
C GLN G 12 12.68 6.76 -3.52
N THR G 13 13.60 7.52 -4.09
CA THR G 13 14.10 8.72 -3.41
C THR G 13 14.20 10.03 -4.21
N SER G 14 13.85 10.04 -5.48
CA SER G 14 14.20 11.21 -6.32
C SER G 14 13.46 12.52 -5.98
N ARG G 15 12.23 12.40 -5.47
CA ARG G 15 11.37 13.55 -5.16
CA ARG G 15 11.40 13.57 -5.16
C ARG G 15 11.12 14.45 -6.39
N PRO G 16 10.28 13.98 -7.31
CA PRO G 16 9.99 14.74 -8.55
C PRO G 16 9.30 16.09 -8.32
N ASP G 17 8.76 16.31 -7.12
CA ASP G 17 8.04 17.54 -6.81
C ASP G 17 8.98 18.61 -6.27
N VAL G 18 10.24 18.23 -6.02
CA VAL G 18 11.17 19.11 -5.33
C VAL G 18 12.29 19.66 -6.23
N ILE G 19 12.27 20.97 -6.47
CA ILE G 19 13.31 21.59 -7.25
C ILE G 19 14.68 21.42 -6.56
N PRO G 20 15.69 20.94 -7.30
CA PRO G 20 16.95 20.62 -6.64
C PRO G 20 17.90 21.82 -6.56
N THR G 21 17.48 22.88 -5.90
CA THR G 21 18.35 24.02 -5.67
C THR G 21 19.47 23.63 -4.72
N GLN G 22 20.66 24.15 -4.96
CA GLN G 22 21.82 23.89 -4.11
C GLN G 22 22.23 25.18 -3.41
N ARG G 23 22.03 25.23 -2.10
CA ARG G 23 22.53 26.34 -1.28
C ARG G 23 21.92 27.67 -1.71
N ASP G 24 20.61 27.67 -1.93
CA ASP G 24 19.88 28.86 -2.39
C ASP G 24 20.39 29.49 -3.70
N ARG G 25 21.09 28.69 -4.50
CA ARG G 25 21.45 29.10 -5.84
C ARG G 25 20.42 28.51 -6.80
N PRO G 26 20.11 29.22 -7.88
CA PRO G 26 19.15 28.69 -8.87
C PRO G 26 19.64 27.42 -9.54
N VAL G 27 18.70 26.56 -9.96
CA VAL G 27 19.03 25.46 -10.84
C VAL G 27 19.29 26.03 -12.24
N ALA G 28 20.50 25.82 -12.75
CA ALA G 28 20.85 26.30 -14.09
C ALA G 28 20.36 25.34 -15.15
N VAL G 29 19.33 25.74 -15.89
CA VAL G 29 18.77 24.93 -16.95
C VAL G 29 19.26 25.46 -18.30
N SER G 30 19.75 24.56 -19.15
CA SER G 30 20.16 24.93 -20.51
C SER G 30 19.13 24.39 -21.48
N VAL G 31 18.72 25.23 -22.43
CA VAL G 31 17.72 24.85 -23.41
C VAL G 31 18.21 25.20 -24.80
N SER G 32 18.04 24.27 -25.73
CA SER G 32 18.45 24.47 -27.10
C SER G 32 17.46 23.73 -27.99
N LEU G 33 16.88 24.43 -28.96
CA LEU G 33 15.92 23.80 -29.87
C LEU G 33 16.63 23.39 -31.15
N LYS G 34 16.54 22.11 -31.51
CA LYS G 34 17.00 21.64 -32.82
C LYS G 34 15.79 21.48 -33.72
N PHE G 35 15.64 22.37 -34.70
CA PHE G 35 14.46 22.32 -35.57
C PHE G 35 14.53 21.19 -36.57
N ILE G 36 13.43 20.45 -36.68
CA ILE G 36 13.36 19.25 -37.50
C ILE G 36 12.44 19.50 -38.68
N ASN G 37 11.37 20.23 -38.43
CA ASN G 37 10.40 20.50 -39.50
C ASN G 37 9.56 21.73 -39.26
N ILE G 38 9.10 22.34 -40.35
CA ILE G 38 8.10 23.41 -40.31
C ILE G 38 6.95 22.95 -41.21
N LEU G 39 5.76 22.81 -40.66
CA LEU G 39 4.74 21.97 -41.28
C LEU G 39 3.57 22.71 -41.89
N GLU G 40 3.21 23.85 -41.32
CA GLU G 40 1.96 24.48 -41.72
C GLU G 40 1.90 25.94 -41.36
N VAL G 41 2.55 26.74 -42.20
CA VAL G 41 2.62 28.18 -42.04
C VAL G 41 1.36 28.87 -42.55
N ASN G 42 0.92 29.93 -41.86
CA ASN G 42 -0.23 30.73 -42.31
C ASN G 42 0.14 32.19 -42.16
N GLU G 43 0.38 32.86 -43.30
CA GLU G 43 0.85 34.24 -43.28
C GLU G 43 -0.27 35.20 -42.91
N ILE G 44 -1.51 34.75 -43.11
CA ILE G 44 -2.68 35.56 -42.79
C ILE G 44 -2.92 35.58 -41.28
N THR G 45 -3.01 34.41 -40.66
CA THR G 45 -3.22 34.33 -39.22
C THR G 45 -1.97 34.55 -38.37
N ASN G 46 -0.79 34.60 -39.00
CA ASN G 46 0.49 34.65 -38.27
C ASN G 46 0.66 33.45 -37.31
N GLU G 47 0.54 32.24 -37.86
CA GLU G 47 0.62 31.02 -37.08
C GLU G 47 1.54 30.00 -37.74
N VAL G 48 2.29 29.27 -36.93
CA VAL G 48 3.24 28.31 -37.47
C VAL G 48 3.17 27.01 -36.67
N ASP G 49 3.37 25.90 -37.36
CA ASP G 49 3.33 24.57 -36.78
C ASP G 49 4.74 24.03 -36.96
N VAL G 50 5.41 23.71 -35.85
CA VAL G 50 6.83 23.38 -35.86
C VAL G 50 7.17 22.07 -35.12
N VAL G 51 8.14 21.32 -35.65
CA VAL G 51 8.67 20.15 -34.94
C VAL G 51 10.12 20.42 -34.55
N PHE G 52 10.45 20.24 -33.27
CA PHE G 52 11.82 20.45 -32.79
C PHE G 52 12.22 19.50 -31.67
N TRP G 53 13.51 19.21 -31.57
CA TRP G 53 14.03 18.48 -30.43
C TRP G 53 14.41 19.48 -29.37
N GLN G 54 13.82 19.36 -28.18
CA GLN G 54 14.08 20.33 -27.14
C GLN G 54 15.15 19.81 -26.17
N GLN G 55 16.39 20.09 -26.50
CA GLN G 55 17.50 19.62 -25.69
C GLN G 55 17.56 20.39 -24.38
N THR G 56 17.28 19.69 -23.28
CA THR G 56 17.18 20.34 -21.98
C THR G 56 18.11 19.64 -20.99
N THR G 57 19.00 20.39 -20.36
CA THR G 57 19.94 19.81 -19.40
C THR G 57 19.97 20.61 -18.10
N TRP G 58 20.16 19.89 -16.98
CA TRP G 58 20.32 20.51 -15.68
C TRP G 58 20.98 19.50 -14.75
N SER G 59 21.32 19.94 -13.56
CA SER G 59 21.94 19.06 -12.58
C SER G 59 21.00 18.83 -11.40
N ASP G 60 20.91 17.57 -10.94
CA ASP G 60 20.16 17.22 -9.73
C ASP G 60 21.00 16.25 -8.91
N ARG G 61 21.73 16.78 -7.94
CA ARG G 61 22.65 15.97 -7.12
C ARG G 61 21.97 14.85 -6.34
N THR G 62 20.69 15.00 -6.02
CA THR G 62 19.98 13.96 -5.26
C THR G 62 19.87 12.65 -6.05
N LEU G 63 20.20 12.69 -7.34
CA LEU G 63 20.15 11.52 -8.22
C LEU G 63 21.49 10.80 -8.27
N ALA G 64 22.54 11.48 -7.83
CA ALA G 64 23.91 10.99 -8.03
C ALA G 64 24.18 9.66 -7.34
N TRP G 65 25.11 8.88 -7.88
CA TRP G 65 25.55 7.65 -7.26
C TRP G 65 27.04 7.43 -7.52
N ASN G 66 27.65 6.59 -6.70
CA ASN G 66 29.05 6.21 -6.86
C ASN G 66 29.17 5.27 -8.06
N SER G 67 29.80 5.73 -9.14
CA SER G 67 29.87 4.95 -10.37
C SER G 67 31.06 3.98 -10.41
N SER G 68 31.66 3.72 -9.25
CA SER G 68 32.74 2.75 -9.16
C SER G 68 32.19 1.35 -9.38
N HIS G 69 32.67 0.67 -10.42
CA HIS G 69 32.18 -0.66 -10.80
C HIS G 69 30.69 -0.67 -11.05
N SER G 70 30.17 0.42 -11.60
CA SER G 70 28.74 0.59 -11.84
C SER G 70 28.49 1.31 -13.17
N PRO G 71 27.28 1.14 -13.74
CA PRO G 71 26.91 1.89 -14.94
C PRO G 71 27.07 3.39 -14.71
N ASP G 72 27.51 4.10 -15.73
CA ASP G 72 27.70 5.53 -15.60
C ASP G 72 26.42 6.32 -15.89
N GLN G 73 25.45 5.69 -16.57
CA GLN G 73 24.20 6.36 -16.94
C GLN G 73 23.01 5.41 -16.95
N VAL G 74 21.81 5.95 -16.68
CA VAL G 74 20.58 5.19 -16.86
C VAL G 74 19.51 6.06 -17.54
N SER G 75 18.55 5.43 -18.22
CA SER G 75 17.39 6.13 -18.74
C SER G 75 16.26 6.02 -17.73
N VAL G 76 15.60 7.15 -17.44
CA VAL G 76 14.59 7.21 -16.39
C VAL G 76 13.33 7.88 -16.92
N PRO G 77 12.14 7.30 -16.63
CA PRO G 77 10.91 8.01 -17.01
C PRO G 77 10.84 9.37 -16.29
N ILE G 78 10.44 10.42 -17.01
CA ILE G 78 10.44 11.74 -16.38
C ILE G 78 9.49 11.85 -15.19
N SER G 79 8.51 10.95 -15.10
CA SER G 79 7.59 10.96 -13.96
C SER G 79 8.32 10.56 -12.67
N SER G 80 9.52 10.01 -12.80
CA SER G 80 10.32 9.64 -11.63
C SER G 80 11.38 10.67 -11.28
N LEU G 81 11.37 11.81 -11.98
CA LEU G 81 12.40 12.85 -11.87
C LEU G 81 11.76 14.21 -11.68
N TRP G 82 12.47 15.13 -11.04
CA TRP G 82 12.08 16.53 -11.14
C TRP G 82 12.48 17.01 -12.53
N VAL G 83 11.59 17.75 -13.18
CA VAL G 83 11.86 18.32 -14.49
C VAL G 83 11.46 19.81 -14.42
N PRO G 84 12.25 20.69 -15.04
CA PRO G 84 11.89 22.11 -15.00
C PRO G 84 10.54 22.38 -15.65
N ASP G 85 9.78 23.34 -15.14
CA ASP G 85 8.43 23.60 -15.64
C ASP G 85 8.48 24.62 -16.78
N LEU G 86 9.17 24.26 -17.86
CA LEU G 86 9.33 25.19 -18.98
C LEU G 86 8.04 25.30 -19.79
N ALA G 87 7.76 26.49 -20.28
CA ALA G 87 6.60 26.69 -21.16
C ALA G 87 6.97 27.68 -22.24
N ALA G 88 6.37 27.53 -23.40
CA ALA G 88 6.54 28.50 -24.46
C ALA G 88 5.45 29.57 -24.35
N TYR G 89 5.86 30.81 -24.12
CA TYR G 89 4.92 31.91 -23.91
C TYR G 89 4.00 32.17 -25.07
N ASN G 90 4.47 31.93 -26.30
CA ASN G 90 3.63 32.20 -27.49
C ASN G 90 3.08 30.95 -28.17
N ALA G 91 3.12 29.83 -27.45
CA ALA G 91 2.45 28.61 -27.92
C ALA G 91 0.94 28.81 -27.93
N ILE G 92 0.28 28.26 -28.94
CA ILE G 92 -1.18 28.32 -29.01
C ILE G 92 -1.78 26.92 -29.08
N SER G 93 -0.95 25.93 -28.80
CA SER G 93 -1.44 24.57 -28.63
C SER G 93 -0.56 23.92 -27.56
N LYS G 94 -1.03 22.86 -26.92
CA LYS G 94 -0.16 22.22 -25.95
C LYS G 94 0.90 21.42 -26.67
N PRO G 95 2.08 21.27 -26.06
CA PRO G 95 3.13 20.51 -26.75
C PRO G 95 2.72 19.06 -26.96
N GLU G 96 2.85 18.57 -28.19
CA GLU G 96 2.62 17.18 -28.49
C GLU G 96 3.99 16.50 -28.50
N VAL G 97 4.26 15.69 -27.47
CA VAL G 97 5.54 15.01 -27.36
C VAL G 97 5.50 13.74 -28.20
N LEU G 98 6.39 13.65 -29.17
CA LEU G 98 6.36 12.57 -30.14
C LEU G 98 7.22 11.35 -29.76
N THR G 99 8.03 11.49 -28.71
CA THR G 99 9.02 10.47 -28.40
C THR G 99 8.82 9.89 -26.98
N PRO G 100 9.46 8.75 -26.67
CA PRO G 100 9.33 8.19 -25.31
C PRO G 100 9.78 9.18 -24.25
N GLN G 101 8.98 9.35 -23.20
CA GLN G 101 9.28 10.38 -22.21
C GLN G 101 10.28 9.91 -21.16
N LEU G 102 11.52 9.74 -21.61
CA LEU G 102 12.62 9.27 -20.80
C LEU G 102 13.74 10.32 -20.78
N ALA G 103 14.28 10.57 -19.61
CA ALA G 103 15.48 11.39 -19.46
C ALA G 103 16.68 10.50 -19.21
N ARG G 104 17.88 11.02 -19.47
CA ARG G 104 19.09 10.27 -19.26
C ARG G 104 19.83 10.91 -18.09
N VAL G 105 20.16 10.08 -17.11
CA VAL G 105 20.79 10.57 -15.87
C VAL G 105 22.21 10.02 -15.78
N VAL G 106 23.18 10.91 -15.60
CA VAL G 106 24.57 10.51 -15.40
C VAL G 106 24.86 10.38 -13.91
N SER G 107 25.84 9.57 -13.55
CA SER G 107 26.10 9.23 -12.14
C SER G 107 26.41 10.43 -11.26
N ASP G 108 26.87 11.52 -11.86
CA ASP G 108 27.12 12.75 -11.10
C ASP G 108 25.85 13.62 -10.90
N GLY G 109 24.73 13.17 -11.46
CA GLY G 109 23.48 13.90 -11.31
C GLY G 109 23.08 14.81 -12.47
N GLU G 110 23.91 14.85 -13.52
CA GLU G 110 23.56 15.58 -14.74
C GLU G 110 22.43 14.88 -15.48
N VAL G 111 21.40 15.64 -15.87
CA VAL G 111 20.25 15.09 -16.56
C VAL G 111 20.12 15.69 -17.97
N LEU G 112 19.85 14.83 -18.95
CA LEU G 112 19.44 15.27 -20.28
C LEU G 112 18.02 14.78 -20.54
N TYR G 113 17.12 15.68 -20.88
CA TYR G 113 15.80 15.32 -21.39
C TYR G 113 15.65 16.03 -22.73
N MET G 114 15.33 15.28 -23.77
CA MET G 114 15.34 15.81 -25.13
C MET G 114 14.20 15.26 -25.97
N PRO G 115 12.97 15.70 -25.69
CA PRO G 115 11.81 15.19 -26.43
C PRO G 115 11.72 15.83 -27.81
N SER G 116 11.14 15.11 -28.75
CA SER G 116 10.74 15.71 -30.00
C SER G 116 9.32 16.24 -29.79
N ILE G 117 9.13 17.53 -30.07
CA ILE G 117 7.88 18.17 -29.80
C ILE G 117 7.29 18.79 -31.05
N ARG G 118 5.99 18.59 -31.27
CA ARG G 118 5.26 19.33 -32.28
C ARG G 118 4.35 20.31 -31.57
N GLN G 119 4.45 21.58 -31.96
CA GLN G 119 3.68 22.63 -31.30
C GLN G 119 3.36 23.78 -32.25
N ARG G 120 2.24 24.45 -32.00
CA ARG G 120 1.83 25.60 -32.83
CA ARG G 120 1.85 25.60 -32.82
C ARG G 120 2.10 26.89 -32.08
N PHE G 121 2.59 27.89 -32.81
CA PHE G 121 2.99 29.15 -32.21
C PHE G 121 2.37 30.35 -32.93
N SER G 122 2.17 31.42 -32.16
CA SER G 122 1.82 32.70 -32.70
C SER G 122 3.11 33.50 -32.82
N CYS G 123 3.46 33.89 -34.04
CA CYS G 123 4.69 34.64 -34.27
C CYS G 123 4.67 35.33 -35.65
N ASP G 124 5.69 36.13 -35.92
CA ASP G 124 5.72 36.93 -37.16
C ASP G 124 6.06 36.08 -38.36
N VAL G 125 5.05 35.80 -39.18
CA VAL G 125 5.22 34.99 -40.39
C VAL G 125 5.46 35.86 -41.66
N SER G 126 5.33 37.18 -41.53
CA SER G 126 5.49 38.07 -42.68
C SER G 126 6.87 37.90 -43.32
N GLY G 127 6.88 37.75 -44.63
CA GLY G 127 8.12 37.69 -45.38
C GLY G 127 8.57 36.28 -45.67
N VAL G 128 7.72 35.31 -45.31
CA VAL G 128 8.08 33.91 -45.43
C VAL G 128 8.35 33.52 -46.88
N ASP G 129 7.66 34.17 -47.81
CA ASP G 129 7.84 33.87 -49.24
C ASP G 129 8.70 34.92 -49.95
N THR G 130 9.69 35.45 -49.24
CA THR G 130 10.66 36.37 -49.81
C THR G 130 12.06 35.85 -49.53
N GLU G 131 13.06 36.45 -50.16
CA GLU G 131 14.46 36.05 -50.00
C GLU G 131 14.94 36.23 -48.56
N SER G 132 14.47 37.28 -47.90
CA SER G 132 14.87 37.56 -46.53
C SER G 132 14.23 36.59 -45.54
N GLY G 133 13.06 36.07 -45.93
CA GLY G 133 12.35 35.10 -45.13
C GLY G 133 11.63 35.73 -43.96
N ALA G 134 10.93 34.90 -43.19
CA ALA G 134 10.29 35.34 -41.96
C ALA G 134 11.21 35.07 -40.77
N THR G 135 10.99 35.80 -39.68
CA THR G 135 11.66 35.51 -38.42
C THR G 135 10.63 35.26 -37.30
N CYS G 136 10.50 33.99 -36.94
CA CYS G 136 9.59 33.57 -35.90
C CYS G 136 10.36 33.43 -34.58
N ARG G 137 9.91 34.17 -33.57
CA ARG G 137 10.55 34.19 -32.27
C ARG G 137 9.78 33.31 -31.26
N ILE G 138 10.47 32.30 -30.70
CA ILE G 138 9.86 31.41 -29.71
C ILE G 138 10.45 31.67 -28.33
N LYS G 139 9.58 31.97 -27.37
CA LYS G 139 10.02 32.38 -26.04
C LYS G 139 9.72 31.28 -25.01
N ILE G 140 10.78 30.76 -24.37
CA ILE G 140 10.64 29.63 -23.46
C ILE G 140 11.28 29.91 -22.11
N GLY G 141 10.55 29.68 -21.03
CA GLY G 141 11.07 29.87 -19.68
C GLY G 141 10.26 29.15 -18.63
N SER G 142 10.73 29.18 -17.39
CA SER G 142 9.99 28.57 -16.28
C SER G 142 8.67 29.31 -16.04
N TRP G 143 7.59 28.55 -15.84
CA TRP G 143 6.28 29.15 -15.62
C TRP G 143 6.11 29.70 -14.20
N THR G 144 6.64 28.97 -13.21
CA THR G 144 6.38 29.31 -11.81
C THR G 144 7.62 29.57 -10.95
N HIS G 145 8.82 29.37 -11.50
CA HIS G 145 10.06 29.59 -10.75
C HIS G 145 10.80 30.85 -11.22
N HIS G 146 11.04 31.77 -10.30
CA HIS G 146 11.71 33.02 -10.63
C HIS G 146 13.23 32.82 -10.72
N SER G 147 13.94 33.91 -11.01
CA SER G 147 15.35 33.84 -11.36
C SER G 147 16.28 33.34 -10.27
N ARG G 148 15.84 33.37 -9.01
CA ARG G 148 16.63 32.82 -7.92
C ARG G 148 16.39 31.32 -7.72
N GLU G 149 15.46 30.76 -8.48
CA GLU G 149 15.17 29.32 -8.39
C GLU G 149 15.50 28.59 -9.68
N ILE G 150 15.20 29.21 -10.80
CA ILE G 150 15.61 28.66 -12.08
C ILE G 150 16.21 29.73 -12.96
N SER G 151 17.41 29.47 -13.48
CA SER G 151 17.95 30.31 -14.54
C SER G 151 17.91 29.51 -15.84
N VAL G 152 17.70 30.20 -16.95
CA VAL G 152 17.67 29.52 -18.23
C VAL G 152 18.66 30.14 -19.19
N ASP G 153 19.44 29.30 -19.86
CA ASP G 153 20.47 29.75 -20.77
C ASP G 153 20.50 28.93 -22.05
N PRO G 154 20.84 29.58 -23.17
CA PRO G 154 21.11 28.78 -24.39
C PRO G 154 22.44 28.04 -24.24
N THR G 155 22.57 26.89 -24.88
CA THR G 155 23.77 26.07 -24.75
C THR G 155 25.00 26.73 -25.39
N ASP G 160 25.51 24.17 -37.15
CA ASP G 160 24.60 24.04 -38.29
C ASP G 160 23.15 24.07 -37.83
N ASP G 161 22.46 25.15 -38.18
CA ASP G 161 21.05 25.37 -37.85
C ASP G 161 20.12 24.31 -38.44
N SER G 162 20.35 24.00 -39.71
CA SER G 162 19.58 23.00 -40.44
C SER G 162 20.13 21.61 -40.22
N GLU G 163 20.92 21.42 -39.15
CA GLU G 163 21.63 20.15 -39.06
C GLU G 163 20.71 18.93 -39.12
N TYR G 164 19.60 18.97 -38.39
CA TYR G 164 18.66 17.86 -38.43
C TYR G 164 17.36 18.22 -39.12
N PHE G 165 17.34 19.37 -39.79
CA PHE G 165 16.13 19.83 -40.47
C PHE G 165 15.82 18.95 -41.68
N SER G 166 14.56 18.53 -41.78
CA SER G 166 14.13 17.65 -42.87
C SER G 166 14.32 18.30 -44.25
N GLN G 167 14.93 17.54 -45.17
CA GLN G 167 15.12 18.02 -46.53
C GLN G 167 13.80 18.03 -47.28
N TYR G 168 12.78 17.41 -46.72
CA TYR G 168 11.49 17.28 -47.39
C TYR G 168 10.45 18.30 -46.95
N SER G 169 10.83 19.19 -46.03
CA SER G 169 10.01 20.35 -45.70
C SER G 169 9.82 21.28 -46.90
N ARG G 170 8.72 22.02 -46.93
CA ARG G 170 8.49 23.03 -47.95
C ARG G 170 9.28 24.28 -47.61
N PHE G 171 9.88 24.28 -46.43
CA PHE G 171 10.61 25.45 -45.94
C PHE G 171 12.09 25.14 -45.76
N GLU G 172 12.89 26.18 -45.61
CA GLU G 172 14.29 26.01 -45.34
C GLU G 172 14.70 27.03 -44.29
N ILE G 173 15.71 26.68 -43.51
CA ILE G 173 16.17 27.53 -42.43
C ILE G 173 17.34 28.39 -42.89
N LEU G 174 17.23 29.69 -42.70
CA LEU G 174 18.30 30.61 -43.04
C LEU G 174 19.24 30.86 -41.85
N ASP G 175 18.68 30.99 -40.66
CA ASP G 175 19.47 31.23 -39.46
C ASP G 175 18.66 30.96 -38.21
N VAL G 176 19.34 30.53 -37.14
CA VAL G 176 18.73 30.40 -35.84
C VAL G 176 19.63 31.15 -34.85
N THR G 177 19.06 32.09 -34.11
CA THR G 177 19.81 32.75 -33.04
C THR G 177 19.06 32.69 -31.71
N GLN G 178 19.81 32.79 -30.60
CA GLN G 178 19.24 32.78 -29.25
C GLN G 178 19.57 34.05 -28.48
N LYS G 179 18.76 34.33 -27.49
CA LYS G 179 18.92 35.52 -26.67
C LYS G 179 18.28 35.22 -25.33
N LYS G 180 18.97 35.57 -24.25
CA LYS G 180 18.47 35.34 -22.90
C LYS G 180 17.82 36.63 -22.41
N ASN G 181 16.70 36.51 -21.72
CA ASN G 181 16.03 37.68 -21.13
C ASN G 181 15.62 37.42 -19.69
N SER G 182 15.37 38.51 -18.96
CA SER G 182 14.90 38.43 -17.59
C SER G 182 13.79 39.44 -17.45
N VAL G 183 12.58 38.97 -17.15
CA VAL G 183 11.40 39.82 -17.22
C VAL G 183 10.58 39.81 -15.92
N THR G 184 10.11 40.98 -15.52
CA THR G 184 9.15 41.10 -14.43
C THR G 184 7.74 41.30 -14.99
N TYR G 185 6.79 40.50 -14.54
CA TYR G 185 5.42 40.57 -15.02
C TYR G 185 4.56 41.24 -13.95
N SER G 186 3.43 41.82 -14.38
CA SER G 186 2.55 42.56 -13.47
C SER G 186 2.01 41.73 -12.31
N CYS G 187 1.87 40.44 -12.54
CA CYS G 187 1.32 39.51 -11.57
CA CYS G 187 1.29 39.54 -11.57
C CYS G 187 2.18 39.34 -10.33
N CYS G 188 3.51 39.38 -10.52
CA CYS G 188 4.43 38.96 -9.48
C CYS G 188 5.63 39.89 -9.36
N PRO G 189 6.18 40.03 -8.15
CA PRO G 189 7.26 40.99 -7.90
C PRO G 189 8.64 40.54 -8.40
N GLU G 190 8.83 39.25 -8.64
CA GLU G 190 10.16 38.76 -9.02
CA GLU G 190 10.13 38.70 -9.00
C GLU G 190 10.37 38.69 -10.53
N ALA G 191 11.62 38.48 -10.93
CA ALA G 191 12.01 38.35 -12.33
C ALA G 191 11.99 36.88 -12.79
N TYR G 192 11.58 36.66 -14.04
CA TYR G 192 11.51 35.33 -14.62
C TYR G 192 12.36 35.30 -15.88
N GLU G 193 13.26 34.32 -15.98
CA GLU G 193 14.16 34.24 -17.11
C GLU G 193 13.54 33.47 -18.26
N ASP G 194 13.93 33.81 -19.47
CA ASP G 194 13.51 33.06 -20.66
C ASP G 194 14.64 33.02 -21.69
N VAL G 195 14.55 32.09 -22.62
CA VAL G 195 15.37 32.13 -23.81
C VAL G 195 14.45 32.40 -24.98
N GLU G 196 14.81 33.38 -25.81
CA GLU G 196 14.08 33.63 -27.05
C GLU G 196 14.86 33.08 -28.21
N VAL G 197 14.25 32.15 -28.91
CA VAL G 197 14.86 31.52 -30.08
C VAL G 197 14.27 32.16 -31.34
N SER G 198 15.12 32.74 -32.16
CA SER G 198 14.65 33.38 -33.39
C SER G 198 14.92 32.50 -34.59
N LEU G 199 13.85 32.04 -35.24
CA LEU G 199 13.97 31.12 -36.36
C LEU G 199 13.74 31.90 -37.66
N ASN G 200 14.80 32.09 -38.42
CA ASN G 200 14.73 32.78 -39.71
C ASN G 200 14.59 31.74 -40.83
N PHE G 201 13.46 31.75 -41.52
CA PHE G 201 13.15 30.67 -42.45
C PHE G 201 12.36 31.22 -43.64
N ARG G 202 12.32 30.46 -44.72
CA ARG G 202 11.55 30.87 -45.87
C ARG G 202 11.07 29.68 -46.67
N LYS G 203 10.05 29.91 -47.50
CA LYS G 203 9.58 28.90 -48.44
C LYS G 203 10.69 28.66 -49.47
N LYS G 204 10.91 27.40 -49.85
CA LYS G 204 11.87 27.10 -50.91
C LYS G 204 11.40 27.67 -52.25
N GLY G 205 12.26 28.41 -52.94
CA GLY G 205 11.88 29.10 -54.18
C GLY G 205 12.41 28.44 -55.45
N LEU H 1 13.03 23.99 8.21
CA LEU H 1 12.31 23.47 7.05
C LEU H 1 12.99 23.88 5.77
N ASP H 2 13.24 22.92 4.89
CA ASP H 2 13.64 23.24 3.54
C ASP H 2 12.51 22.85 2.58
N ARG H 3 12.72 23.09 1.29
CA ARG H 3 11.69 22.84 0.27
C ARG H 3 11.22 21.40 0.27
N ALA H 4 12.15 20.47 0.47
CA ALA H 4 11.81 19.05 0.49
C ALA H 4 10.83 18.72 1.62
N ASP H 5 11.07 19.31 2.80
CA ASP H 5 10.19 19.07 3.94
C ASP H 5 8.80 19.66 3.70
N ILE H 6 8.76 20.92 3.25
CA ILE H 6 7.50 21.61 2.98
C ILE H 6 6.65 20.83 1.95
N LEU H 7 7.28 20.40 0.85
CA LEU H 7 6.56 19.68 -0.19
C LEU H 7 6.13 18.30 0.30
N TYR H 8 7.00 17.65 1.06
CA TYR H 8 6.63 16.38 1.69
C TYR H 8 5.40 16.56 2.58
N ASN H 9 5.45 17.58 3.44
CA ASN H 9 4.31 17.87 4.33
C ASN H 9 3.00 18.17 3.59
N ILE H 10 3.10 18.98 2.54
CA ILE H 10 1.93 19.32 1.73
C ILE H 10 1.35 18.06 1.06
N ARG H 11 2.22 17.25 0.46
CA ARG H 11 1.79 16.03 -0.19
C ARG H 11 1.07 15.08 0.81
N GLN H 12 1.56 15.01 2.04
CA GLN H 12 0.96 14.12 3.04
C GLN H 12 -0.34 14.63 3.67
N THR H 13 -0.57 15.95 3.66
CA THR H 13 -1.67 16.49 4.46
C THR H 13 -2.64 17.48 3.79
N SER H 14 -2.43 17.84 2.53
CA SER H 14 -3.18 18.99 1.97
C SER H 14 -4.69 18.77 1.79
N ARG H 15 -5.13 17.54 1.53
CA ARG H 15 -6.55 17.21 1.31
C ARG H 15 -7.14 17.95 0.10
N PRO H 16 -6.78 17.51 -1.12
CA PRO H 16 -7.21 18.21 -2.33
C PRO H 16 -8.73 18.12 -2.55
N ASP H 17 -9.38 17.20 -1.85
CA ASP H 17 -10.81 17.01 -2.02
C ASP H 17 -11.61 17.92 -1.08
N VAL H 18 -10.93 18.65 -0.21
CA VAL H 18 -11.61 19.39 0.85
C VAL H 18 -11.53 20.90 0.70
N ILE H 19 -12.66 21.55 0.46
CA ILE H 19 -12.69 23.00 0.32
C ILE H 19 -12.27 23.66 1.64
N PRO H 20 -11.30 24.57 1.59
CA PRO H 20 -10.76 25.11 2.85
C PRO H 20 -11.55 26.28 3.38
N THR H 21 -12.83 26.08 3.65
CA THR H 21 -13.64 27.12 4.26
C THR H 21 -13.15 27.39 5.68
N GLN H 22 -13.18 28.66 6.09
CA GLN H 22 -12.81 29.03 7.45
C GLN H 22 -14.01 29.54 8.21
N ARG H 23 -14.45 28.79 9.21
CA ARG H 23 -15.50 29.23 10.13
C ARG H 23 -16.80 29.53 9.39
N ASP H 24 -17.18 28.63 8.48
CA ASP H 24 -18.41 28.74 7.68
C ASP H 24 -18.48 30.02 6.83
N ARG H 25 -17.32 30.62 6.58
CA ARG H 25 -17.22 31.72 5.62
C ARG H 25 -16.75 31.16 4.28
N PRO H 26 -17.21 31.77 3.18
CA PRO H 26 -16.84 31.24 1.85
C PRO H 26 -15.36 31.42 1.56
N VAL H 27 -14.80 30.54 0.73
CA VAL H 27 -13.46 30.76 0.21
C VAL H 27 -13.53 31.88 -0.83
N ALA H 28 -12.80 32.95 -0.61
CA ALA H 28 -12.79 34.07 -1.55
C ALA H 28 -11.80 33.80 -2.68
N VAL H 29 -12.33 33.51 -3.85
CA VAL H 29 -11.50 33.26 -5.02
C VAL H 29 -11.49 34.50 -5.91
N SER H 30 -10.29 34.96 -6.27
CA SER H 30 -10.16 36.07 -7.23
C SER H 30 -9.75 35.51 -8.60
N VAL H 31 -10.39 36.00 -9.65
CA VAL H 31 -10.14 35.53 -11.00
C VAL H 31 -9.95 36.73 -11.92
N SER H 32 -8.92 36.67 -12.74
CA SER H 32 -8.63 37.74 -13.67
C SER H 32 -8.05 37.09 -14.93
N LEU H 33 -8.65 37.39 -16.09
CA LEU H 33 -8.15 36.84 -17.35
C LEU H 33 -7.23 37.82 -18.05
N LYS H 34 -6.01 37.40 -18.36
CA LYS H 34 -5.10 38.22 -19.16
C LYS H 34 -5.11 37.65 -20.56
N PHE H 35 -5.71 38.38 -21.49
CA PHE H 35 -5.85 37.88 -22.84
C PHE H 35 -4.53 37.92 -23.60
N ILE H 36 -4.22 36.84 -24.29
CA ILE H 36 -2.94 36.70 -24.96
C ILE H 36 -3.16 36.64 -26.45
N ASN H 37 -4.24 36.00 -26.86
CA ASN H 37 -4.54 35.86 -28.29
C ASN H 37 -6.00 35.55 -28.59
N ILE H 38 -6.44 35.99 -29.77
CA ILE H 38 -7.74 35.66 -30.32
C ILE H 38 -7.44 35.03 -31.67
N LEU H 39 -7.84 33.79 -31.87
CA LEU H 39 -7.26 32.96 -32.93
C LEU H 39 -8.18 32.64 -34.09
N GLU H 40 -9.46 32.48 -33.83
CA GLU H 40 -10.33 31.95 -34.89
C GLU H 40 -11.76 32.45 -34.69
N VAL H 41 -12.01 33.67 -35.16
CA VAL H 41 -13.30 34.30 -34.96
C VAL H 41 -14.27 33.90 -36.06
N ASN H 42 -15.51 33.62 -35.70
CA ASN H 42 -16.54 33.30 -36.68
C ASN H 42 -17.82 34.07 -36.41
N GLU H 43 -18.07 35.07 -37.26
CA GLU H 43 -19.19 36.01 -37.08
C GLU H 43 -20.53 35.37 -37.48
N ILE H 44 -20.48 34.38 -38.35
CA ILE H 44 -21.68 33.68 -38.74
C ILE H 44 -22.20 32.75 -37.64
N THR H 45 -21.33 31.92 -37.09
CA THR H 45 -21.73 31.01 -35.99
C THR H 45 -21.67 31.64 -34.61
N ASN H 46 -21.05 32.82 -34.50
CA ASN H 46 -20.86 33.46 -33.19
C ASN H 46 -20.03 32.57 -32.23
N GLU H 47 -18.83 32.20 -32.69
CA GLU H 47 -17.93 31.37 -31.92
C GLU H 47 -16.54 32.01 -31.97
N VAL H 48 -15.82 31.94 -30.85
CA VAL H 48 -14.50 32.54 -30.78
C VAL H 48 -13.52 31.59 -30.10
N ASP H 49 -12.27 31.64 -30.54
CA ASP H 49 -11.22 30.76 -30.03
C ASP H 49 -10.21 31.69 -29.38
N VAL H 50 -10.00 31.55 -28.08
CA VAL H 50 -9.23 32.52 -27.29
C VAL H 50 -8.11 31.89 -26.44
N VAL H 51 -6.98 32.60 -26.30
CA VAL H 51 -5.91 32.18 -25.39
C VAL H 51 -5.76 33.23 -24.29
N PHE H 52 -5.81 32.79 -23.04
CA PHE H 52 -5.68 33.70 -21.91
C PHE H 52 -4.98 33.06 -20.71
N TRP H 53 -4.29 33.88 -19.92
CA TRP H 53 -3.77 33.44 -18.63
C TRP H 53 -4.84 33.65 -17.58
N GLN H 54 -5.23 32.58 -16.91
CA GLN H 54 -6.30 32.68 -15.92
C GLN H 54 -5.69 32.81 -14.53
N GLN H 55 -5.46 34.05 -14.12
CA GLN H 55 -4.87 34.31 -12.83
C GLN H 55 -5.88 34.05 -11.73
N THR H 56 -5.61 33.03 -10.92
CA THR H 56 -6.56 32.59 -9.91
C THR H 56 -5.88 32.56 -8.56
N THR H 57 -6.45 33.26 -7.57
CA THR H 57 -5.87 33.27 -6.23
C THR H 57 -6.92 32.97 -5.15
N TRP H 58 -6.47 32.31 -4.09
CA TRP H 58 -7.30 32.04 -2.94
C TRP H 58 -6.40 31.67 -1.76
N SER H 59 -6.99 31.53 -0.58
CA SER H 59 -6.24 31.18 0.60
C SER H 59 -6.62 29.78 1.10
N ASP H 60 -5.61 29.00 1.47
CA ASP H 60 -5.83 27.69 2.10
C ASP H 60 -4.88 27.56 3.29
N ARG H 61 -5.38 27.86 4.48
CA ARG H 61 -4.55 27.86 5.69
C ARG H 61 -3.95 26.50 6.03
N THR H 62 -4.60 25.41 5.63
CA THR H 62 -4.05 24.08 5.89
C THR H 62 -2.69 23.85 5.20
N LEU H 63 -2.31 24.75 4.30
CA LEU H 63 -1.05 24.66 3.57
C LEU H 63 0.07 25.44 4.25
N ALA H 64 -0.30 26.32 5.17
CA ALA H 64 0.64 27.25 5.81
C ALA H 64 1.76 26.57 6.59
N TRP H 65 2.90 27.24 6.64
CA TRP H 65 4.01 26.78 7.47
C TRP H 65 4.76 27.95 8.06
N ASN H 66 5.51 27.69 9.12
CA ASN H 66 6.36 28.70 9.76
C ASN H 66 7.55 28.99 8.86
N SER H 67 7.61 30.19 8.27
CA SER H 67 8.67 30.51 7.32
C SER H 67 9.94 31.05 7.95
N SER H 68 10.08 30.87 9.27
CA SER H 68 11.30 31.28 9.96
C SER H 68 12.43 30.38 9.52
N HIS H 69 13.48 30.98 8.93
CA HIS H 69 14.63 30.23 8.41
C HIS H 69 14.20 29.18 7.39
N SER H 70 13.20 29.52 6.58
CA SER H 70 12.64 28.57 5.62
C SER H 70 12.24 29.30 4.33
N PRO H 71 12.13 28.57 3.22
CA PRO H 71 11.61 29.15 1.98
C PRO H 71 10.25 29.81 2.20
N ASP H 72 10.02 30.92 1.54
CA ASP H 72 8.77 31.65 1.63
C ASP H 72 7.67 31.07 0.72
N GLN H 73 8.08 30.39 -0.35
CA GLN H 73 7.15 29.87 -1.33
C GLN H 73 7.63 28.57 -1.96
N VAL H 74 6.70 27.73 -2.40
CA VAL H 74 7.04 26.55 -3.20
C VAL H 74 6.07 26.40 -4.38
N SER H 75 6.52 25.72 -5.44
CA SER H 75 5.61 25.36 -6.54
C SER H 75 5.10 23.94 -6.32
N VAL H 76 3.79 23.77 -6.47
CA VAL H 76 3.12 22.50 -6.12
C VAL H 76 2.21 22.05 -7.27
N PRO H 77 2.28 20.76 -7.65
CA PRO H 77 1.34 20.28 -8.69
C PRO H 77 -0.10 20.43 -8.18
N ILE H 78 -1.02 20.85 -9.02
CA ILE H 78 -2.37 21.15 -8.53
C ILE H 78 -3.07 19.88 -8.06
N SER H 79 -2.60 18.71 -8.49
CA SER H 79 -3.19 17.46 -8.04
C SER H 79 -2.92 17.23 -6.55
N SER H 80 -1.99 17.99 -5.97
CA SER H 80 -1.71 17.86 -4.55
C SER H 80 -2.36 18.96 -3.72
N LEU H 81 -3.24 19.75 -4.34
CA LEU H 81 -3.88 20.90 -3.68
C LEU H 81 -5.37 20.88 -3.94
N TRP H 82 -6.16 21.48 -3.05
CA TRP H 82 -7.52 21.83 -3.43
C TRP H 82 -7.45 23.00 -4.39
N VAL H 83 -8.27 22.95 -5.43
CA VAL H 83 -8.38 24.00 -6.42
C VAL H 83 -9.89 24.27 -6.62
N PRO H 84 -10.27 25.56 -6.80
CA PRO H 84 -11.71 25.86 -7.00
C PRO H 84 -12.21 25.24 -8.30
N ASP H 85 -13.46 24.78 -8.30
CA ASP H 85 -14.01 24.07 -9.46
C ASP H 85 -14.63 25.06 -10.45
N LEU H 86 -13.80 25.97 -10.95
CA LEU H 86 -14.29 27.01 -11.84
C LEU H 86 -14.62 26.42 -13.19
N ALA H 87 -15.68 26.92 -13.82
CA ALA H 87 -16.02 26.54 -15.18
C ALA H 87 -16.54 27.76 -15.93
N ALA H 88 -16.29 27.81 -17.24
CA ALA H 88 -16.84 28.86 -18.09
C ALA H 88 -18.20 28.39 -18.61
N TYR H 89 -19.27 29.11 -18.26
CA TYR H 89 -20.62 28.72 -18.64
C TYR H 89 -20.84 28.66 -20.14
N ASN H 90 -20.17 29.53 -20.89
CA ASN H 90 -20.40 29.60 -22.33
C ASN H 90 -19.27 28.98 -23.15
N ALA H 91 -18.41 28.21 -22.51
CA ALA H 91 -17.39 27.45 -23.23
C ALA H 91 -18.06 26.35 -24.06
N ILE H 92 -17.55 26.15 -25.27
CA ILE H 92 -18.05 25.06 -26.10
C ILE H 92 -16.99 24.01 -26.41
N SER H 93 -15.85 24.11 -25.73
CA SER H 93 -14.82 23.07 -25.78
C SER H 93 -14.24 23.01 -24.38
N LYS H 94 -13.58 21.90 -24.03
CA LYS H 94 -12.96 21.85 -22.71
C LYS H 94 -11.69 22.69 -22.73
N PRO H 95 -11.30 23.22 -21.57
CA PRO H 95 -10.12 24.09 -21.57
C PRO H 95 -8.87 23.28 -21.93
N GLU H 96 -8.08 23.79 -22.86
CA GLU H 96 -6.80 23.18 -23.17
C GLU H 96 -5.73 23.96 -22.41
N VAL H 97 -5.15 23.31 -21.40
CA VAL H 97 -4.14 23.97 -20.56
C VAL H 97 -2.81 23.81 -21.25
N LEU H 98 -2.17 24.95 -21.55
CA LEU H 98 -0.95 24.94 -22.34
C LEU H 98 0.35 24.93 -21.51
N THR H 99 0.22 25.09 -20.20
CA THR H 99 1.38 25.30 -19.34
C THR H 99 1.48 24.21 -18.25
N PRO H 100 2.66 24.07 -17.61
CA PRO H 100 2.77 23.09 -16.50
C PRO H 100 1.73 23.38 -15.43
N GLN H 101 1.04 22.33 -14.98
CA GLN H 101 -0.05 22.50 -14.02
C GLN H 101 0.45 22.59 -12.58
N LEU H 102 1.14 23.70 -12.29
CA LEU H 102 1.71 23.98 -10.99
C LEU H 102 1.09 25.24 -10.42
N ALA H 103 0.77 25.21 -9.14
CA ALA H 103 0.37 26.39 -8.40
C ALA H 103 1.55 26.88 -7.54
N ARG H 104 1.48 28.13 -7.11
CA ARG H 104 2.51 28.65 -6.22
C ARG H 104 1.87 28.90 -4.86
N VAL H 105 2.45 28.31 -3.81
CA VAL H 105 1.93 28.42 -2.46
C VAL H 105 2.88 29.26 -1.60
N VAL H 106 2.36 30.33 -0.99
CA VAL H 106 3.11 31.13 -0.03
C VAL H 106 2.96 30.55 1.38
N SER H 107 3.95 30.79 2.25
CA SER H 107 3.96 30.19 3.60
C SER H 107 2.74 30.51 4.47
N ASP H 108 2.05 31.60 4.17
CA ASP H 108 0.80 31.94 4.87
C ASP H 108 -0.44 31.24 4.30
N GLY H 109 -0.26 30.46 3.24
CA GLY H 109 -1.36 29.70 2.68
C GLY H 109 -2.02 30.33 1.47
N GLU H 110 -1.50 31.47 1.01
CA GLU H 110 -1.99 32.09 -0.22
C GLU H 110 -1.54 31.31 -1.44
N VAL H 111 -2.48 30.97 -2.32
CA VAL H 111 -2.19 30.19 -3.50
C VAL H 111 -2.40 31.02 -4.77
N LEU H 112 -1.46 30.93 -5.71
CA LEU H 112 -1.67 31.43 -7.07
C LEU H 112 -1.60 30.28 -8.06
N TYR H 113 -2.66 30.12 -8.85
CA TYR H 113 -2.66 29.21 -10.00
C TYR H 113 -2.99 30.03 -11.25
N MET H 114 -2.15 29.94 -12.26
CA MET H 114 -2.28 30.83 -13.39
C MET H 114 -1.93 30.12 -14.70
N PRO H 115 -2.77 29.18 -15.12
CA PRO H 115 -2.50 28.45 -16.37
C PRO H 115 -2.77 29.31 -17.61
N SER H 116 -2.07 29.01 -18.69
CA SER H 116 -2.44 29.56 -19.98
C SER H 116 -3.43 28.59 -20.60
N ILE H 117 -4.58 29.13 -20.99
CA ILE H 117 -5.68 28.28 -21.45
C ILE H 117 -6.11 28.69 -22.87
N ARG H 118 -6.27 27.69 -23.75
CA ARG H 118 -6.95 27.93 -25.00
C ARG H 118 -8.32 27.28 -24.94
N GLN H 119 -9.35 28.03 -25.29
CA GLN H 119 -10.71 27.55 -25.17
C GLN H 119 -11.62 28.23 -26.19
N ARG H 120 -12.66 27.53 -26.59
CA ARG H 120 -13.61 28.08 -27.56
C ARG H 120 -14.91 28.44 -26.84
N PHE H 121 -15.46 29.61 -27.17
CA PHE H 121 -16.66 30.15 -26.54
C PHE H 121 -17.78 30.48 -27.53
N SER H 122 -19.00 30.37 -27.03
CA SER H 122 -20.16 30.93 -27.71
C SER H 122 -20.43 32.30 -27.13
N CYS H 123 -20.36 33.33 -27.98
CA CYS H 123 -20.58 34.70 -27.55
C CYS H 123 -20.86 35.65 -28.73
N ASP H 124 -21.13 36.92 -28.44
CA ASP H 124 -21.57 37.85 -29.46
C ASP H 124 -20.39 38.35 -30.27
N VAL H 125 -20.28 37.86 -31.50
CA VAL H 125 -19.17 38.24 -32.37
C VAL H 125 -19.56 39.41 -33.31
N SER H 126 -20.84 39.79 -33.32
CA SER H 126 -21.31 40.82 -34.23
C SER H 126 -20.57 42.15 -34.01
N GLY H 127 -20.15 42.76 -35.11
CA GLY H 127 -19.48 44.05 -35.02
C GLY H 127 -17.97 43.94 -34.98
N VAL H 128 -17.44 42.73 -35.18
CA VAL H 128 -16.01 42.51 -35.03
C VAL H 128 -15.21 43.29 -36.07
N ASP H 129 -15.79 43.45 -37.25
CA ASP H 129 -15.10 44.11 -38.35
C ASP H 129 -15.56 45.56 -38.48
N THR H 130 -15.90 46.17 -37.36
CA THR H 130 -16.28 47.58 -37.33
C THR H 130 -15.44 48.32 -36.30
N GLU H 131 -15.57 49.65 -36.28
CA GLU H 131 -14.76 50.47 -35.39
C GLU H 131 -15.10 50.22 -33.93
N SER H 132 -16.38 49.98 -33.66
CA SER H 132 -16.83 49.74 -32.29
C SER H 132 -16.37 48.36 -31.80
N GLY H 133 -16.16 47.45 -32.75
CA GLY H 133 -15.74 46.10 -32.41
C GLY H 133 -16.85 45.24 -31.81
N ALA H 134 -16.53 43.97 -31.58
CA ALA H 134 -17.45 43.03 -30.94
C ALA H 134 -17.21 43.04 -29.43
N THR H 135 -18.22 42.67 -28.65
CA THR H 135 -18.05 42.46 -27.22
C THR H 135 -18.44 41.02 -26.84
N CYS H 136 -17.42 40.21 -26.56
CA CYS H 136 -17.61 38.82 -26.20
C CYS H 136 -17.57 38.67 -24.69
N ARG H 137 -18.64 38.17 -24.12
CA ARG H 137 -18.78 38.07 -22.67
C ARG H 137 -18.48 36.64 -22.21
N ILE H 138 -17.50 36.49 -21.33
CA ILE H 138 -17.13 35.17 -20.80
C ILE H 138 -17.54 35.06 -19.33
N LYS H 139 -18.36 34.07 -19.03
CA LYS H 139 -18.89 33.93 -17.68
C LYS H 139 -18.23 32.76 -16.94
N ILE H 140 -17.57 33.04 -15.82
CA ILE H 140 -16.83 32.02 -15.07
C ILE H 140 -17.24 31.99 -13.59
N GLY H 141 -17.53 30.79 -13.09
CA GLY H 141 -17.84 30.62 -11.67
C GLY H 141 -17.75 29.18 -11.20
N SER H 142 -17.95 28.97 -9.91
CA SER H 142 -17.88 27.62 -9.34
C SER H 142 -19.04 26.81 -9.88
N TRP H 143 -18.76 25.57 -10.27
CA TRP H 143 -19.80 24.72 -10.83
C TRP H 143 -20.67 24.10 -9.74
N THR H 144 -20.09 23.75 -8.59
CA THR H 144 -20.84 23.01 -7.57
C THR H 144 -20.92 23.66 -6.19
N HIS H 145 -20.19 24.76 -5.98
CA HIS H 145 -20.16 25.42 -4.68
C HIS H 145 -20.93 26.74 -4.70
N HIS H 146 -21.96 26.84 -3.85
CA HIS H 146 -22.78 28.05 -3.78
C HIS H 146 -22.08 29.18 -3.04
N SER H 147 -22.76 30.33 -2.97
CA SER H 147 -22.16 31.57 -2.50
C SER H 147 -21.65 31.56 -1.05
N ARG H 148 -22.15 30.63 -0.24
CA ARG H 148 -21.65 30.51 1.13
C ARG H 148 -20.42 29.62 1.24
N GLU H 149 -20.04 28.98 0.14
CA GLU H 149 -18.84 28.15 0.12
C GLU H 149 -17.74 28.77 -0.74
N ILE H 150 -18.10 29.27 -1.91
CA ILE H 150 -17.15 29.99 -2.76
C ILE H 150 -17.71 31.33 -3.21
N SER H 151 -16.96 32.39 -2.97
CA SER H 151 -17.26 33.66 -3.59
C SER H 151 -16.22 33.92 -4.68
N VAL H 152 -16.64 34.57 -5.76
CA VAL H 152 -15.72 34.88 -6.84
C VAL H 152 -15.73 36.37 -7.14
N ASP H 153 -14.55 36.97 -7.24
CA ASP H 153 -14.42 38.41 -7.49
C ASP H 153 -13.34 38.70 -8.51
N PRO H 154 -13.52 39.77 -9.28
CA PRO H 154 -12.41 40.24 -10.12
C PRO H 154 -11.33 40.88 -9.24
N THR H 155 -10.08 40.86 -9.68
CA THR H 155 -8.97 41.38 -8.86
C THR H 155 -9.02 42.90 -8.75
N ASP H 160 -3.72 46.47 -16.75
CA ASP H 160 -3.70 46.81 -18.17
C ASP H 160 -4.34 45.71 -19.03
N ASP H 161 -4.84 46.12 -20.20
CA ASP H 161 -5.67 45.25 -21.04
C ASP H 161 -4.89 44.49 -22.11
N SER H 162 -4.44 45.23 -23.12
CA SER H 162 -3.62 44.64 -24.17
C SER H 162 -2.23 44.27 -23.64
N GLU H 163 -2.05 44.22 -22.32
CA GLU H 163 -0.68 44.20 -21.81
C GLU H 163 0.16 43.03 -22.35
N TYR H 164 -0.41 41.83 -22.34
CA TYR H 164 0.32 40.68 -22.82
C TYR H 164 -0.27 40.15 -24.12
N PHE H 165 -1.18 40.93 -24.72
CA PHE H 165 -1.81 40.51 -25.96
C PHE H 165 -0.81 40.49 -27.12
N SER H 166 -0.81 39.40 -27.87
CA SER H 166 0.12 39.24 -28.98
C SER H 166 -0.06 40.32 -30.05
N GLN H 167 1.04 40.96 -30.44
CA GLN H 167 1.02 41.93 -31.51
C GLN H 167 0.77 41.27 -32.86
N TYR H 168 0.88 39.94 -32.92
CA TYR H 168 0.75 39.23 -34.20
C TYR H 168 -0.65 38.71 -34.48
N SER H 169 -1.56 38.89 -33.52
CA SER H 169 -2.95 38.53 -33.72
C SER H 169 -3.56 39.36 -34.86
N ARG H 170 -4.56 38.81 -35.53
CA ARG H 170 -5.33 39.55 -36.53
C ARG H 170 -6.26 40.53 -35.85
N PHE H 171 -6.39 40.41 -34.53
CA PHE H 171 -7.34 41.21 -33.79
C PHE H 171 -6.62 42.13 -32.82
N GLU H 172 -7.35 43.09 -32.27
CA GLU H 172 -6.81 43.98 -31.25
C GLU H 172 -7.87 44.20 -30.19
N ILE H 173 -7.43 44.43 -28.96
CA ILE H 173 -8.34 44.61 -27.85
C ILE H 173 -8.59 46.10 -27.62
N LEU H 174 -9.87 46.47 -27.58
CA LEU H 174 -10.25 47.85 -27.33
C LEU H 174 -10.44 48.08 -25.83
N ASP H 175 -11.03 47.11 -25.14
CA ASP H 175 -11.31 47.24 -23.71
C ASP H 175 -11.63 45.89 -23.09
N VAL H 176 -11.31 45.74 -21.81
CA VAL H 176 -11.73 44.57 -21.02
C VAL H 176 -12.35 45.06 -19.71
N THR H 177 -13.58 44.65 -19.43
CA THR H 177 -14.24 45.02 -18.19
C THR H 177 -14.77 43.77 -17.48
N GLN H 178 -14.87 43.84 -16.15
CA GLN H 178 -15.41 42.73 -15.37
C GLN H 178 -16.66 43.15 -14.62
N LYS H 179 -17.46 42.16 -14.25
CA LYS H 179 -18.67 42.38 -13.50
C LYS H 179 -18.96 41.13 -12.68
N LYS H 180 -19.28 41.29 -11.40
CA LYS H 180 -19.60 40.17 -10.53
C LYS H 180 -21.11 39.95 -10.50
N ASN H 181 -21.54 38.69 -10.54
CA ASN H 181 -22.95 38.34 -10.46
C ASN H 181 -23.23 37.24 -9.46
N SER H 182 -24.48 37.13 -9.06
CA SER H 182 -24.92 36.11 -8.12
C SER H 182 -26.25 35.60 -8.64
N VAL H 183 -26.32 34.32 -8.97
CA VAL H 183 -27.44 33.78 -9.73
C VAL H 183 -28.01 32.53 -9.08
N THR H 184 -29.33 32.44 -9.06
CA THR H 184 -30.02 31.21 -8.68
C THR H 184 -30.51 30.48 -9.94
N TYR H 185 -30.20 29.18 -10.02
CA TYR H 185 -30.58 28.37 -11.18
C TYR H 185 -31.73 27.45 -10.80
N SER H 186 -32.53 27.05 -11.79
CA SER H 186 -33.73 26.25 -11.55
C SER H 186 -33.42 24.93 -10.84
N CYS H 187 -32.21 24.43 -11.05
CA CYS H 187 -31.81 23.15 -10.52
C CYS H 187 -31.72 23.14 -8.99
N CYS H 188 -31.29 24.27 -8.42
CA CYS H 188 -30.83 24.29 -7.02
C CYS H 188 -31.30 25.55 -6.30
N PRO H 189 -31.57 25.44 -4.99
CA PRO H 189 -32.15 26.55 -4.22
C PRO H 189 -31.18 27.70 -3.89
N GLU H 190 -29.89 27.44 -3.94
CA GLU H 190 -28.92 28.45 -3.55
C GLU H 190 -28.39 29.33 -4.68
N ALA H 191 -27.65 30.37 -4.31
CA ALA H 191 -27.06 31.28 -5.27
C ALA H 191 -25.62 30.90 -5.62
N TYR H 192 -25.26 31.08 -6.87
CA TYR H 192 -23.91 30.77 -7.35
C TYR H 192 -23.30 32.02 -7.97
N GLU H 193 -22.10 32.36 -7.53
CA GLU H 193 -21.45 33.56 -8.00
C GLU H 193 -20.67 33.31 -9.29
N ASP H 194 -20.55 34.34 -10.12
CA ASP H 194 -19.72 34.28 -11.30
C ASP H 194 -19.07 35.63 -11.56
N VAL H 195 -18.01 35.62 -12.36
CA VAL H 195 -17.47 36.87 -12.89
C VAL H 195 -17.73 36.85 -14.39
N GLU H 196 -18.29 37.93 -14.91
CA GLU H 196 -18.46 38.07 -16.36
C GLU H 196 -17.40 39.01 -16.89
N VAL H 197 -16.58 38.49 -17.79
CA VAL H 197 -15.50 39.28 -18.37
C VAL H 197 -15.93 39.66 -19.77
N SER H 198 -15.99 40.97 -20.02
CA SER H 198 -16.39 41.47 -21.34
C SER H 198 -15.18 41.88 -22.13
N LEU H 199 -14.95 41.18 -23.24
CA LEU H 199 -13.82 41.44 -24.10
C LEU H 199 -14.25 42.22 -25.35
N ASN H 200 -13.86 43.47 -25.42
CA ASN H 200 -14.22 44.32 -26.53
C ASN H 200 -13.04 44.32 -27.50
N PHE H 201 -13.24 43.75 -28.69
CA PHE H 201 -12.14 43.57 -29.63
C PHE H 201 -12.60 43.78 -31.06
N ARG H 202 -11.64 43.95 -31.97
CA ARG H 202 -11.99 44.09 -33.39
C ARG H 202 -10.87 43.63 -34.31
N LYS H 203 -11.20 43.35 -35.55
CA LYS H 203 -10.19 43.02 -36.55
C LYS H 203 -9.38 44.27 -36.84
N LYS H 204 -8.07 44.11 -36.97
CA LYS H 204 -7.20 45.25 -37.29
C LYS H 204 -7.46 45.79 -38.68
N LEU I 1 -18.87 16.21 13.04
CA LEU I 1 -18.36 15.97 11.71
C LEU I 1 -18.16 17.29 10.98
N ASP I 2 -16.97 17.47 10.40
CA ASP I 2 -16.77 18.57 9.44
C ASP I 2 -16.57 17.98 8.05
N ARG I 3 -16.38 18.85 7.06
CA ARG I 3 -16.28 18.42 5.68
C ARG I 3 -15.16 17.41 5.47
N ALA I 4 -14.03 17.63 6.13
CA ALA I 4 -12.89 16.74 6.00
C ALA I 4 -13.23 15.30 6.44
N ASP I 5 -13.97 15.19 7.54
CA ASP I 5 -14.39 13.88 8.05
C ASP I 5 -15.38 13.19 7.09
N ILE I 6 -16.40 13.93 6.67
CA ILE I 6 -17.39 13.42 5.72
C ILE I 6 -16.75 12.93 4.43
N LEU I 7 -15.85 13.72 3.86
CA LEU I 7 -15.20 13.34 2.61
C LEU I 7 -14.23 12.17 2.78
N TYR I 8 -13.52 12.15 3.91
CA TYR I 8 -12.69 11.00 4.29
C TYR I 8 -13.55 9.73 4.38
N ASN I 9 -14.65 9.83 5.13
CA ASN I 9 -15.54 8.68 5.27
C ASN I 9 -16.09 8.16 3.94
N ILE I 10 -16.49 9.08 3.07
CA ILE I 10 -17.03 8.72 1.77
C ILE I 10 -15.97 8.03 0.92
N ARG I 11 -14.78 8.60 0.91
CA ARG I 11 -13.67 8.03 0.16
C ARG I 11 -13.33 6.61 0.63
N GLN I 12 -13.41 6.37 1.94
CA GLN I 12 -13.10 5.05 2.50
C GLN I 12 -14.19 3.99 2.32
N THR I 13 -15.44 4.39 2.13
CA THR I 13 -16.53 3.42 2.21
C THR I 13 -17.59 3.43 1.09
N SER I 14 -17.52 4.34 0.12
CA SER I 14 -18.68 4.56 -0.75
C SER I 14 -19.00 3.40 -1.72
N ARG I 15 -17.98 2.65 -2.14
CA ARG I 15 -18.13 1.51 -3.06
C ARG I 15 -18.71 1.92 -4.42
N PRO I 16 -17.90 2.58 -5.25
CA PRO I 16 -18.37 3.14 -6.53
C PRO I 16 -18.79 2.07 -7.54
N ASP I 17 -18.41 0.82 -7.28
CA ASP I 17 -18.71 -0.28 -8.19
C ASP I 17 -20.06 -0.93 -7.84
N VAL I 18 -20.68 -0.50 -6.75
CA VAL I 18 -21.86 -1.17 -6.22
C VAL I 18 -23.13 -0.35 -6.36
N ILE I 19 -24.04 -0.80 -7.20
CA ILE I 19 -25.32 -0.12 -7.36
C ILE I 19 -26.08 -0.14 -6.01
N PRO I 20 -26.55 1.04 -5.54
CA PRO I 20 -27.16 1.10 -4.21
C PRO I 20 -28.64 0.77 -4.20
N THR I 21 -29.00 -0.43 -4.66
CA THR I 21 -30.39 -0.87 -4.61
C THR I 21 -30.81 -1.05 -3.15
N GLN I 22 -32.06 -0.69 -2.86
CA GLN I 22 -32.62 -0.87 -1.52
C GLN I 22 -33.71 -1.91 -1.55
N ARG I 23 -33.45 -3.05 -0.92
CA ARG I 23 -34.48 -4.08 -0.71
C ARG I 23 -35.02 -4.60 -2.04
N ASP I 24 -34.12 -4.87 -2.97
CA ASP I 24 -34.47 -5.37 -4.31
C ASP I 24 -35.44 -4.46 -5.10
N ARG I 25 -35.48 -3.18 -4.72
CA ARG I 25 -36.17 -2.18 -5.51
C ARG I 25 -35.14 -1.45 -6.37
N PRO I 26 -35.56 -1.02 -7.57
CA PRO I 26 -34.62 -0.34 -8.46
C PRO I 26 -34.15 1.00 -7.88
N VAL I 27 -32.96 1.42 -8.27
CA VAL I 27 -32.52 2.79 -8.02
C VAL I 27 -33.26 3.71 -8.98
N ALA I 28 -34.03 4.65 -8.44
CA ALA I 28 -34.80 5.59 -9.26
C ALA I 28 -33.91 6.76 -9.67
N VAL I 29 -33.54 6.78 -10.94
CA VAL I 29 -32.72 7.85 -11.49
C VAL I 29 -33.59 8.82 -12.26
N SER I 30 -33.48 10.11 -11.95
CA SER I 30 -34.14 11.16 -12.71
C SER I 30 -33.13 11.83 -13.61
N VAL I 31 -33.53 12.07 -14.86
CA VAL I 31 -32.67 12.70 -15.86
C VAL I 31 -33.43 13.80 -16.59
N SER I 32 -32.77 14.94 -16.77
CA SER I 32 -33.38 16.08 -17.41
C SER I 32 -32.27 16.81 -18.15
N LEU I 33 -32.46 17.07 -19.44
CA LEU I 33 -31.47 17.78 -20.21
C LEU I 33 -31.84 19.26 -20.33
N LYS I 34 -30.94 20.15 -19.94
CA LYS I 34 -31.14 21.58 -20.15
C LYS I 34 -30.25 21.97 -21.31
N PHE I 35 -30.87 22.24 -22.46
CA PHE I 35 -30.09 22.57 -23.66
C PHE I 35 -29.48 23.96 -23.58
N ILE I 36 -28.20 24.02 -23.92
CA ILE I 36 -27.44 25.25 -23.83
C ILE I 36 -27.08 25.77 -25.21
N ASN I 37 -26.80 24.86 -26.13
CA ASN I 37 -26.43 25.25 -27.48
C ASN I 37 -26.64 24.16 -28.53
N ILE I 38 -26.88 24.60 -29.76
CA ILE I 38 -26.91 23.70 -30.91
C ILE I 38 -25.87 24.27 -31.86
N LEU I 39 -24.83 23.50 -32.14
CA LEU I 39 -23.61 24.07 -32.73
C LEU I 39 -23.43 23.79 -34.22
N GLU I 40 -24.02 22.72 -34.68
CA GLU I 40 -23.86 22.32 -36.07
C GLU I 40 -24.97 21.33 -36.31
N VAL I 41 -25.49 21.40 -37.52
CA VAL I 41 -26.66 20.67 -37.91
C VAL I 41 -26.40 20.35 -39.37
N ASN I 42 -26.79 19.17 -39.80
CA ASN I 42 -26.55 18.76 -41.17
C ASN I 42 -27.77 17.97 -41.57
N GLU I 43 -28.58 18.56 -42.46
CA GLU I 43 -29.85 17.95 -42.81
C GLU I 43 -29.64 16.82 -43.80
N ILE I 44 -28.47 16.78 -44.43
CA ILE I 44 -28.18 15.70 -45.36
C ILE I 44 -27.90 14.41 -44.60
N THR I 45 -27.00 14.50 -43.61
CA THR I 45 -26.55 13.34 -42.87
C THR I 45 -27.39 13.09 -41.61
N ASN I 46 -28.32 13.99 -41.31
CA ASN I 46 -29.11 13.87 -40.09
C ASN I 46 -28.22 13.76 -38.85
N GLU I 47 -27.25 14.68 -38.71
CA GLU I 47 -26.40 14.71 -37.53
C GLU I 47 -26.48 16.08 -36.90
N VAL I 48 -26.40 16.11 -35.57
CA VAL I 48 -26.47 17.35 -34.82
C VAL I 48 -25.41 17.33 -33.71
N ASP I 49 -24.88 18.51 -33.42
CA ASP I 49 -23.86 18.69 -32.40
C ASP I 49 -24.48 19.61 -31.34
N VAL I 50 -24.62 19.10 -30.11
CA VAL I 50 -25.40 19.75 -29.07
C VAL I 50 -24.63 19.91 -27.75
N VAL I 51 -24.86 21.01 -27.04
CA VAL I 51 -24.37 21.19 -25.69
C VAL I 51 -25.55 21.24 -24.73
N PHE I 52 -25.51 20.45 -23.66
CA PHE I 52 -26.58 20.41 -22.66
C PHE I 52 -26.05 20.11 -21.26
N TRP I 53 -26.76 20.61 -20.25
CA TRP I 53 -26.49 20.20 -18.87
C TRP I 53 -27.35 18.97 -18.60
N GLN I 54 -26.71 17.88 -18.23
CA GLN I 54 -27.45 16.66 -17.91
C GLN I 54 -27.71 16.53 -16.42
N GLN I 55 -28.84 17.08 -15.98
CA GLN I 55 -29.19 17.03 -14.57
C GLN I 55 -29.60 15.62 -14.21
N THR I 56 -28.81 14.99 -13.34
CA THR I 56 -29.01 13.59 -12.96
C THR I 56 -29.08 13.47 -11.43
N THR I 57 -30.15 12.88 -10.92
CA THR I 57 -30.31 12.72 -9.48
C THR I 57 -30.71 11.28 -9.13
N TRP I 58 -30.26 10.83 -7.97
CA TRP I 58 -30.62 9.53 -7.44
C TRP I 58 -30.24 9.51 -5.96
N SER I 59 -30.64 8.45 -5.28
CA SER I 59 -30.37 8.32 -3.87
C SER I 59 -29.38 7.17 -3.61
N ASP I 60 -28.41 7.40 -2.74
CA ASP I 60 -27.48 6.37 -2.28
C ASP I 60 -27.31 6.47 -0.77
N ARG I 61 -28.09 5.67 -0.04
CA ARG I 61 -28.10 5.73 1.43
C ARG I 61 -26.73 5.45 2.08
N THR I 62 -25.90 4.64 1.42
CA THR I 62 -24.58 4.33 1.98
C THR I 62 -23.70 5.58 2.13
N LEU I 63 -24.13 6.70 1.52
CA LEU I 63 -23.40 7.95 1.61
C LEU I 63 -23.87 8.83 2.77
N ALA I 64 -25.03 8.49 3.33
CA ALA I 64 -25.69 9.34 4.32
C ALA I 64 -24.87 9.54 5.59
N TRP I 65 -25.04 10.69 6.23
CA TRP I 65 -24.44 10.96 7.55
C TRP I 65 -25.40 11.78 8.41
N ASN I 66 -25.14 11.75 9.71
CA ASN I 66 -25.92 12.52 10.67
C ASN I 66 -25.50 13.99 10.55
N SER I 67 -26.42 14.83 10.07
CA SER I 67 -26.07 16.22 9.80
C SER I 67 -26.26 17.15 11.00
N SER I 68 -26.38 16.56 12.19
CA SER I 68 -26.46 17.33 13.41
C SER I 68 -25.11 18.00 13.67
N HIS I 69 -25.11 19.32 13.72
CA HIS I 69 -23.88 20.08 13.92
C HIS I 69 -22.83 19.81 12.85
N SER I 70 -23.29 19.57 11.63
CA SER I 70 -22.41 19.18 10.54
C SER I 70 -22.88 19.80 9.23
N PRO I 71 -21.99 19.92 8.25
CA PRO I 71 -22.39 20.37 6.92
C PRO I 71 -23.53 19.52 6.36
N ASP I 72 -24.42 20.15 5.64
CA ASP I 72 -25.58 19.49 5.05
C ASP I 72 -25.23 18.82 3.70
N GLN I 73 -24.17 19.30 3.05
CA GLN I 73 -23.80 18.83 1.70
C GLN I 73 -22.29 18.92 1.46
N VAL I 74 -21.78 18.04 0.61
CA VAL I 74 -20.40 18.14 0.14
C VAL I 74 -20.33 17.89 -1.37
N SER I 75 -19.27 18.41 -2.00
CA SER I 75 -18.98 18.08 -3.39
C SER I 75 -17.98 16.94 -3.44
N VAL I 76 -18.26 15.93 -4.25
CA VAL I 76 -17.45 14.72 -4.30
C VAL I 76 -17.08 14.38 -5.73
N PRO I 77 -15.80 14.02 -6.00
CA PRO I 77 -15.45 13.58 -7.35
C PRO I 77 -16.24 12.33 -7.70
N ILE I 78 -16.75 12.23 -8.92
CA ILE I 78 -17.61 11.07 -9.25
C ILE I 78 -16.86 9.74 -9.22
N SER I 79 -15.53 9.79 -9.28
CA SER I 79 -14.74 8.58 -9.16
C SER I 79 -14.83 7.96 -7.77
N SER I 80 -15.31 8.73 -6.80
CA SER I 80 -15.47 8.24 -5.44
C SER I 80 -16.89 7.80 -5.12
N LEU I 81 -17.77 7.77 -6.13
CA LEU I 81 -19.20 7.48 -5.95
C LEU I 81 -19.67 6.49 -6.98
N TRP I 82 -20.73 5.75 -6.66
CA TRP I 82 -21.43 5.04 -7.71
C TRP I 82 -22.23 6.04 -8.52
N VAL I 83 -22.18 5.90 -9.83
CA VAL I 83 -22.92 6.75 -10.76
C VAL I 83 -23.66 5.82 -11.71
N PRO I 84 -24.91 6.17 -12.07
CA PRO I 84 -25.62 5.32 -13.04
C PRO I 84 -24.90 5.26 -14.39
N ASP I 85 -24.96 4.11 -15.04
CA ASP I 85 -24.26 3.91 -16.31
C ASP I 85 -25.15 4.33 -17.49
N LEU I 86 -25.54 5.60 -17.52
CA LEU I 86 -26.39 6.13 -18.57
C LEU I 86 -25.64 6.26 -19.89
N ALA I 87 -26.32 5.95 -20.98
CA ALA I 87 -25.76 6.17 -22.31
C ALA I 87 -26.85 6.69 -23.26
N ALA I 88 -26.44 7.50 -24.23
CA ALA I 88 -27.38 7.93 -25.26
C ALA I 88 -27.29 6.94 -26.43
N TYR I 89 -28.40 6.29 -26.71
CA TYR I 89 -28.43 5.25 -27.73
C TYR I 89 -28.09 5.76 -29.12
N ASN I 90 -28.45 7.01 -29.43
CA ASN I 90 -28.21 7.54 -30.77
C ASN I 90 -27.03 8.51 -30.85
N ALA I 91 -26.21 8.53 -29.80
CA ALA I 91 -24.95 9.29 -29.84
C ALA I 91 -24.02 8.68 -30.87
N ILE I 92 -23.29 9.53 -31.57
CA ILE I 92 -22.30 9.06 -32.54
C ILE I 92 -20.90 9.59 -32.23
N SER I 93 -20.76 10.15 -31.04
CA SER I 93 -19.45 10.51 -30.50
C SER I 93 -19.53 10.26 -29.00
N LYS I 94 -18.39 10.11 -28.33
CA LYS I 94 -18.45 9.95 -26.89
C LYS I 94 -18.75 11.29 -26.23
N PRO I 95 -19.37 11.27 -25.05
CA PRO I 95 -19.69 12.56 -24.45
C PRO I 95 -18.44 13.32 -24.06
N GLU I 96 -18.36 14.60 -24.44
CA GLU I 96 -17.26 15.45 -24.02
C GLU I 96 -17.75 16.25 -22.80
N VAL I 97 -17.26 15.92 -21.62
CA VAL I 97 -17.67 16.61 -20.39
C VAL I 97 -16.89 17.89 -20.22
N LEU I 98 -17.60 19.02 -20.18
CA LEU I 98 -16.94 20.33 -20.24
C LEU I 98 -16.67 20.93 -18.86
N THR I 99 -17.23 20.31 -17.82
CA THR I 99 -17.18 20.86 -16.47
C THR I 99 -16.47 19.93 -15.45
N PRO I 100 -16.07 20.47 -14.28
CA PRO I 100 -15.45 19.59 -13.28
C PRO I 100 -16.34 18.40 -12.92
N GLN I 101 -15.75 17.21 -12.87
CA GLN I 101 -16.53 16.01 -12.67
C GLN I 101 -16.83 15.75 -11.19
N LEU I 102 -17.64 16.62 -10.62
CA LEU I 102 -18.01 16.59 -9.22
C LEU I 102 -19.52 16.43 -9.08
N ALA I 103 -19.94 15.59 -8.14
CA ALA I 103 -21.35 15.46 -7.81
C ALA I 103 -21.56 16.13 -6.45
N ARG I 104 -22.80 16.48 -6.15
CA ARG I 104 -23.14 17.05 -4.86
C ARG I 104 -23.93 16.00 -4.06
N VAL I 105 -23.46 15.72 -2.85
CA VAL I 105 -24.12 14.73 -2.00
C VAL I 105 -24.73 15.42 -0.79
N VAL I 106 -26.03 15.21 -0.58
CA VAL I 106 -26.73 15.72 0.60
C VAL I 106 -26.64 14.68 1.73
N SER I 107 -26.72 15.13 2.98
CA SER I 107 -26.52 14.25 4.15
C SER I 107 -27.47 13.06 4.23
N ASP I 108 -28.64 13.15 3.58
CA ASP I 108 -29.57 12.03 3.50
C ASP I 108 -29.25 11.03 2.37
N GLY I 109 -28.20 11.31 1.60
CA GLY I 109 -27.79 10.40 0.55
C GLY I 109 -28.28 10.75 -0.85
N GLU I 110 -28.99 11.86 -0.97
CA GLU I 110 -29.42 12.33 -2.30
C GLU I 110 -28.21 12.88 -3.06
N VAL I 111 -28.06 12.45 -4.30
CA VAL I 111 -26.93 12.88 -5.13
C VAL I 111 -27.42 13.67 -6.33
N LEU I 112 -26.72 14.76 -6.65
CA LEU I 112 -26.92 15.47 -7.90
C LEU I 112 -25.60 15.47 -8.65
N TYR I 113 -25.63 15.00 -9.89
CA TYR I 113 -24.51 15.14 -10.81
C TYR I 113 -25.03 15.82 -12.08
N MET I 114 -24.43 16.93 -12.46
CA MET I 114 -24.97 17.74 -13.53
C MET I 114 -23.87 18.29 -14.44
N PRO I 115 -23.25 17.41 -15.24
CA PRO I 115 -22.18 17.87 -16.14
C PRO I 115 -22.72 18.64 -17.34
N SER I 116 -21.91 19.54 -17.87
CA SER I 116 -22.18 20.12 -19.16
C SER I 116 -21.51 19.24 -20.19
N ILE I 117 -22.30 18.74 -21.13
CA ILE I 117 -21.82 17.78 -22.10
C ILE I 117 -21.97 18.32 -23.54
N ARG I 118 -20.91 18.16 -24.34
CA ARG I 118 -21.04 18.31 -25.79
C ARG I 118 -20.98 16.94 -26.47
N GLN I 119 -21.94 16.67 -27.32
CA GLN I 119 -22.05 15.35 -27.93
C GLN I 119 -22.73 15.44 -29.28
N ARG I 120 -22.39 14.52 -30.17
CA ARG I 120 -22.98 14.49 -31.50
C ARG I 120 -24.00 13.34 -31.58
N PHE I 121 -25.12 13.60 -32.24
CA PHE I 121 -26.22 12.63 -32.32
C PHE I 121 -26.72 12.41 -33.75
N SER I 122 -27.19 11.19 -33.99
CA SER I 122 -27.90 10.86 -35.21
C SER I 122 -29.40 11.00 -34.92
N CYS I 123 -30.06 11.90 -35.61
CA CYS I 123 -31.49 12.12 -35.38
C CYS I 123 -32.11 12.90 -36.54
N ASP I 124 -33.43 13.06 -36.50
CA ASP I 124 -34.16 13.67 -37.62
C ASP I 124 -33.95 15.18 -37.69
N VAL I 125 -33.16 15.62 -38.66
CA VAL I 125 -32.86 17.04 -38.82
C VAL I 125 -33.81 17.71 -39.85
N SER I 126 -34.60 16.90 -40.55
CA SER I 126 -35.47 17.43 -41.59
C SER I 126 -36.42 18.51 -41.05
N GLY I 127 -36.52 19.61 -41.78
CA GLY I 127 -37.44 20.68 -41.41
C GLY I 127 -36.81 21.74 -40.55
N VAL I 128 -35.49 21.66 -40.38
CA VAL I 128 -34.80 22.58 -39.48
C VAL I 128 -34.93 24.04 -39.93
N ASP I 129 -34.99 24.25 -41.24
CA ASP I 129 -35.05 25.59 -41.81
C ASP I 129 -36.48 25.95 -42.22
N THR I 130 -37.46 25.43 -41.49
CA THR I 130 -38.86 25.75 -41.72
C THR I 130 -39.48 26.25 -40.42
N GLU I 131 -40.70 26.77 -40.51
CA GLU I 131 -41.38 27.32 -39.35
C GLU I 131 -41.66 26.25 -38.30
N SER I 132 -42.01 25.06 -38.74
CA SER I 132 -42.30 23.95 -37.82
C SER I 132 -41.03 23.44 -37.14
N GLY I 133 -39.89 23.63 -37.79
CA GLY I 133 -38.61 23.22 -37.24
C GLY I 133 -38.39 21.71 -37.31
N ALA I 134 -37.22 21.28 -36.88
CA ALA I 134 -36.88 19.86 -36.81
C ALA I 134 -37.18 19.31 -35.39
N THR I 135 -37.40 18.02 -35.29
CA THR I 135 -37.53 17.40 -33.98
C THR I 135 -36.51 16.29 -33.84
N CYS I 136 -35.50 16.55 -33.03
CA CYS I 136 -34.42 15.60 -32.77
C CYS I 136 -34.70 14.88 -31.46
N ARG I 137 -34.77 13.56 -31.54
CA ARG I 137 -35.09 12.74 -30.40
C ARG I 137 -33.81 12.12 -29.80
N ILE I 138 -33.53 12.42 -28.54
CA ILE I 138 -32.36 11.84 -27.85
C ILE I 138 -32.80 10.80 -26.82
N LYS I 139 -32.31 9.58 -26.97
CA LYS I 139 -32.72 8.47 -26.12
C LYS I 139 -31.64 8.07 -25.11
N ILE I 140 -31.93 8.20 -23.82
CA ILE I 140 -30.94 7.96 -22.76
C ILE I 140 -31.41 6.93 -21.73
N GLY I 141 -30.56 5.96 -21.42
CA GLY I 141 -30.91 4.96 -20.43
C GLY I 141 -29.72 4.19 -19.92
N SER I 142 -29.94 3.33 -18.93
CA SER I 142 -28.87 2.50 -18.39
C SER I 142 -28.43 1.49 -19.43
N TRP I 143 -27.11 1.35 -19.59
CA TRP I 143 -26.60 0.43 -20.59
C TRP I 143 -26.67 -1.02 -20.15
N THR I 144 -26.42 -1.27 -18.87
CA THR I 144 -26.29 -2.65 -18.38
C THR I 144 -27.23 -3.05 -17.26
N HIS I 145 -28.02 -2.10 -16.74
CA HIS I 145 -28.95 -2.41 -15.64
C HIS I 145 -30.40 -2.39 -16.11
N HIS I 146 -31.09 -3.52 -15.97
CA HIS I 146 -32.49 -3.63 -16.37
C HIS I 146 -33.44 -2.95 -15.37
N SER I 147 -34.74 -3.02 -15.66
CA SER I 147 -35.75 -2.21 -14.99
C SER I 147 -35.93 -2.52 -13.50
N ARG I 148 -35.47 -3.68 -13.06
CA ARG I 148 -35.55 -3.99 -11.64
C ARG I 148 -34.33 -3.49 -10.87
N GLU I 149 -33.35 -2.93 -11.58
CA GLU I 149 -32.16 -2.42 -10.94
C GLU I 149 -32.05 -0.91 -11.08
N ILE I 150 -32.37 -0.42 -12.28
CA ILE I 150 -32.44 1.02 -12.50
C ILE I 150 -33.74 1.38 -13.20
N SER I 151 -34.45 2.36 -12.65
CA SER I 151 -35.53 2.98 -13.39
C SER I 151 -35.11 4.41 -13.73
N VAL I 152 -35.56 4.88 -14.88
CA VAL I 152 -35.22 6.22 -15.28
C VAL I 152 -36.49 7.02 -15.57
N ASP I 153 -36.54 8.24 -15.04
CA ASP I 153 -37.71 9.11 -15.23
C ASP I 153 -37.32 10.55 -15.52
N PRO I 154 -38.13 11.26 -16.32
CA PRO I 154 -37.92 12.71 -16.44
C PRO I 154 -38.33 13.38 -15.13
N THR I 155 -37.71 14.51 -14.81
CA THR I 155 -38.00 15.22 -13.56
C THR I 155 -39.40 15.82 -13.54
N SER I 162 -35.43 26.03 -22.79
CA SER I 162 -34.87 27.18 -23.51
C SER I 162 -34.39 28.24 -22.54
N GLU I 163 -34.58 27.95 -21.26
CA GLU I 163 -34.19 28.87 -20.20
C GLU I 163 -32.71 29.23 -20.19
N TYR I 164 -31.84 28.26 -20.44
CA TYR I 164 -30.40 28.51 -20.41
C TYR I 164 -29.78 28.46 -21.81
N PHE I 165 -30.65 28.40 -22.81
CA PHE I 165 -30.18 28.30 -24.19
C PHE I 165 -29.51 29.59 -24.64
N SER I 166 -28.36 29.46 -25.28
CA SER I 166 -27.59 30.62 -25.71
C SER I 166 -28.35 31.47 -26.73
N GLN I 167 -28.38 32.78 -26.49
CA GLN I 167 -29.00 33.70 -27.42
C GLN I 167 -28.16 33.85 -28.68
N TYR I 168 -26.93 33.36 -28.66
CA TYR I 168 -26.01 33.55 -29.78
C TYR I 168 -25.93 32.36 -30.72
N SER I 169 -26.69 31.31 -30.42
CA SER I 169 -26.79 30.18 -31.33
C SER I 169 -27.49 30.63 -32.62
N ARG I 170 -27.20 29.95 -33.73
CA ARG I 170 -27.91 30.19 -34.99
CA ARG I 170 -27.91 30.20 -34.99
C ARG I 170 -29.31 29.59 -34.93
N PHE I 171 -29.56 28.77 -33.90
CA PHE I 171 -30.82 28.06 -33.79
C PHE I 171 -31.63 28.57 -32.62
N GLU I 172 -32.90 28.19 -32.57
CA GLU I 172 -33.73 28.52 -31.43
C GLU I 172 -34.60 27.31 -31.09
N ILE I 173 -34.96 27.20 -29.82
CA ILE I 173 -35.75 26.06 -29.34
C ILE I 173 -37.23 26.41 -29.32
N LEU I 174 -38.04 25.57 -29.96
CA LEU I 174 -39.47 25.78 -30.03
C LEU I 174 -40.14 25.05 -28.87
N ASP I 175 -39.66 23.85 -28.57
CA ASP I 175 -40.25 23.02 -27.53
C ASP I 175 -39.32 21.87 -27.14
N VAL I 176 -39.38 21.46 -25.88
CA VAL I 176 -38.72 20.25 -25.42
C VAL I 176 -39.70 19.39 -24.64
N THR I 177 -39.88 18.15 -25.07
CA THR I 177 -40.77 17.23 -24.36
C THR I 177 -40.03 15.93 -24.00
N GLN I 178 -40.50 15.26 -22.96
CA GLN I 178 -39.92 13.98 -22.54
C GLN I 178 -40.94 12.85 -22.55
N LYS I 179 -40.44 11.64 -22.63
CA LYS I 179 -41.28 10.45 -22.66
C LYS I 179 -40.46 9.30 -22.11
N LYS I 180 -41.07 8.53 -21.23
CA LYS I 180 -40.41 7.37 -20.64
C LYS I 180 -40.79 6.13 -21.43
N ASN I 181 -39.82 5.24 -21.65
CA ASN I 181 -40.07 3.97 -22.33
C ASN I 181 -39.41 2.81 -21.61
N SER I 182 -39.89 1.60 -21.92
CA SER I 182 -39.33 0.39 -21.34
C SER I 182 -39.23 -0.60 -22.50
N VAL I 183 -38.02 -1.04 -22.82
CA VAL I 183 -37.78 -1.80 -24.03
C VAL I 183 -37.03 -3.10 -23.74
N THR I 184 -37.42 -4.17 -24.45
CA THR I 184 -36.68 -5.43 -24.42
C THR I 184 -35.90 -5.54 -25.72
N TYR I 185 -34.60 -5.82 -25.60
CA TYR I 185 -33.73 -5.97 -26.77
C TYR I 185 -33.45 -7.45 -27.05
N SER I 186 -33.11 -7.77 -28.28
CA SER I 186 -32.88 -9.14 -28.70
C SER I 186 -31.78 -9.84 -27.91
N CYS I 187 -30.81 -9.08 -27.43
CA CYS I 187 -29.66 -9.64 -26.71
CA CYS I 187 -29.67 -9.64 -26.72
C CYS I 187 -30.04 -10.24 -25.36
N CYS I 188 -31.00 -9.64 -24.69
CA CYS I 188 -31.24 -9.95 -23.27
C CYS I 188 -32.73 -10.08 -22.95
N PRO I 189 -33.07 -10.95 -21.99
CA PRO I 189 -34.47 -11.26 -21.68
C PRO I 189 -35.23 -10.18 -20.91
N GLU I 190 -34.53 -9.28 -20.22
CA GLU I 190 -35.30 -8.31 -19.44
CA GLU I 190 -35.15 -8.26 -19.37
C GLU I 190 -35.46 -6.96 -20.12
N ALA I 191 -36.21 -6.08 -19.46
CA ALA I 191 -36.56 -4.77 -20.01
C ALA I 191 -35.60 -3.69 -19.51
N TYR I 192 -35.32 -2.71 -20.37
CA TYR I 192 -34.43 -1.61 -20.05
C TYR I 192 -35.15 -0.28 -20.27
N GLU I 193 -35.16 0.56 -19.26
CA GLU I 193 -35.88 1.81 -19.35
C GLU I 193 -35.02 2.89 -19.99
N ASP I 194 -35.68 3.84 -20.64
CA ASP I 194 -35.00 5.01 -21.19
C ASP I 194 -35.91 6.23 -21.08
N VAL I 195 -35.31 7.40 -21.21
CA VAL I 195 -36.08 8.62 -21.39
C VAL I 195 -35.76 9.12 -22.80
N GLU I 196 -36.81 9.42 -23.56
CA GLU I 196 -36.62 10.02 -24.87
C GLU I 196 -36.92 11.49 -24.75
N VAL I 197 -35.93 12.31 -25.08
CA VAL I 197 -36.07 13.75 -25.02
C VAL I 197 -36.21 14.29 -26.45
N SER I 198 -37.32 14.95 -26.73
CA SER I 198 -37.58 15.47 -28.07
C SER I 198 -37.28 16.97 -28.12
N LEU I 199 -36.27 17.31 -28.90
CA LEU I 199 -35.89 18.70 -29.03
C LEU I 199 -36.42 19.28 -30.35
N ASN I 200 -37.41 20.15 -30.25
CA ASN I 200 -38.00 20.82 -31.41
C ASN I 200 -37.31 22.16 -31.61
N PHE I 201 -36.58 22.30 -32.71
CA PHE I 201 -35.76 23.49 -32.89
C PHE I 201 -35.73 23.91 -34.35
N ARG I 202 -35.28 25.13 -34.61
CA ARG I 202 -35.19 25.62 -35.99
C ARG I 202 -34.11 26.70 -36.15
N LYS I 203 -33.69 26.91 -37.39
CA LYS I 203 -32.76 27.99 -37.70
C LYS I 203 -33.49 29.33 -37.54
N LYS I 204 -32.83 30.31 -36.94
CA LYS I 204 -33.46 31.62 -36.76
C LYS I 204 -33.67 32.31 -38.12
N LEU J 1 -24.79 -14.08 0.18
CA LEU J 1 -24.08 -13.13 -0.66
C LEU J 1 -25.01 -12.07 -1.21
N ASP J 2 -24.64 -10.80 -1.03
CA ASP J 2 -25.30 -9.74 -1.76
C ASP J 2 -24.35 -9.15 -2.83
N ARG J 3 -24.83 -8.16 -3.57
CA ARG J 3 -24.06 -7.58 -4.68
C ARG J 3 -22.71 -7.03 -4.23
N ALA J 4 -22.68 -6.42 -3.05
CA ALA J 4 -21.44 -5.85 -2.52
C ALA J 4 -20.38 -6.94 -2.28
N ASP J 5 -20.81 -8.08 -1.74
CA ASP J 5 -19.89 -9.20 -1.51
C ASP J 5 -19.37 -9.77 -2.83
N ILE J 6 -20.29 -10.04 -3.74
CA ILE J 6 -19.94 -10.58 -5.06
C ILE J 6 -18.91 -9.69 -5.77
N LEU J 7 -19.17 -8.38 -5.79
CA LEU J 7 -18.30 -7.44 -6.50
C LEU J 7 -16.98 -7.27 -5.78
N TYR J 8 -17.01 -7.28 -4.46
CA TYR J 8 -15.78 -7.31 -3.66
C TYR J 8 -14.95 -8.55 -3.99
N ASN J 9 -15.58 -9.72 -4.01
CA ASN J 9 -14.87 -10.96 -4.33
C ASN J 9 -14.27 -10.97 -5.73
N ILE J 10 -15.03 -10.49 -6.70
CA ILE J 10 -14.53 -10.40 -8.08
C ILE J 10 -13.35 -9.46 -8.18
N ARG J 11 -13.45 -8.30 -7.55
CA ARG J 11 -12.37 -7.32 -7.57
C ARG J 11 -11.09 -7.88 -6.95
N GLN J 12 -11.21 -8.68 -5.89
CA GLN J 12 -10.05 -9.26 -5.21
C GLN J 12 -9.42 -10.46 -5.93
N THR J 13 -10.18 -11.17 -6.76
CA THR J 13 -9.70 -12.45 -7.27
C THR J 13 -9.81 -12.75 -8.77
N SER J 14 -10.36 -11.84 -9.57
CA SER J 14 -10.72 -12.21 -10.94
C SER J 14 -9.53 -12.49 -11.89
N ARG J 15 -8.38 -11.86 -11.63
CA ARG J 15 -7.19 -11.98 -12.48
C ARG J 15 -7.44 -11.57 -13.94
N PRO J 16 -7.58 -10.27 -14.19
CA PRO J 16 -7.87 -9.78 -15.54
C PRO J 16 -6.76 -10.08 -16.56
N ASP J 17 -5.58 -10.42 -16.09
CA ASP J 17 -4.46 -10.68 -16.99
C ASP J 17 -4.42 -12.14 -17.46
N VAL J 18 -5.27 -12.98 -16.86
CA VAL J 18 -5.20 -14.43 -17.05
C VAL J 18 -6.33 -15.01 -17.87
N ILE J 19 -6.01 -15.52 -19.06
CA ILE J 19 -7.03 -16.10 -19.92
C ILE J 19 -7.63 -17.34 -19.25
N PRO J 20 -8.97 -17.40 -19.12
CA PRO J 20 -9.56 -18.49 -18.31
C PRO J 20 -9.74 -19.77 -19.11
N THR J 21 -8.66 -20.33 -19.64
CA THR J 21 -8.75 -21.59 -20.37
C THR J 21 -9.11 -22.69 -19.38
N GLN J 22 -9.92 -23.65 -19.82
CA GLN J 22 -10.28 -24.80 -18.99
C GLN J 22 -9.71 -26.07 -19.57
N ARG J 23 -8.74 -26.66 -18.86
CA ARG J 23 -8.20 -27.97 -19.22
C ARG J 23 -7.58 -27.96 -20.62
N ASP J 24 -6.79 -26.93 -20.91
CA ASP J 24 -6.12 -26.78 -22.20
C ASP J 24 -7.08 -26.74 -23.41
N ARG J 25 -8.34 -26.41 -23.15
CA ARG J 25 -9.28 -26.16 -24.23
C ARG J 25 -9.38 -24.64 -24.42
N PRO J 26 -9.61 -24.20 -25.67
CA PRO J 26 -9.69 -22.75 -25.94
C PRO J 26 -10.90 -22.10 -25.27
N VAL J 27 -10.78 -20.82 -24.93
CA VAL J 27 -11.94 -20.05 -24.50
C VAL J 27 -12.78 -19.78 -25.74
N ALA J 28 -14.03 -20.23 -25.72
CA ALA J 28 -14.93 -20.03 -26.84
C ALA J 28 -15.58 -18.66 -26.74
N VAL J 29 -15.18 -17.77 -27.62
CA VAL J 29 -15.73 -16.42 -27.67
C VAL J 29 -16.72 -16.30 -28.82
N SER J 30 -17.92 -15.81 -28.53
CA SER J 30 -18.91 -15.52 -29.57
C SER J 30 -18.96 -14.03 -29.80
N VAL J 31 -19.01 -13.63 -31.07
CA VAL J 31 -19.01 -12.22 -31.44
C VAL J 31 -20.08 -12.01 -32.50
N SER J 32 -20.86 -10.95 -32.33
CA SER J 32 -21.94 -10.63 -33.25
C SER J 32 -22.07 -9.11 -33.32
N LEU J 33 -21.96 -8.54 -34.52
CA LEU J 33 -22.11 -7.09 -34.64
C LEU J 33 -23.54 -6.72 -34.95
N LYS J 34 -24.13 -5.82 -34.16
CA LYS J 34 -25.44 -5.26 -34.48
C LYS J 34 -25.20 -3.86 -35.01
N PHE J 35 -25.42 -3.67 -36.32
CA PHE J 35 -25.13 -2.37 -36.92
C PHE J 35 -26.19 -1.33 -36.55
N ILE J 36 -25.72 -0.16 -36.15
CA ILE J 36 -26.60 0.89 -35.69
C ILE J 36 -26.59 2.06 -36.69
N ASN J 37 -25.43 2.32 -37.28
CA ASN J 37 -25.34 3.43 -38.22
C ASN J 37 -24.16 3.31 -39.17
N ILE J 38 -24.32 3.89 -40.36
CA ILE J 38 -23.22 4.06 -41.30
C ILE J 38 -23.15 5.57 -41.56
N LEU J 39 -22.00 6.17 -41.24
CA LEU J 39 -21.94 7.62 -41.10
C LEU J 39 -21.25 8.40 -42.22
N GLU J 40 -20.24 7.82 -42.86
CA GLU J 40 -19.45 8.64 -43.80
C GLU J 40 -18.64 7.82 -44.79
N VAL J 41 -19.35 7.19 -45.72
CA VAL J 41 -18.76 6.35 -46.75
C VAL J 41 -17.92 7.12 -47.77
N ASN J 42 -16.81 6.54 -48.23
CA ASN J 42 -15.99 7.15 -49.28
C ASN J 42 -15.61 6.11 -50.33
N GLU J 43 -16.18 6.23 -51.52
CA GLU J 43 -16.02 5.20 -52.55
C GLU J 43 -14.68 5.31 -53.25
N ILE J 44 -14.07 6.48 -53.16
CA ILE J 44 -12.79 6.69 -53.82
C ILE J 44 -11.65 6.15 -52.97
N THR J 45 -11.75 6.31 -51.65
CA THR J 45 -10.69 5.82 -50.77
C THR J 45 -11.00 4.44 -50.20
N ASN J 46 -12.24 4.00 -50.38
CA ASN J 46 -12.70 2.72 -49.85
C ASN J 46 -12.59 2.68 -48.32
N GLU J 47 -13.14 3.70 -47.67
CA GLU J 47 -13.17 3.78 -46.22
C GLU J 47 -14.61 4.05 -45.81
N VAL J 48 -14.97 3.50 -44.66
CA VAL J 48 -16.31 3.61 -44.14
C VAL J 48 -16.22 3.89 -42.63
N ASP J 49 -17.20 4.64 -42.13
CA ASP J 49 -17.26 5.01 -40.73
C ASP J 49 -18.56 4.38 -40.23
N VAL J 50 -18.45 3.47 -39.27
CA VAL J 50 -19.59 2.65 -38.82
C VAL J 50 -19.81 2.67 -37.31
N VAL J 51 -21.08 2.62 -36.88
CA VAL J 51 -21.41 2.43 -35.47
C VAL J 51 -22.11 1.09 -35.28
N PHE J 52 -21.62 0.28 -34.34
CA PHE J 52 -22.20 -1.03 -34.09
C PHE J 52 -22.11 -1.45 -32.63
N TRP J 53 -23.07 -2.24 -32.18
CA TRP J 53 -22.97 -2.88 -30.87
C TRP J 53 -22.19 -4.19 -31.03
N GLN J 54 -21.11 -4.35 -30.30
CA GLN J 54 -20.31 -5.56 -30.43
C GLN J 54 -20.65 -6.56 -29.33
N GLN J 55 -21.65 -7.40 -29.59
CA GLN J 55 -22.08 -8.37 -28.61
C GLN J 55 -21.03 -9.44 -28.50
N THR J 56 -20.43 -9.54 -27.31
CA THR J 56 -19.33 -10.46 -27.09
C THR J 56 -19.65 -11.29 -25.84
N THR J 57 -19.59 -12.61 -25.97
CA THR J 57 -19.85 -13.50 -24.83
C THR J 57 -18.79 -14.58 -24.70
N TRP J 58 -18.49 -14.95 -23.46
CA TRP J 58 -17.56 -16.03 -23.17
C TRP J 58 -17.80 -16.48 -21.74
N SER J 59 -17.15 -17.56 -21.36
CA SER J 59 -17.28 -18.10 -20.01
C SER J 59 -15.97 -17.98 -19.24
N ASP J 60 -16.07 -17.54 -17.98
CA ASP J 60 -14.92 -17.46 -17.07
C ASP J 60 -15.37 -18.02 -15.71
N ARG J 61 -15.07 -19.29 -15.46
CA ARG J 61 -15.49 -19.97 -14.25
C ARG J 61 -14.93 -19.35 -12.97
N THR J 62 -13.77 -18.72 -13.05
CA THR J 62 -13.17 -18.12 -11.86
C THR J 62 -14.03 -16.99 -11.29
N LEU J 63 -15.04 -16.57 -12.04
CA LEU J 63 -15.95 -15.51 -11.62
C LEU J 63 -17.18 -16.06 -10.90
N ALA J 64 -17.42 -17.36 -11.08
CA ALA J 64 -18.67 -17.98 -10.63
C ALA J 64 -18.91 -17.88 -9.12
N TRP J 65 -20.18 -17.85 -8.73
CA TRP J 65 -20.53 -17.93 -7.32
C TRP J 65 -21.80 -18.74 -7.12
N ASN J 66 -22.00 -19.21 -5.89
CA ASN J 66 -23.22 -19.90 -5.52
C ASN J 66 -24.38 -18.89 -5.45
N SER J 67 -25.33 -18.99 -6.38
CA SER J 67 -26.41 -18.02 -6.45
C SER J 67 -27.61 -18.37 -5.56
N SER J 68 -27.41 -19.29 -4.63
CA SER J 68 -28.45 -19.62 -3.67
C SER J 68 -28.69 -18.44 -2.73
N HIS J 69 -29.91 -17.90 -2.75
CA HIS J 69 -30.27 -16.73 -1.95
C HIS J 69 -29.36 -15.54 -2.26
N SER J 70 -28.98 -15.40 -3.53
CA SER J 70 -28.05 -14.35 -3.95
C SER J 70 -28.46 -13.82 -5.31
N PRO J 71 -28.02 -12.59 -5.65
CA PRO J 71 -28.23 -12.06 -7.00
C PRO J 71 -27.68 -13.02 -8.04
N ASP J 72 -28.34 -13.14 -9.18
CA ASP J 72 -27.87 -14.07 -10.18
C ASP J 72 -26.90 -13.37 -11.18
N GLN J 73 -26.88 -12.04 -11.19
CA GLN J 73 -26.02 -11.28 -12.10
C GLN J 73 -25.50 -9.97 -11.48
N VAL J 74 -24.33 -9.53 -11.91
CA VAL J 74 -23.82 -8.21 -11.54
C VAL J 74 -23.16 -7.54 -12.75
N SER J 75 -23.14 -6.21 -12.75
CA SER J 75 -22.39 -5.45 -13.74
C SER J 75 -21.01 -5.11 -13.18
N VAL J 76 -19.97 -5.31 -13.97
CA VAL J 76 -18.60 -5.21 -13.53
C VAL J 76 -17.79 -4.39 -14.54
N PRO J 77 -16.98 -3.44 -14.05
CA PRO J 77 -16.11 -2.72 -14.98
C PRO J 77 -15.15 -3.70 -15.67
N ILE J 78 -14.92 -3.55 -16.98
CA ILE J 78 -14.10 -4.52 -17.69
C ILE J 78 -12.63 -4.53 -17.21
N SER J 79 -12.21 -3.47 -16.55
CA SER J 79 -10.86 -3.42 -15.98
C SER J 79 -10.73 -4.43 -14.82
N SER J 80 -11.84 -4.93 -14.32
CA SER J 80 -11.79 -5.91 -13.23
C SER J 80 -11.96 -7.35 -13.71
N LEU J 81 -12.01 -7.58 -15.02
CA LEU J 81 -12.07 -8.97 -15.48
C LEU J 81 -11.22 -9.17 -16.71
N TRP J 82 -11.02 -10.44 -17.05
CA TRP J 82 -10.35 -10.77 -18.28
C TRP J 82 -11.33 -10.53 -19.42
N VAL J 83 -10.83 -9.93 -20.50
CA VAL J 83 -11.63 -9.68 -21.69
C VAL J 83 -10.78 -10.17 -22.86
N PRO J 84 -11.41 -10.84 -23.84
CA PRO J 84 -10.63 -11.29 -25.01
C PRO J 84 -10.01 -10.11 -25.74
N ASP J 85 -8.80 -10.28 -26.28
CA ASP J 85 -8.09 -9.20 -26.97
C ASP J 85 -8.47 -9.13 -28.45
N LEU J 86 -9.76 -8.90 -28.72
CA LEU J 86 -10.25 -8.83 -30.11
C LEU J 86 -9.81 -7.55 -30.80
N ALA J 87 -9.47 -7.64 -32.08
CA ALA J 87 -9.14 -6.49 -32.89
C ALA J 87 -9.74 -6.66 -34.27
N ALA J 88 -10.09 -5.55 -34.91
CA ALA J 88 -10.53 -5.59 -36.29
C ALA J 88 -9.33 -5.40 -37.20
N TYR J 89 -9.04 -6.40 -38.03
CA TYR J 89 -7.84 -6.38 -38.89
C TYR J 89 -7.82 -5.22 -39.88
N ASN J 90 -8.99 -4.80 -40.35
CA ASN J 90 -9.04 -3.75 -41.36
C ASN J 90 -9.51 -2.41 -40.81
N ALA J 91 -9.47 -2.26 -39.49
CA ALA J 91 -9.75 -0.96 -38.88
C ALA J 91 -8.64 0.01 -39.22
N ILE J 92 -8.99 1.27 -39.43
CA ILE J 92 -7.97 2.29 -39.70
C ILE J 92 -8.07 3.43 -38.70
N SER J 93 -8.86 3.21 -37.64
CA SER J 93 -8.86 4.10 -36.48
C SER J 93 -9.04 3.22 -35.26
N LYS J 94 -8.70 3.72 -34.08
CA LYS J 94 -8.92 2.90 -32.89
C LYS J 94 -10.38 2.94 -32.53
N PRO J 95 -10.89 1.87 -31.91
CA PRO J 95 -12.32 1.86 -31.61
C PRO J 95 -12.68 2.96 -30.61
N GLU J 96 -13.72 3.72 -30.92
CA GLU J 96 -14.21 4.73 -30.00
C GLU J 96 -15.42 4.10 -29.31
N VAL J 97 -15.25 3.75 -28.03
CA VAL J 97 -16.31 3.13 -27.25
C VAL J 97 -17.25 4.20 -26.73
N LEU J 98 -18.53 4.11 -27.10
CA LEU J 98 -19.49 5.17 -26.83
C LEU J 98 -20.30 4.96 -25.56
N THR J 99 -20.15 3.79 -24.94
CA THR J 99 -20.98 3.39 -23.82
C THR J 99 -20.16 3.09 -22.57
N PRO J 100 -20.81 3.04 -21.37
CA PRO J 100 -20.08 2.66 -20.15
C PRO J 100 -19.37 1.32 -20.32
N GLN J 101 -18.10 1.26 -19.92
CA GLN J 101 -17.36 0.02 -20.13
C GLN J 101 -17.59 -1.02 -19.03
N LEU J 102 -18.80 -1.57 -19.03
CA LEU J 102 -19.24 -2.54 -18.03
C LEU J 102 -19.63 -3.82 -18.74
N ALA J 103 -19.22 -4.94 -18.16
CA ALA J 103 -19.67 -6.25 -18.61
C ALA J 103 -20.70 -6.79 -17.62
N ARG J 104 -21.53 -7.70 -18.08
CA ARG J 104 -22.50 -8.35 -17.20
C ARG J 104 -22.07 -9.78 -16.93
N VAL J 105 -21.95 -10.13 -15.65
CA VAL J 105 -21.50 -11.45 -15.24
C VAL J 105 -22.62 -12.24 -14.59
N VAL J 106 -22.89 -13.44 -15.10
CA VAL J 106 -23.88 -14.34 -14.51
C VAL J 106 -23.19 -15.24 -13.47
N SER J 107 -23.95 -15.72 -12.47
CA SER J 107 -23.36 -16.50 -11.37
C SER J 107 -22.61 -17.77 -11.78
N ASP J 108 -22.93 -18.32 -12.94
CA ASP J 108 -22.20 -19.49 -13.47
C ASP J 108 -20.90 -19.11 -14.22
N GLY J 109 -20.60 -17.82 -14.31
CA GLY J 109 -19.38 -17.40 -14.98
C GLY J 109 -19.52 -16.93 -16.41
N GLU J 110 -20.73 -16.97 -16.95
CA GLU J 110 -20.99 -16.44 -18.30
C GLU J 110 -20.89 -14.90 -18.31
N VAL J 111 -20.12 -14.36 -19.25
CA VAL J 111 -19.93 -12.92 -19.33
C VAL J 111 -20.50 -12.36 -20.62
N LEU J 112 -21.21 -11.24 -20.52
CA LEU J 112 -21.60 -10.47 -21.70
C LEU J 112 -20.95 -9.09 -21.68
N TYR J 113 -20.22 -8.74 -22.73
CA TYR J 113 -19.72 -7.38 -22.88
C TYR J 113 -20.22 -6.89 -24.24
N MET J 114 -20.90 -5.76 -24.25
CA MET J 114 -21.54 -5.31 -25.47
C MET J 114 -21.45 -3.80 -25.65
N PRO J 115 -20.24 -3.29 -25.91
CA PRO J 115 -20.07 -1.85 -26.13
C PRO J 115 -20.65 -1.39 -27.48
N SER J 116 -21.06 -0.13 -27.53
CA SER J 116 -21.34 0.53 -28.79
C SER J 116 -20.05 1.17 -29.26
N ILE J 117 -19.64 0.82 -30.46
CA ILE J 117 -18.37 1.25 -30.97
C ILE J 117 -18.53 2.05 -32.26
N ARG J 118 -17.80 3.15 -32.36
CA ARG J 118 -17.65 3.82 -33.64
C ARG J 118 -16.21 3.64 -34.13
N GLN J 119 -16.07 3.16 -35.37
CA GLN J 119 -14.77 2.83 -35.91
C GLN J 119 -14.76 3.02 -37.42
N ARG J 120 -13.58 3.34 -37.95
CA ARG J 120 -13.40 3.51 -39.38
C ARG J 120 -12.67 2.28 -39.97
N PHE J 121 -13.15 1.82 -41.12
CA PHE J 121 -12.62 0.63 -41.77
C PHE J 121 -12.19 0.85 -43.21
N SER J 122 -11.18 0.08 -43.62
CA SER J 122 -10.81 -0.04 -45.01
C SER J 122 -11.52 -1.26 -45.59
N CYS J 123 -12.37 -1.04 -46.59
CA CYS J 123 -13.12 -2.15 -47.19
C CYS J 123 -13.73 -1.72 -48.54
N ASP J 124 -14.36 -2.68 -49.22
CA ASP J 124 -14.87 -2.45 -50.56
C ASP J 124 -16.15 -1.62 -50.54
N VAL J 125 -16.04 -0.36 -50.94
CA VAL J 125 -17.18 0.54 -50.97
C VAL J 125 -17.84 0.60 -52.37
N SER J 126 -17.22 -0.03 -53.36
CA SER J 126 -17.74 0.04 -54.74
C SER J 126 -19.16 -0.50 -54.84
N GLY J 127 -20.01 0.23 -55.56
CA GLY J 127 -21.38 -0.21 -55.76
C GLY J 127 -22.35 0.31 -54.72
N VAL J 128 -21.87 1.18 -53.82
CA VAL J 128 -22.70 1.68 -52.74
C VAL J 128 -23.95 2.42 -53.25
N ASP J 129 -23.81 3.10 -54.39
CA ASP J 129 -24.91 3.89 -54.96
C ASP J 129 -25.63 3.14 -56.07
N THR J 130 -25.67 1.82 -55.99
CA THR J 130 -26.38 1.00 -56.95
C THR J 130 -27.38 0.11 -56.21
N GLU J 131 -28.24 -0.58 -56.96
CA GLU J 131 -29.27 -1.44 -56.36
C GLU J 131 -28.66 -2.61 -55.60
N SER J 132 -27.56 -3.14 -56.13
CA SER J 132 -26.90 -4.28 -55.49
C SER J 132 -26.18 -3.86 -54.22
N GLY J 133 -25.79 -2.59 -54.13
CA GLY J 133 -25.12 -2.05 -52.97
C GLY J 133 -23.66 -2.46 -52.88
N ALA J 134 -22.97 -1.95 -51.87
CA ALA J 134 -21.61 -2.36 -51.58
C ALA J 134 -21.61 -3.51 -50.55
N THR J 135 -20.53 -4.29 -50.54
CA THR J 135 -20.32 -5.27 -49.48
C THR J 135 -18.99 -5.01 -48.77
N CYS J 136 -19.09 -4.50 -47.55
CA CYS J 136 -17.93 -4.18 -46.73
C CYS J 136 -17.72 -5.34 -45.75
N ARG J 137 -16.54 -5.92 -45.80
CA ARG J 137 -16.19 -7.07 -44.97
C ARG J 137 -15.33 -6.61 -43.79
N ILE J 138 -15.79 -6.89 -42.58
CA ILE J 138 -15.07 -6.57 -41.36
C ILE J 138 -14.55 -7.83 -40.69
N LYS J 139 -13.24 -7.88 -40.44
CA LYS J 139 -12.60 -9.08 -39.97
C LYS J 139 -12.15 -8.88 -38.52
N ILE J 140 -12.68 -9.68 -37.60
CA ILE J 140 -12.39 -9.54 -36.16
C ILE J 140 -11.90 -10.85 -35.52
N GLY J 141 -10.81 -10.77 -34.75
CA GLY J 141 -10.25 -11.94 -34.10
C GLY J 141 -9.31 -11.54 -32.99
N SER J 142 -8.86 -12.52 -32.22
CA SER J 142 -7.87 -12.29 -31.18
C SER J 142 -6.55 -11.87 -31.82
N TRP J 143 -5.92 -10.85 -31.23
CA TRP J 143 -4.64 -10.36 -31.73
C TRP J 143 -3.45 -11.24 -31.31
N THR J 144 -3.48 -11.79 -30.10
CA THR J 144 -2.31 -12.51 -29.58
C THR J 144 -2.54 -13.97 -29.16
N HIS J 145 -3.79 -14.43 -29.14
CA HIS J 145 -4.09 -15.80 -28.75
C HIS J 145 -4.47 -16.66 -29.95
N HIS J 146 -3.70 -17.72 -30.18
CA HIS J 146 -3.98 -18.65 -31.28
C HIS J 146 -5.20 -19.55 -31.01
N SER J 147 -5.52 -20.40 -31.98
CA SER J 147 -6.73 -21.20 -31.98
C SER J 147 -6.89 -22.20 -30.83
N ARG J 148 -5.79 -22.55 -30.15
CA ARG J 148 -5.89 -23.45 -28.99
C ARG J 148 -6.12 -22.69 -27.70
N GLU J 149 -6.13 -21.36 -27.77
CA GLU J 149 -6.35 -20.52 -26.59
C GLU J 149 -7.66 -19.76 -26.72
N ILE J 150 -7.90 -19.20 -27.90
CA ILE J 150 -9.18 -18.56 -28.17
C ILE J 150 -9.77 -19.04 -29.48
N SER J 151 -11.02 -19.49 -29.42
CA SER J 151 -11.78 -19.71 -30.64
C SER J 151 -12.85 -18.61 -30.77
N VAL J 152 -13.14 -18.22 -32.00
CA VAL J 152 -14.13 -17.17 -32.19
C VAL J 152 -15.20 -17.66 -33.15
N ASP J 153 -16.46 -17.43 -32.79
CA ASP J 153 -17.60 -17.91 -33.58
C ASP J 153 -18.70 -16.86 -33.64
N PRO J 154 -19.42 -16.80 -34.78
CA PRO J 154 -20.62 -15.98 -34.81
C PRO J 154 -21.71 -16.63 -33.97
N THR J 155 -22.63 -15.84 -33.42
CA THR J 155 -23.66 -16.37 -32.53
C THR J 155 -24.69 -17.22 -33.29
N ASP J 160 -33.29 -10.09 -37.48
CA ASP J 160 -33.36 -8.93 -38.38
C ASP J 160 -32.00 -8.23 -38.33
N ASP J 161 -31.47 -7.88 -39.49
CA ASP J 161 -30.11 -7.33 -39.57
C ASP J 161 -30.13 -5.84 -39.33
N SER J 162 -31.17 -5.20 -39.85
CA SER J 162 -31.39 -3.78 -39.66
C SER J 162 -32.18 -3.57 -38.40
N GLU J 163 -32.19 -4.57 -37.52
CA GLU J 163 -33.10 -4.51 -36.39
C GLU J 163 -32.92 -3.22 -35.59
N TYR J 164 -31.67 -2.83 -35.33
CA TYR J 164 -31.43 -1.64 -34.53
C TYR J 164 -30.81 -0.53 -35.38
N PHE J 165 -30.79 -0.74 -36.70
CA PHE J 165 -30.19 0.24 -37.59
C PHE J 165 -31.01 1.51 -37.64
N SER J 166 -30.34 2.65 -37.54
CA SER J 166 -31.01 3.95 -37.53
C SER J 166 -31.79 4.25 -38.82
N GLN J 167 -33.05 4.64 -38.67
CA GLN J 167 -33.86 5.00 -39.83
C GLN J 167 -33.39 6.33 -40.42
N TYR J 168 -32.55 7.04 -39.68
CA TYR J 168 -32.11 8.37 -40.11
C TYR J 168 -30.76 8.37 -40.82
N SER J 169 -30.16 7.18 -40.96
CA SER J 169 -28.96 7.06 -41.76
C SER J 169 -29.26 7.35 -43.25
N ARG J 170 -28.25 7.80 -43.99
CA ARG J 170 -28.37 7.98 -45.44
C ARG J 170 -28.31 6.63 -46.15
N PHE J 171 -27.97 5.60 -45.39
CA PHE J 171 -27.77 4.29 -45.98
C PHE J 171 -28.78 3.30 -45.45
N GLU J 172 -28.91 2.16 -46.12
CA GLU J 172 -29.77 1.10 -45.61
C GLU J 172 -29.06 -0.23 -45.77
N ILE J 173 -29.37 -1.16 -44.88
CA ILE J 173 -28.73 -2.47 -44.90
C ILE J 173 -29.55 -3.46 -45.72
N LEU J 174 -28.91 -4.10 -46.67
CA LEU J 174 -29.56 -5.12 -47.49
C LEU J 174 -29.41 -6.51 -46.88
N ASP J 175 -28.23 -6.79 -46.33
CA ASP J 175 -27.95 -8.09 -45.75
C ASP J 175 -26.69 -8.05 -44.87
N VAL J 176 -26.66 -8.90 -43.86
CA VAL J 176 -25.47 -9.11 -43.04
C VAL J 176 -25.21 -10.62 -42.92
N THR J 177 -24.06 -11.07 -43.36
CA THR J 177 -23.69 -12.47 -43.19
C THR J 177 -22.36 -12.61 -42.45
N GLN J 178 -22.18 -13.75 -41.77
CA GLN J 178 -20.92 -14.03 -41.07
C GLN J 178 -20.22 -15.27 -41.60
N LYS J 179 -18.92 -15.32 -41.41
CA LYS J 179 -18.13 -16.47 -41.81
C LYS J 179 -16.96 -16.60 -40.83
N LYS J 180 -16.69 -17.82 -40.40
CA LYS J 180 -15.56 -18.08 -39.52
C LYS J 180 -14.36 -18.49 -40.37
N ASN J 181 -13.17 -18.04 -39.98
CA ASN J 181 -11.93 -18.43 -40.64
C ASN J 181 -10.83 -18.76 -39.65
N SER J 182 -9.82 -19.47 -40.11
CA SER J 182 -8.69 -19.84 -39.29
C SER J 182 -7.47 -19.63 -40.16
N VAL J 183 -6.58 -18.73 -39.75
CA VAL J 183 -5.50 -18.27 -40.62
C VAL J 183 -4.13 -18.36 -39.95
N THR J 184 -3.13 -18.79 -40.72
CA THR J 184 -1.74 -18.75 -40.27
C THR J 184 -1.06 -17.56 -40.93
N TYR J 185 -0.38 -16.75 -40.11
CA TYR J 185 0.34 -15.58 -40.60
C TYR J 185 1.83 -15.87 -40.62
N SER J 186 2.56 -15.16 -41.47
CA SER J 186 4.00 -15.38 -41.66
C SER J 186 4.79 -15.18 -40.38
N CYS J 187 4.28 -14.35 -39.49
CA CYS J 187 4.95 -14.02 -38.24
C CYS J 187 5.06 -15.20 -37.27
N CYS J 188 4.04 -16.05 -37.26
CA CYS J 188 3.90 -17.02 -36.18
C CYS J 188 3.45 -18.37 -36.73
N PRO J 189 3.88 -19.47 -36.07
CA PRO J 189 3.60 -20.82 -36.58
C PRO J 189 2.16 -21.30 -36.37
N GLU J 190 1.42 -20.70 -35.45
CA GLU J 190 0.09 -21.18 -35.09
CA GLU J 190 0.09 -21.21 -35.14
C GLU J 190 -1.03 -20.52 -35.91
N ALA J 191 -2.23 -21.08 -35.82
CA ALA J 191 -3.40 -20.53 -36.52
C ALA J 191 -4.20 -19.57 -35.61
N TYR J 192 -4.77 -18.53 -36.21
CA TYR J 192 -5.56 -17.55 -35.48
C TYR J 192 -6.94 -17.46 -36.09
N GLU J 193 -7.97 -17.59 -35.27
CA GLU J 193 -9.33 -17.57 -35.79
C GLU J 193 -9.85 -16.14 -35.91
N ASP J 194 -10.78 -15.95 -36.82
CA ASP J 194 -11.47 -14.68 -36.96
C ASP J 194 -12.91 -14.91 -37.40
N VAL J 195 -13.76 -13.92 -37.19
CA VAL J 195 -15.05 -13.89 -37.81
C VAL J 195 -15.03 -12.76 -38.83
N GLU J 196 -15.47 -13.05 -40.06
CA GLU J 196 -15.63 -12.02 -41.08
C GLU J 196 -17.11 -11.71 -41.22
N VAL J 197 -17.44 -10.46 -40.94
CA VAL J 197 -18.81 -9.97 -41.04
C VAL J 197 -18.94 -9.19 -42.35
N SER J 198 -19.83 -9.64 -43.23
CA SER J 198 -20.08 -8.97 -44.50
C SER J 198 -21.32 -8.10 -44.43
N LEU J 199 -21.11 -6.79 -44.55
CA LEU J 199 -22.20 -5.85 -44.47
C LEU J 199 -22.55 -5.37 -45.88
N ASN J 200 -23.70 -5.81 -46.37
CA ASN J 200 -24.21 -5.41 -47.68
C ASN J 200 -25.16 -4.22 -47.51
N PHE J 201 -24.79 -3.07 -48.04
CA PHE J 201 -25.55 -1.85 -47.79
C PHE J 201 -25.54 -0.95 -49.02
N ARG J 202 -26.44 0.02 -49.05
CA ARG J 202 -26.46 0.98 -50.14
C ARG J 202 -27.05 2.32 -49.71
N LYS J 203 -26.78 3.34 -50.50
CA LYS J 203 -27.40 4.66 -50.30
C LYS J 203 -28.89 4.56 -50.60
N LYS J 204 -29.72 5.18 -49.77
CA LYS J 204 -31.16 5.18 -50.01
C LYS J 204 -31.51 5.97 -51.27
C10 XRS K . 22.59 -23.02 9.10
N13 XRS K . 21.27 -22.83 9.20
C9 XRS K . 20.88 -22.49 7.91
C8 XRS K . 21.98 -22.49 7.10
N12 XRS K . 23.07 -22.84 7.87
O14 XRS K . 23.45 -23.37 10.07
C6 XRS K . 22.87 -23.62 11.35
C5 XRS K . 23.86 -24.39 12.24
C4 XRS K . 25.13 -23.64 12.69
N11 XRS K . 25.89 -23.05 11.53
C3 XRS K . 26.00 -24.55 13.57
C2 XRS K . 26.44 -24.05 10.56
C1 XRS K . 26.91 -22.05 11.93
C7 XRS K . 24.45 -22.96 7.46
S SO4 L . 28.16 16.33 12.76
O1 SO4 L . 29.60 16.13 13.01
O2 SO4 L . 27.42 15.67 13.84
O3 SO4 L . 27.84 17.76 12.74
O4 SO4 L . 27.82 15.75 11.46
C10 XRS M . -5.11 -31.06 12.67
N13 XRS M . -5.24 -29.77 12.93
C9 XRS M . -5.84 -29.24 11.77
C8 XRS M . -6.02 -30.24 10.87
N12 XRS M . -5.55 -31.42 11.45
O14 XRS M . -4.55 -32.00 13.45
C6 XRS M . -4.17 -31.62 14.78
C5 XRS M . -4.04 -32.88 15.67
C4 XRS M . -2.78 -33.76 15.44
N11 XRS M . -2.51 -34.03 13.99
C3 XRS M . -2.86 -35.09 16.23
C2 XRS M . -3.51 -34.89 13.29
C1 XRS M . -1.14 -34.57 13.84
C7 XRS M . -5.58 -32.73 10.86
C1 NAG N . 20.02 -21.41 -17.16
C2 NAG N . 19.33 -22.76 -16.82
C3 NAG N . 19.94 -23.93 -17.61
C4 NAG N . 20.24 -23.54 -19.07
C5 NAG N . 21.09 -22.28 -19.03
C6 NAG N . 21.67 -21.98 -20.42
C7 NAG N . 18.61 -23.63 -14.58
C8 NAG N . 18.94 -23.84 -13.12
N2 NAG N . 19.52 -23.04 -15.39
O3 NAG N . 19.04 -25.04 -17.57
O4 NAG N . 20.95 -24.61 -19.71
O5 NAG N . 20.27 -21.21 -18.56
O6 NAG N . 20.69 -22.21 -21.44
O7 NAG N . 17.56 -24.05 -15.03
C10 XRS O . -18.07 -9.17 26.68
N13 XRS O . -16.97 -8.45 26.40
C9 XRS O . -17.32 -7.68 25.27
C8 XRS O . -18.62 -7.99 24.92
N12 XRS O . -19.09 -8.93 25.83
O14 XRS O . -18.30 -10.05 27.67
C6 XRS O . -17.18 -10.41 28.48
C5 XRS O . -17.72 -11.11 29.73
C4 XRS O . -18.08 -12.61 29.57
N11 XRS O . -19.03 -12.84 28.43
C3 XRS O . -18.57 -13.14 30.93
C2 XRS O . -20.36 -12.17 28.52
C1 XRS O . -19.20 -14.27 28.12
C7 XRS O . -20.40 -9.53 25.91
C10 XRS P . 1.15 11.94 31.72
N13 XRS P . 1.84 11.21 30.86
C9 XRS P . 1.72 11.89 29.65
C8 XRS P . 0.95 13.01 29.83
N12 XRS P . 0.59 13.03 31.17
O14 XRS P . 0.92 11.69 33.01
C6 XRS P . 1.45 10.50 33.58
C5 XRS P . 1.33 10.60 35.11
C4 XRS P . -0.08 10.28 35.65
N11 XRS P . -1.13 11.22 35.13
C3 XRS P . -0.06 10.16 37.20
C2 XRS P . -0.97 12.66 35.41
C1 XRS P . -2.48 10.73 35.51
C7 XRS P . -0.19 14.05 31.83
C10 XRS Q . 26.22 3.32 20.74
N13 XRS Q . 25.44 2.41 20.13
C9 XRS Q . 25.30 2.91 18.82
C8 XRS Q . 26.00 4.09 18.70
N12 XRS Q . 26.58 4.33 19.94
O14 XRS Q . 26.62 3.37 22.02
C6 XRS Q . 26.13 2.33 22.88
C5 XRS Q . 27.01 2.25 24.14
C4 XRS Q . 26.84 3.37 25.19
N11 XRS Q . 26.79 4.72 24.56
C3 XRS Q . 27.98 3.33 26.23
C2 XRS Q . 28.10 5.18 24.04
C1 XRS Q . 26.18 5.75 25.46
C7 XRS Q . 27.42 5.46 20.32
S SO4 R . 30.13 4.24 38.40
O1 SO4 R . 31.34 4.83 38.99
O2 SO4 R . 29.51 3.35 39.39
O3 SO4 R . 29.21 5.30 37.99
O4 SO4 R . 30.50 3.47 37.20
C10 XRS S . 18.35 11.42 -25.68
N13 XRS S . 17.41 11.78 -24.83
C9 XRS S . 17.86 11.37 -23.58
C8 XRS S . 19.08 10.75 -23.74
N12 XRS S . 19.38 10.80 -25.10
O14 XRS S . 18.42 11.57 -27.02
C6 XRS S . 17.34 12.19 -27.69
C5 XRS S . 17.86 12.57 -29.07
C4 XRS S . 18.00 11.43 -30.11
N11 XRS S . 18.81 10.29 -29.61
C3 XRS S . 18.58 11.98 -31.42
C2 XRS S . 20.26 10.61 -29.47
C1 XRS S . 18.63 9.09 -30.47
C7 XRS S . 20.55 10.28 -25.78
C10 XRS T . 2.77 31.67 -12.08
N13 XRS T . 1.87 30.71 -11.93
C9 XRS T . 2.04 30.30 -10.60
C8 XRS T . 3.06 31.02 -10.01
N12 XRS T . 3.51 31.91 -10.98
O14 XRS T . 3.07 32.41 -13.16
C6 XRS T . 2.39 32.12 -14.37
C5 XRS T . 2.55 33.35 -15.27
C4 XRS T . 3.93 33.43 -15.99
N11 XRS T . 5.06 33.45 -15.02
C3 XRS T . 3.94 34.61 -17.00
C2 XRS T . 5.07 34.62 -14.09
C1 XRS T . 6.37 33.32 -15.70
C7 XRS T . 4.57 32.89 -10.88
C1 NAG U . 32.78 4.41 -4.20
C2 NAG U . 33.62 5.28 -3.26
C3 NAG U . 34.96 4.62 -2.90
C4 NAG U . 34.78 3.12 -2.63
C5 NAG U . 33.96 2.48 -3.77
C6 NAG U . 33.92 0.95 -3.72
C7 NAG U . 33.59 7.74 -3.31
C8 NAG U . 34.02 9.03 -3.94
N2 NAG U . 33.93 6.57 -3.90
O3 NAG U . 35.46 5.25 -1.72
O4 NAG U . 36.06 2.51 -2.48
O5 NAG U . 32.65 3.05 -3.75
O6 NAG U . 32.81 0.46 -2.95
O7 NAG U . 32.98 7.73 -2.25
C10 XRS V . -24.12 21.33 -9.80
N13 XRS V . -23.60 20.17 -10.20
C9 XRS V . -23.39 19.46 -9.02
C8 XRS V . -23.79 20.22 -7.96
N12 XRS V . -24.27 21.43 -8.48
O14 XRS V . -24.53 22.36 -10.57
C6 XRS V . -24.24 22.30 -11.95
C5 XRS V . -25.04 23.42 -12.62
C4 XRS V . -24.45 24.85 -12.50
N11 XRS V . -24.17 25.24 -11.08
C3 XRS V . -25.39 25.83 -13.23
C2 XRS V . -25.34 25.37 -10.18
C1 XRS V . -23.30 26.43 -10.99
C7 XRS V . -24.81 22.54 -7.73
C10 XRS W . -25.54 -5.02 -21.88
N13 XRS W . -24.21 -5.01 -21.83
C9 XRS W . -23.89 -5.80 -20.74
C8 XRS W . -25.04 -6.26 -20.17
N12 XRS W . -26.09 -5.74 -20.92
O14 XRS W . -26.39 -4.45 -22.75
C6 XRS W . -25.85 -3.72 -23.84
C5 XRS W . -26.97 -3.47 -24.86
C4 XRS W . -28.01 -2.40 -24.48
N11 XRS W . -28.76 -2.69 -23.21
C3 XRS W . -28.96 -2.11 -25.66
C2 XRS W . -29.57 -3.94 -23.20
C1 XRS W . -29.54 -1.53 -22.77
C7 XRS W . -27.50 -5.93 -20.73
C10 XRS X . 0.71 -10.78 -31.92
N13 XRS X . 1.09 -9.73 -31.18
C9 XRS X . 1.77 -10.28 -30.10
C8 XRS X . 1.78 -11.64 -30.22
N12 XRS X . 1.10 -11.96 -31.40
O14 XRS X . 0.03 -10.78 -33.08
C6 XRS X . 0.03 -9.56 -33.82
C5 XRS X . -0.28 -9.87 -35.30
C4 XRS X . -1.70 -10.38 -35.64
N11 XRS X . -2.05 -11.64 -34.92
C3 XRS X . -1.89 -10.54 -37.17
C2 XRS X . -1.21 -12.83 -35.21
C1 XRS X . -3.49 -11.95 -34.98
C7 XRS X . 0.86 -13.31 -31.92
#